data_3IV8
#
_entry.id   3IV8
#
_cell.length_a   83.181
_cell.length_b   123.047
_cell.length_c   156.286
_cell.angle_alpha   90.000
_cell.angle_beta   90.000
_cell.angle_gamma   90.000
#
_symmetry.space_group_name_H-M   'P 21 21 21'
#
loop_
_entity.id
_entity.type
_entity.pdbx_description
1 polymer 'N-acetylglucosamine-6-phosphate deacetylase'
2 non-polymer 6-O-phosphono-beta-D-fructofuranose
3 non-polymer 'NICKEL (II) ION'
4 non-polymer 'SULFATE ION'
5 water water
#
_entity_poly.entity_id   1
_entity_poly.type   'polypeptide(L)'
_entity_poly.pdbx_seq_one_letter_code
;SNAMYALTNCKIYTGNDVLVKHAVIINGDKIEAVCPIESLPSEMNVVDLNGANLSPGFIDLQLNGCGGVMFNDEITAETI
DTMHKANLKSGCTSFLPTLITSSDENMRQAIAAAREYQAKYPNQSLGLHLEGPYLNVMKKGIHSVDFIRPSDDTMIDTIC
ANSDVIAKVTLAPENNKPEHIEKLVKAGIVVSIGHTNATYSEARKSFESGITFATHLFNAMTPMVGREPGVVGAIYDTPE
VYAGIIADGFHVDYANIRIAHKIKGEKLVLVTDATAPAGAEMDYFIFVGKKVYYRDGKCVDENGTLGGSALTMIEAVQNT
VEHVGIALDEALRMATLYPAKAIGVDEKLGRIKKGMIANLTVFDRDFNVKATVVNGQYEQN
;
_entity_poly.pdbx_strand_id   A,B,C,D
#
# COMPACT_ATOMS: atom_id res chain seq x y z
N ALA A 3 -23.82 23.76 -32.56
CA ALA A 3 -24.03 24.52 -31.29
C ALA A 3 -23.39 23.77 -30.11
N MET A 4 -23.22 24.47 -28.98
CA MET A 4 -22.88 23.81 -27.71
C MET A 4 -24.09 23.04 -27.16
N TYR A 5 -23.83 21.97 -26.41
CA TYR A 5 -24.88 21.26 -25.69
C TYR A 5 -24.31 20.72 -24.38
N ALA A 6 -25.19 20.20 -23.53
CA ALA A 6 -24.79 19.76 -22.20
C ALA A 6 -25.35 18.39 -21.92
N LEU A 7 -24.49 17.46 -21.49
CA LEU A 7 -24.98 16.18 -21.00
C LEU A 7 -25.35 16.37 -19.56
N THR A 8 -26.47 15.79 -19.13
CA THR A 8 -27.19 16.18 -17.91
C THR A 8 -27.87 14.96 -17.28
N ASN A 9 -28.27 15.08 -16.02
CA ASN A 9 -28.93 13.99 -15.29
C ASN A 9 -28.12 12.67 -15.31
N CYS A 10 -26.95 12.66 -14.66
CA CYS A 10 -26.06 11.50 -14.64
C CYS A 10 -25.01 11.55 -13.52
N LYS A 11 -24.39 10.41 -13.26
CA LYS A 11 -23.25 10.40 -12.40
C LYS A 11 -22.01 10.48 -13.27
N ILE A 12 -21.16 11.43 -12.96
CA ILE A 12 -20.01 11.75 -13.77
C ILE A 12 -18.74 11.34 -13.07
N TYR A 13 -17.94 10.56 -13.79
CA TYR A 13 -16.65 10.04 -13.32
C TYR A 13 -15.51 10.71 -14.06
N THR A 14 -15.00 11.81 -13.52
CA THR A 14 -14.09 12.64 -14.31
C THR A 14 -12.71 12.01 -14.41
N GLY A 15 -12.38 11.08 -13.51
CA GLY A 15 -11.02 10.62 -13.38
C GLY A 15 -10.47 11.02 -12.02
N ASN A 16 -10.77 12.26 -11.58
CA ASN A 16 -10.43 12.73 -10.25
C ASN A 16 -11.60 12.78 -9.23
N ASP A 17 -12.83 12.90 -9.73
CA ASP A 17 -13.98 13.05 -8.85
C ASP A 17 -15.23 12.45 -9.41
N VAL A 18 -16.04 11.96 -8.49
CA VAL A 18 -17.30 11.38 -8.85
C VAL A 18 -18.27 12.49 -8.59
N LEU A 19 -19.06 12.83 -9.61
CA LEU A 19 -19.87 14.03 -9.55
C LEU A 19 -21.38 13.81 -9.70
N VAL A 20 -22.12 14.38 -8.76
CA VAL A 20 -23.58 14.29 -8.70
C VAL A 20 -24.20 15.68 -8.97
N LYS A 21 -25.33 15.73 -9.67
CA LYS A 21 -25.99 17.02 -10.01
C LYS A 21 -25.04 18.04 -10.65
N HIS A 22 -24.32 17.59 -11.66
CA HIS A 22 -23.46 18.46 -12.44
C HIS A 22 -23.80 18.18 -13.88
N ALA A 23 -23.19 18.94 -14.79
CA ALA A 23 -23.32 18.67 -16.21
C ALA A 23 -22.00 18.76 -16.96
N VAL A 24 -21.96 18.24 -18.19
CA VAL A 24 -20.77 18.38 -19.02
C VAL A 24 -21.11 19.09 -20.30
N ILE A 25 -20.39 20.16 -20.57
CA ILE A 25 -20.73 20.98 -21.72
C ILE A 25 -19.74 20.62 -22.81
N ILE A 26 -20.27 20.20 -23.95
CA ILE A 26 -19.50 19.91 -25.15
C ILE A 26 -19.58 21.10 -26.13
N ASN A 27 -18.44 21.40 -26.77
CA ASN A 27 -18.29 22.46 -27.75
C ASN A 27 -17.35 21.99 -28.87
N GLY A 28 -17.95 21.59 -29.99
CA GLY A 28 -17.21 21.08 -31.12
C GLY A 28 -16.75 19.68 -30.80
N ASP A 29 -15.44 19.45 -30.88
CA ASP A 29 -14.81 18.18 -30.52
C ASP A 29 -14.37 18.15 -29.04
N LYS A 30 -14.62 19.23 -28.28
CA LYS A 30 -13.99 19.38 -26.96
C LYS A 30 -14.96 19.45 -25.80
N ILE A 31 -14.43 19.19 -24.60
CA ILE A 31 -15.17 19.45 -23.38
C ILE A 31 -14.97 20.91 -23.00
N GLU A 32 -16.07 21.67 -22.99
CA GLU A 32 -16.06 23.07 -22.55
C GLU A 32 -15.89 23.25 -21.05
N ALA A 33 -16.63 22.43 -20.27
CA ALA A 33 -16.76 22.59 -18.81
C ALA A 33 -17.53 21.46 -18.10
N VAL A 34 -17.17 21.23 -16.86
CA VAL A 34 -17.90 20.36 -15.96
C VAL A 34 -18.25 21.31 -14.85
N CYS A 35 -19.53 21.48 -14.61
CA CYS A 35 -20.03 22.55 -13.79
C CYS A 35 -21.33 22.07 -13.13
N PRO A 36 -21.73 22.71 -12.03
CA PRO A 36 -23.01 22.26 -11.46
C PRO A 36 -24.20 22.52 -12.41
N ILE A 37 -25.26 21.74 -12.23
CA ILE A 37 -26.45 21.79 -13.08
C ILE A 37 -27.18 23.17 -13.02
N GLU A 38 -27.06 23.82 -11.88
CA GLU A 38 -27.67 25.13 -11.69
C GLU A 38 -26.89 26.21 -12.43
N SER A 39 -25.64 25.91 -12.79
CA SER A 39 -24.75 26.86 -13.48
C SER A 39 -25.00 26.88 -14.98
N LEU A 40 -25.77 25.91 -15.46
CA LEU A 40 -26.04 25.72 -16.87
C LEU A 40 -26.91 26.85 -17.40
N PRO A 41 -26.48 27.53 -18.49
CA PRO A 41 -27.25 28.56 -19.18
C PRO A 41 -28.62 28.10 -19.59
N SER A 42 -29.58 29.02 -19.48
CA SER A 42 -31.01 28.75 -19.73
C SER A 42 -31.22 28.30 -21.17
N GLU A 43 -30.48 28.93 -22.08
CA GLU A 43 -30.60 28.71 -23.53
C GLU A 43 -30.09 27.34 -24.02
N MET A 44 -29.22 26.73 -23.21
CA MET A 44 -28.45 25.54 -23.56
C MET A 44 -29.26 24.27 -23.84
N ASN A 45 -28.99 23.62 -24.97
CA ASN A 45 -29.55 22.31 -25.31
C ASN A 45 -29.00 21.25 -24.40
N VAL A 46 -29.83 20.24 -24.15
CA VAL A 46 -29.63 19.26 -23.09
C VAL A 46 -29.89 17.87 -23.64
N VAL A 47 -28.94 16.97 -23.44
CA VAL A 47 -29.18 15.54 -23.63
C VAL A 47 -29.26 15.03 -22.22
N ASP A 48 -30.37 14.39 -21.89
CA ASP A 48 -30.66 13.97 -20.52
C ASP A 48 -30.42 12.48 -20.44
N LEU A 49 -29.55 12.07 -19.51
CA LEU A 49 -29.06 10.70 -19.52
C LEU A 49 -29.77 9.76 -18.56
N ASN A 50 -30.88 10.21 -17.99
CA ASN A 50 -31.75 9.31 -17.24
C ASN A 50 -31.02 8.60 -16.07
N GLY A 51 -30.09 9.31 -15.44
CA GLY A 51 -29.44 8.79 -14.23
C GLY A 51 -28.24 7.89 -14.48
N ALA A 52 -27.83 7.72 -15.73
CA ALA A 52 -26.77 6.80 -16.06
C ALA A 52 -25.35 7.34 -15.74
N ASN A 53 -24.36 6.48 -15.93
CA ASN A 53 -22.98 6.87 -15.66
C ASN A 53 -22.31 7.51 -16.84
N LEU A 54 -21.49 8.53 -16.57
CA LEU A 54 -20.73 9.16 -17.64
C LEU A 54 -19.26 9.09 -17.29
N SER A 55 -18.49 8.58 -18.24
CA SER A 55 -17.05 8.55 -18.03
C SER A 55 -16.39 8.86 -19.35
N PRO A 56 -15.07 9.03 -19.33
CA PRO A 56 -14.35 9.16 -20.59
C PRO A 56 -14.50 7.88 -21.36
N GLY A 57 -14.31 7.91 -22.68
CA GLY A 57 -14.38 6.69 -23.49
C GLY A 57 -13.29 5.68 -23.18
N PHE A 58 -13.58 4.38 -23.26
CA PHE A 58 -12.54 3.40 -22.92
C PHE A 58 -11.45 3.38 -23.95
N ILE A 59 -10.23 3.14 -23.51
CA ILE A 59 -9.12 3.02 -24.43
C ILE A 59 -8.53 1.63 -24.40
N ASP A 60 -8.63 0.92 -25.52
CA ASP A 60 -8.17 -0.47 -25.60
C ASP A 60 -6.78 -0.60 -26.24
N LEU A 61 -5.77 -0.85 -25.42
CA LEU A 61 -4.40 -0.92 -25.93
C LEU A 61 -4.02 -2.19 -26.67
N GLN A 62 -4.90 -3.18 -26.70
CA GLN A 62 -4.59 -4.43 -27.39
C GLN A 62 -5.85 -5.06 -27.93
N LEU A 63 -6.04 -4.94 -29.21
CA LEU A 63 -7.29 -5.35 -29.83
C LEU A 63 -6.92 -5.85 -31.19
N ASN A 64 -7.16 -7.13 -31.46
CA ASN A 64 -6.66 -7.78 -32.67
C ASN A 64 -7.73 -7.72 -33.73
N GLY A 65 -8.98 -7.71 -33.30
CA GLY A 65 -10.12 -7.75 -34.19
C GLY A 65 -11.35 -7.75 -33.32
N CYS A 66 -12.53 -7.60 -33.93
CA CYS A 66 -13.81 -7.64 -33.19
C CYS A 66 -14.98 -7.48 -34.11
N GLY A 67 -16.16 -7.62 -33.53
CA GLY A 67 -17.41 -7.51 -34.25
C GLY A 67 -17.35 -8.25 -35.55
N GLY A 68 -16.77 -9.44 -35.51
CA GLY A 68 -16.76 -10.27 -36.70
C GLY A 68 -15.50 -10.22 -37.52
N VAL A 69 -14.67 -9.17 -37.39
CA VAL A 69 -13.47 -9.07 -38.26
C VAL A 69 -12.13 -9.23 -37.53
N MET A 70 -11.08 -9.44 -38.31
CA MET A 70 -9.71 -9.52 -37.82
C MET A 70 -8.77 -8.60 -38.61
N PHE A 71 -8.00 -7.78 -37.90
CA PHE A 71 -6.99 -6.95 -38.54
C PHE A 71 -5.91 -7.72 -39.33
N ASN A 72 -5.36 -8.79 -38.76
CA ASN A 72 -4.33 -9.55 -39.46
C ASN A 72 -4.78 -10.11 -40.81
N ASP A 73 -6.09 -10.34 -40.93
CA ASP A 73 -6.71 -11.07 -42.02
C ASP A 73 -7.19 -10.15 -43.15
N GLU A 74 -7.54 -8.94 -42.81
CA GLU A 74 -8.00 -7.96 -43.79
C GLU A 74 -7.35 -6.63 -43.38
N ILE A 75 -6.12 -6.45 -43.83
CA ILE A 75 -5.29 -5.37 -43.38
C ILE A 75 -5.67 -4.09 -44.11
N THR A 76 -6.74 -3.43 -43.70
CA THR A 76 -7.22 -2.27 -44.44
C THR A 76 -7.81 -1.23 -43.50
N ALA A 77 -7.84 0.02 -43.95
CA ALA A 77 -8.57 1.06 -43.24
C ALA A 77 -10.01 0.67 -42.94
N GLU A 78 -10.67 0.04 -43.92
CA GLU A 78 -12.05 -0.35 -43.71
C GLU A 78 -12.18 -1.37 -42.55
N THR A 79 -11.20 -2.24 -42.35
CA THR A 79 -11.27 -3.15 -41.20
C THR A 79 -11.23 -2.37 -39.86
N ILE A 80 -10.22 -1.49 -39.74
CA ILE A 80 -10.06 -0.59 -38.61
C ILE A 80 -11.36 0.15 -38.35
N ASP A 81 -12.00 0.57 -39.44
CA ASP A 81 -13.25 1.30 -39.37
C ASP A 81 -14.34 0.46 -38.75
N THR A 82 -14.54 -0.76 -39.27
CA THR A 82 -15.51 -1.75 -38.73
C THR A 82 -15.28 -2.01 -37.23
N MET A 83 -14.02 -2.25 -36.86
CA MET A 83 -13.64 -2.43 -35.47
C MET A 83 -14.06 -1.25 -34.61
N HIS A 84 -13.78 -0.05 -35.10
CA HIS A 84 -14.09 1.14 -34.34
C HIS A 84 -15.56 1.19 -34.00
N LYS A 85 -16.40 0.79 -34.96
CA LYS A 85 -17.86 0.90 -34.76
C LYS A 85 -18.40 -0.17 -33.82
N ALA A 86 -17.77 -1.33 -33.83
CA ALA A 86 -18.20 -2.40 -32.92
C ALA A 86 -17.79 -2.00 -31.50
N ASN A 87 -16.59 -1.45 -31.37
CA ASN A 87 -16.10 -0.91 -30.10
C ASN A 87 -17.09 -0.01 -29.39
N LEU A 88 -17.73 0.84 -30.17
CA LEU A 88 -18.70 1.78 -29.69
C LEU A 88 -19.85 1.11 -28.96
N LYS A 89 -20.21 -0.10 -29.39
CA LYS A 89 -21.29 -0.84 -28.73
C LYS A 89 -20.92 -1.24 -27.32
N SER A 90 -19.61 -1.26 -27.04
CA SER A 90 -19.18 -1.64 -25.71
C SER A 90 -18.31 -0.55 -25.05
N GLY A 91 -18.60 0.70 -25.43
CA GLY A 91 -18.06 1.86 -24.75
C GLY A 91 -16.63 2.21 -25.10
N CYS A 92 -16.06 1.46 -26.04
CA CYS A 92 -14.67 1.73 -26.41
C CYS A 92 -14.52 2.76 -27.53
N THR A 93 -13.91 3.90 -27.18
CA THR A 93 -13.82 5.04 -28.13
C THR A 93 -12.47 5.19 -28.81
N SER A 94 -11.46 4.51 -28.27
CA SER A 94 -10.10 4.54 -28.82
C SER A 94 -9.41 3.20 -28.67
N PHE A 95 -8.47 2.94 -29.56
CA PHE A 95 -7.86 1.63 -29.56
C PHE A 95 -6.62 1.63 -30.42
N LEU A 96 -5.71 0.71 -30.15
CA LEU A 96 -4.57 0.44 -31.02
C LEU A 96 -4.91 -0.83 -31.84
N PRO A 97 -5.15 -0.67 -33.17
CA PRO A 97 -5.38 -1.88 -33.97
C PRO A 97 -4.11 -2.71 -33.91
N THR A 98 -4.24 -4.01 -33.59
CA THR A 98 -3.10 -4.82 -33.21
C THR A 98 -2.89 -5.89 -34.22
N LEU A 99 -1.67 -5.98 -34.73
CA LEU A 99 -1.28 -6.91 -35.76
C LEU A 99 -0.28 -7.83 -35.13
N ILE A 100 -0.63 -9.11 -35.06
CA ILE A 100 0.29 -10.06 -34.43
C ILE A 100 1.35 -10.54 -35.45
N THR A 101 2.27 -11.37 -34.96
CA THR A 101 3.35 -11.91 -35.75
C THR A 101 2.92 -12.27 -37.19
N SER A 102 3.49 -11.56 -38.15
CA SER A 102 3.30 -11.91 -39.54
C SER A 102 4.50 -11.42 -40.35
N SER A 103 4.36 -11.44 -41.67
CA SER A 103 5.42 -11.12 -42.61
C SER A 103 5.75 -9.62 -42.62
N ASP A 104 6.93 -9.30 -43.13
CA ASP A 104 7.26 -7.92 -43.45
C ASP A 104 6.21 -7.24 -44.30
N GLU A 105 5.76 -7.91 -45.36
CA GLU A 105 4.72 -7.36 -46.23
C GLU A 105 3.44 -7.01 -45.46
N ASN A 106 3.03 -7.88 -44.55
CA ASN A 106 1.88 -7.56 -43.67
C ASN A 106 2.20 -6.35 -42.76
N MET A 107 3.43 -6.26 -42.29
CA MET A 107 3.75 -5.09 -41.50
C MET A 107 3.72 -3.80 -42.32
N ARG A 108 4.16 -3.84 -43.56
CA ARG A 108 4.07 -2.61 -44.39
C ARG A 108 2.63 -2.25 -44.78
N GLN A 109 1.78 -3.26 -44.96
CA GLN A 109 0.38 -3.08 -45.32
C GLN A 109 -0.38 -2.38 -44.17
N ALA A 110 -0.12 -2.86 -42.93
CA ALA A 110 -0.75 -2.33 -41.69
C ALA A 110 -0.38 -0.89 -41.44
N ILE A 111 0.92 -0.58 -41.52
CA ILE A 111 1.38 0.78 -41.46
C ILE A 111 0.59 1.66 -42.45
N ALA A 112 0.52 1.25 -43.72
CA ALA A 112 -0.26 2.00 -44.72
C ALA A 112 -1.71 2.16 -44.25
N ALA A 113 -2.32 1.04 -43.86
CA ALA A 113 -3.71 1.05 -43.41
C ALA A 113 -3.94 2.01 -42.23
N ALA A 114 -2.99 2.05 -41.30
CA ALA A 114 -3.13 2.93 -40.14
C ALA A 114 -3.03 4.36 -40.64
N ARG A 115 -2.01 4.60 -41.46
CA ARG A 115 -1.80 5.91 -42.07
C ARG A 115 -3.08 6.38 -42.78
N GLU A 116 -3.64 5.53 -43.65
CA GLU A 116 -4.91 5.81 -44.28
C GLU A 116 -6.04 6.17 -43.31
N TYR A 117 -6.34 5.31 -42.34
CA TYR A 117 -7.47 5.54 -41.43
C TYR A 117 -7.33 6.82 -40.63
N GLN A 118 -6.12 7.07 -40.13
CA GLN A 118 -5.88 8.17 -39.22
C GLN A 118 -5.81 9.53 -39.93
N ALA A 119 -5.53 9.52 -41.23
CA ALA A 119 -5.58 10.74 -42.04
C ALA A 119 -7.01 11.21 -42.19
N LYS A 120 -7.96 10.30 -42.01
CA LYS A 120 -9.39 10.63 -42.10
C LYS A 120 -10.05 10.90 -40.73
N TYR A 121 -9.78 10.05 -39.75
CA TYR A 121 -10.37 10.22 -38.41
C TYR A 121 -9.30 10.37 -37.34
N PRO A 122 -9.45 11.36 -36.46
CA PRO A 122 -8.54 11.53 -35.30
C PRO A 122 -9.06 10.91 -33.99
N ASN A 123 -8.12 10.63 -33.08
CA ASN A 123 -8.45 10.17 -31.72
C ASN A 123 -9.31 8.91 -31.63
N GLN A 124 -9.28 8.08 -32.66
CA GLN A 124 -10.05 6.86 -32.65
C GLN A 124 -9.08 5.68 -32.61
N SER A 125 -8.43 5.41 -33.72
CA SER A 125 -7.25 4.60 -33.71
C SER A 125 -6.10 5.54 -33.33
N LEU A 126 -5.31 5.11 -32.34
CA LEU A 126 -4.30 5.96 -31.80
C LEU A 126 -2.95 5.45 -32.26
N GLY A 127 -2.97 4.47 -33.16
CA GLY A 127 -1.74 3.96 -33.74
C GLY A 127 -1.66 2.45 -33.75
N LEU A 128 -0.78 1.90 -34.56
CA LEU A 128 -0.58 0.48 -34.58
C LEU A 128 0.01 -0.04 -33.29
N HIS A 129 -0.40 -1.25 -32.95
CA HIS A 129 0.30 -2.05 -32.01
C HIS A 129 0.85 -3.30 -32.74
N LEU A 130 2.17 -3.33 -32.91
CA LEU A 130 2.81 -4.46 -33.49
C LEU A 130 3.16 -5.42 -32.36
N GLU A 131 2.33 -6.45 -32.21
CA GLU A 131 2.62 -7.53 -31.26
C GLU A 131 3.30 -8.73 -31.92
N GLY A 132 4.63 -8.76 -31.89
CA GLY A 132 5.38 -9.65 -32.74
C GLY A 132 5.92 -8.79 -33.86
N PRO A 133 6.87 -9.33 -34.64
CA PRO A 133 7.12 -10.77 -34.58
C PRO A 133 8.31 -11.14 -33.77
N TYR A 134 8.94 -10.19 -33.10
CA TYR A 134 10.22 -10.45 -32.44
C TYR A 134 9.97 -11.01 -31.07
N LEU A 135 9.40 -12.21 -31.02
CA LEU A 135 9.12 -12.89 -29.76
C LEU A 135 10.15 -14.01 -29.46
N ASN A 136 9.80 -14.86 -28.50
CA ASN A 136 10.54 -16.06 -28.16
C ASN A 136 9.65 -17.27 -28.46
N VAL A 137 10.17 -18.15 -29.29
CA VAL A 137 9.40 -19.26 -29.79
C VAL A 137 8.77 -20.07 -28.65
N MET A 138 9.43 -20.12 -27.49
CA MET A 138 8.87 -20.86 -26.34
C MET A 138 7.68 -20.22 -25.66
N LYS A 139 7.40 -18.97 -25.96
CA LYS A 139 6.23 -18.38 -25.32
C LYS A 139 5.31 -17.87 -26.40
N LYS A 140 5.16 -18.68 -27.46
CA LYS A 140 4.53 -18.20 -28.68
C LYS A 140 3.02 -18.08 -28.62
N GLY A 141 2.40 -18.74 -27.66
CA GLY A 141 0.98 -18.94 -27.69
C GLY A 141 0.46 -19.23 -29.08
N ILE A 142 -0.42 -18.37 -29.55
CA ILE A 142 -1.07 -18.50 -30.82
C ILE A 142 -0.20 -18.00 -31.99
N HIS A 143 0.95 -17.38 -31.67
CA HIS A 143 1.81 -16.74 -32.69
C HIS A 143 2.47 -17.73 -33.60
N SER A 144 2.71 -17.30 -34.85
CA SER A 144 3.05 -18.23 -35.90
C SER A 144 4.53 -18.55 -35.91
N VAL A 145 4.82 -19.85 -35.84
CA VAL A 145 6.18 -20.33 -35.75
C VAL A 145 6.94 -19.95 -37.00
N ASP A 146 6.20 -19.68 -38.07
CA ASP A 146 6.76 -19.34 -39.35
C ASP A 146 7.29 -17.89 -39.41
N PHE A 147 6.75 -17.01 -38.60
CA PHE A 147 7.13 -15.63 -38.69
C PHE A 147 7.92 -15.08 -37.49
N ILE A 148 7.82 -15.75 -36.34
CA ILE A 148 8.64 -15.34 -35.19
C ILE A 148 10.09 -15.29 -35.63
N ARG A 149 10.72 -14.14 -35.48
CA ARG A 149 12.09 -13.97 -35.97
C ARG A 149 12.81 -12.98 -35.07
N PRO A 150 14.15 -12.94 -35.14
CA PRO A 150 14.91 -11.90 -34.45
C PRO A 150 14.60 -10.53 -35.03
N SER A 151 14.61 -9.49 -34.19
CA SER A 151 14.46 -8.11 -34.73
C SER A 151 15.64 -7.82 -35.64
N ASP A 152 15.33 -7.24 -36.79
CA ASP A 152 16.35 -6.89 -37.77
C ASP A 152 16.40 -5.40 -38.06
N ASP A 153 17.60 -4.89 -38.29
CA ASP A 153 17.88 -3.46 -38.52
C ASP A 153 17.00 -2.74 -39.53
N THR A 154 16.71 -3.40 -40.63
CA THR A 154 15.93 -2.82 -41.72
C THR A 154 14.52 -2.55 -41.29
N MET A 155 13.82 -3.57 -40.82
CA MET A 155 12.43 -3.39 -40.40
C MET A 155 12.38 -2.47 -39.18
N ILE A 156 13.33 -2.59 -38.27
CA ILE A 156 13.33 -1.71 -37.12
C ILE A 156 13.40 -0.24 -37.57
N ASP A 157 14.28 0.07 -38.53
CA ASP A 157 14.36 1.39 -39.11
C ASP A 157 13.04 1.81 -39.77
N THR A 158 12.41 0.95 -40.56
CA THR A 158 11.07 1.22 -41.11
C THR A 158 10.02 1.64 -40.05
N ILE A 159 9.94 0.86 -38.98
CA ILE A 159 9.09 1.14 -37.83
C ILE A 159 9.36 2.52 -37.22
N CYS A 160 10.64 2.79 -36.95
CA CYS A 160 11.03 4.09 -36.41
C CYS A 160 10.58 5.23 -37.31
N ALA A 161 10.82 5.05 -38.61
CA ALA A 161 10.48 6.07 -39.59
C ALA A 161 8.96 6.32 -39.62
N ASN A 162 8.16 5.31 -39.25
CA ASN A 162 6.69 5.41 -39.30
C ASN A 162 6.04 5.54 -37.89
N SER A 163 6.80 6.05 -36.93
CA SER A 163 6.32 6.19 -35.56
C SER A 163 5.07 7.08 -35.43
N ASP A 164 4.76 7.86 -36.45
CA ASP A 164 3.62 8.74 -36.36
C ASP A 164 2.32 7.96 -36.46
N VAL A 165 2.39 6.76 -37.01
CA VAL A 165 1.26 5.85 -37.00
C VAL A 165 1.48 4.60 -36.15
N ILE A 166 2.56 4.57 -35.36
CA ILE A 166 2.83 3.36 -34.55
C ILE A 166 2.96 3.64 -33.05
N ALA A 167 1.93 3.32 -32.27
CA ALA A 167 1.96 3.58 -30.82
C ALA A 167 2.91 2.62 -30.03
N LYS A 168 2.96 1.35 -30.42
CA LYS A 168 3.49 0.32 -29.54
C LYS A 168 4.04 -0.93 -30.26
N VAL A 169 5.14 -1.47 -29.72
CA VAL A 169 5.70 -2.73 -30.16
C VAL A 169 5.89 -3.67 -28.95
N THR A 170 5.30 -4.87 -29.01
CA THR A 170 5.60 -5.91 -28.06
C THR A 170 6.65 -6.82 -28.66
N LEU A 171 7.66 -7.14 -27.88
CA LEU A 171 8.75 -7.99 -28.32
C LEU A 171 9.32 -8.69 -27.09
N ALA A 172 10.19 -9.67 -27.33
CA ALA A 172 10.90 -10.39 -26.29
C ALA A 172 12.36 -9.96 -26.32
N PRO A 173 12.84 -9.36 -25.24
CA PRO A 173 14.17 -8.75 -25.29
C PRO A 173 15.37 -9.67 -25.05
N GLU A 174 15.17 -10.82 -24.36
CA GLU A 174 16.29 -11.76 -24.03
C GLU A 174 17.34 -11.90 -25.13
N ASN A 175 16.89 -12.25 -26.32
CA ASN A 175 17.79 -12.61 -27.44
C ASN A 175 17.73 -11.64 -28.60
N ASN A 176 17.26 -10.44 -28.37
CA ASN A 176 17.24 -9.42 -29.41
C ASN A 176 18.20 -8.28 -29.02
N LYS A 177 18.60 -7.49 -30.02
CA LYS A 177 19.50 -6.38 -29.81
C LYS A 177 18.89 -5.36 -28.90
N PRO A 178 19.55 -5.04 -27.78
CA PRO A 178 19.13 -3.87 -26.95
C PRO A 178 18.99 -2.54 -27.78
N GLU A 179 19.92 -2.26 -28.68
CA GLU A 179 19.84 -1.08 -29.54
C GLU A 179 18.51 -0.90 -30.23
N HIS A 180 17.81 -1.99 -30.51
CA HIS A 180 16.56 -1.83 -31.23
C HIS A 180 15.49 -1.28 -30.32
N ILE A 181 15.62 -1.57 -29.03
CA ILE A 181 14.69 -1.05 -28.06
C ILE A 181 14.92 0.43 -28.03
N GLU A 182 16.18 0.81 -27.86
CA GLU A 182 16.54 2.21 -27.69
C GLU A 182 16.05 3.07 -28.84
N LYS A 183 16.07 2.52 -30.06
CA LYS A 183 15.76 3.28 -31.28
C LYS A 183 14.28 3.54 -31.36
N LEU A 184 13.51 2.47 -31.11
CA LEU A 184 12.05 2.55 -30.96
C LEU A 184 11.62 3.56 -29.90
N VAL A 185 12.30 3.52 -28.75
CA VAL A 185 11.95 4.41 -27.66
C VAL A 185 12.33 5.84 -28.07
N LYS A 186 13.48 5.94 -28.70
CA LYS A 186 13.98 7.19 -29.21
C LYS A 186 13.05 7.74 -30.29
N ALA A 187 12.32 6.89 -31.00
CA ALA A 187 11.41 7.42 -32.02
C ALA A 187 10.00 7.71 -31.43
N GLY A 188 9.85 7.52 -30.11
CA GLY A 188 8.57 7.80 -29.44
C GLY A 188 7.56 6.66 -29.58
N ILE A 189 8.04 5.45 -29.83
CA ILE A 189 7.15 4.32 -29.85
C ILE A 189 7.23 3.71 -28.44
N VAL A 190 6.13 3.17 -27.93
CA VAL A 190 6.19 2.57 -26.59
C VAL A 190 6.61 1.14 -26.78
N VAL A 191 7.56 0.64 -25.98
CA VAL A 191 8.05 -0.73 -26.14
C VAL A 191 7.59 -1.63 -25.01
N SER A 192 7.01 -2.77 -25.37
CA SER A 192 6.46 -3.63 -24.38
C SER A 192 7.06 -5.02 -24.43
N ILE A 193 7.43 -5.53 -23.26
CA ILE A 193 7.83 -6.92 -23.11
C ILE A 193 6.61 -7.86 -23.22
N GLY A 194 6.75 -8.92 -23.99
CA GLY A 194 5.70 -9.94 -24.01
C GLY A 194 6.21 -11.16 -24.76
N HIS A 195 5.52 -12.31 -24.58
CA HIS A 195 5.82 -13.55 -25.28
C HIS A 195 7.30 -13.84 -25.13
N THR A 196 7.76 -13.77 -23.89
CA THR A 196 9.18 -13.71 -23.55
C THR A 196 9.55 -14.81 -22.55
N ASN A 197 10.71 -15.41 -22.73
CA ASN A 197 11.21 -16.32 -21.74
C ASN A 197 12.30 -15.73 -20.83
N ALA A 198 12.35 -14.40 -20.73
CA ALA A 198 13.40 -13.69 -19.97
C ALA A 198 13.35 -14.04 -18.52
N THR A 199 14.51 -14.13 -17.91
CA THR A 199 14.63 -14.10 -16.46
C THR A 199 14.33 -12.69 -15.98
N TYR A 200 14.10 -12.60 -14.67
CA TYR A 200 14.00 -11.30 -13.96
C TYR A 200 15.13 -10.33 -14.38
N SER A 201 16.38 -10.79 -14.37
CA SER A 201 17.51 -9.92 -14.78
C SER A 201 17.46 -9.35 -16.16
N GLU A 202 17.13 -10.19 -17.12
CA GLU A 202 17.06 -9.76 -18.50
C GLU A 202 15.95 -8.74 -18.71
N ALA A 203 14.78 -8.98 -18.09
CA ALA A 203 13.65 -8.07 -18.14
C ALA A 203 13.99 -6.73 -17.45
N ARG A 204 14.75 -6.77 -16.37
CA ARG A 204 15.19 -5.54 -15.72
C ARG A 204 16.10 -4.75 -16.66
N LYS A 205 17.05 -5.44 -17.28
CA LYS A 205 17.92 -4.85 -18.28
C LYS A 205 17.08 -4.18 -19.38
N SER A 206 16.00 -4.81 -19.83
CA SER A 206 15.27 -4.22 -20.94
C SER A 206 14.37 -3.00 -20.53
N PHE A 207 13.97 -2.96 -19.26
CA PHE A 207 13.37 -1.76 -18.68
C PHE A 207 14.39 -0.60 -18.70
N GLU A 208 15.62 -0.90 -18.29
CA GLU A 208 16.68 0.10 -18.33
C GLU A 208 16.94 0.58 -19.75
N SER A 209 16.68 -0.27 -20.72
CA SER A 209 16.82 0.09 -22.12
C SER A 209 15.69 0.92 -22.68
N GLY A 210 14.54 1.00 -21.97
CA GLY A 210 13.38 1.80 -22.41
C GLY A 210 12.03 1.09 -22.39
N ILE A 211 12.00 -0.22 -22.27
CA ILE A 211 10.66 -0.87 -22.16
C ILE A 211 9.85 -0.29 -20.96
N THR A 212 8.61 0.16 -21.24
CA THR A 212 7.78 0.75 -20.22
C THR A 212 6.43 0.06 -20.08
N PHE A 213 6.24 -1.03 -20.83
CA PHE A 213 4.95 -1.69 -20.84
C PHE A 213 5.16 -3.18 -20.83
N ALA A 214 4.16 -3.93 -20.35
CA ALA A 214 4.16 -5.40 -20.36
C ALA A 214 2.79 -5.84 -20.85
N THR A 215 2.83 -6.73 -21.85
CA THR A 215 1.67 -7.15 -22.58
C THR A 215 1.06 -8.36 -21.90
N HIS A 216 -0.21 -8.21 -21.59
CA HIS A 216 -1.02 -9.20 -20.84
C HIS A 216 -0.32 -9.96 -19.74
N LEU A 217 -0.15 -9.25 -18.62
CA LEU A 217 0.48 -9.80 -17.42
C LEU A 217 -0.02 -11.19 -17.15
N PHE A 218 0.96 -12.09 -16.93
CA PHE A 218 0.75 -13.53 -16.59
C PHE A 218 0.66 -14.49 -17.75
N ASN A 219 0.26 -13.95 -18.90
CA ASN A 219 0.12 -14.70 -20.15
C ASN A 219 1.41 -14.61 -20.99
N ALA A 220 1.94 -15.76 -21.42
CA ALA A 220 3.09 -15.82 -22.32
C ALA A 220 4.32 -15.10 -21.73
N MET A 221 4.53 -15.35 -20.44
CA MET A 221 5.67 -14.78 -19.75
C MET A 221 6.09 -15.63 -18.58
N THR A 222 7.39 -15.63 -18.29
CA THR A 222 7.95 -16.36 -17.13
C THR A 222 7.29 -15.89 -15.85
N PRO A 223 6.72 -16.81 -15.08
CA PRO A 223 6.07 -16.47 -13.83
C PRO A 223 7.09 -16.21 -12.69
N MET A 224 6.54 -15.84 -11.55
CA MET A 224 7.33 -15.62 -10.35
C MET A 224 7.49 -16.97 -9.62
N VAL A 225 8.72 -17.49 -9.50
CA VAL A 225 8.96 -18.63 -8.59
C VAL A 225 10.05 -18.26 -7.59
N GLY A 226 10.16 -19.04 -6.52
CA GLY A 226 11.02 -18.70 -5.41
C GLY A 226 12.38 -18.13 -5.77
N ARG A 227 13.09 -18.81 -6.64
CA ARG A 227 14.44 -18.45 -6.95
C ARG A 227 14.57 -17.74 -8.27
N GLU A 228 13.46 -17.60 -8.97
CA GLU A 228 13.43 -16.87 -10.25
C GLU A 228 12.18 -16.02 -10.36
N PRO A 229 12.28 -14.74 -10.02
CA PRO A 229 11.11 -13.86 -10.01
C PRO A 229 10.53 -13.76 -11.37
N GLY A 230 11.38 -13.93 -12.38
CA GLY A 230 10.95 -13.92 -13.76
C GLY A 230 10.43 -12.57 -14.22
N VAL A 231 9.70 -12.59 -15.34
CA VAL A 231 9.21 -11.39 -15.96
C VAL A 231 8.11 -10.77 -15.08
N VAL A 232 7.24 -11.64 -14.54
CA VAL A 232 6.19 -11.24 -13.59
C VAL A 232 6.78 -10.48 -12.38
N GLY A 233 7.68 -11.11 -11.65
CA GLY A 233 8.44 -10.42 -10.61
C GLY A 233 9.09 -9.09 -11.02
N ALA A 234 9.75 -9.04 -12.16
CA ALA A 234 10.35 -7.81 -12.65
C ALA A 234 9.27 -6.71 -12.75
N ILE A 235 8.13 -7.06 -13.35
CA ILE A 235 7.04 -6.10 -13.48
C ILE A 235 6.59 -5.61 -12.11
N TYR A 236 6.37 -6.52 -11.18
CA TYR A 236 6.08 -6.18 -9.75
C TYR A 236 7.14 -5.35 -9.01
N ASP A 237 8.37 -5.40 -9.48
CA ASP A 237 9.47 -4.75 -8.77
C ASP A 237 9.94 -3.47 -9.50
N THR A 238 9.29 -3.07 -10.59
CA THR A 238 9.72 -1.90 -11.37
C THR A 238 8.55 -0.92 -11.49
N PRO A 239 8.64 0.22 -10.78
CA PRO A 239 7.45 1.08 -10.69
C PRO A 239 7.07 1.80 -11.99
N GLU A 240 8.02 1.97 -12.91
CA GLU A 240 7.77 2.71 -14.14
C GLU A 240 7.05 1.83 -15.14
N VAL A 241 6.94 0.53 -14.89
CA VAL A 241 6.39 -0.30 -15.96
C VAL A 241 4.89 -0.49 -15.82
N TYR A 242 4.15 -0.07 -16.83
CA TYR A 242 2.76 -0.40 -16.95
C TYR A 242 2.56 -1.87 -17.29
N ALA A 243 1.39 -2.39 -16.98
CA ALA A 243 1.12 -3.75 -17.40
C ALA A 243 -0.32 -3.91 -17.79
N GLY A 244 -0.55 -4.51 -18.95
CA GLY A 244 -1.91 -4.78 -19.44
C GLY A 244 -2.41 -6.08 -18.88
N ILE A 245 -3.68 -6.18 -18.59
CA ILE A 245 -4.16 -7.44 -18.03
C ILE A 245 -5.58 -7.74 -18.49
N ILE A 246 -5.87 -9.00 -18.76
CA ILE A 246 -7.12 -9.40 -19.39
C ILE A 246 -8.03 -9.99 -18.37
N ALA A 247 -9.20 -9.40 -18.20
CA ALA A 247 -10.09 -9.76 -17.13
C ALA A 247 -11.36 -10.38 -17.69
N ASP A 248 -11.22 -11.48 -18.41
CA ASP A 248 -12.38 -12.18 -18.94
C ASP A 248 -12.82 -13.32 -17.99
N GLY A 249 -11.93 -13.68 -17.08
CA GLY A 249 -12.16 -14.76 -16.14
C GLY A 249 -11.51 -16.02 -16.64
N PHE A 250 -10.99 -15.98 -17.86
CA PHE A 250 -10.38 -17.16 -18.48
C PHE A 250 -8.87 -17.04 -18.57
N HIS A 251 -8.39 -15.83 -18.81
CA HIS A 251 -6.97 -15.60 -19.01
C HIS A 251 -6.19 -15.58 -17.72
N VAL A 252 -6.76 -14.98 -16.68
CA VAL A 252 -6.13 -14.73 -15.40
C VAL A 252 -7.19 -14.92 -14.31
N ASP A 253 -6.87 -15.69 -13.28
CA ASP A 253 -7.73 -15.79 -12.09
C ASP A 253 -7.91 -14.44 -11.44
N TYR A 254 -9.15 -14.11 -11.10
CA TYR A 254 -9.44 -12.82 -10.50
C TYR A 254 -8.61 -12.49 -9.26
N ALA A 255 -8.28 -13.49 -8.45
CA ALA A 255 -7.46 -13.25 -7.27
C ALA A 255 -6.10 -12.65 -7.68
N ASN A 256 -5.56 -13.12 -8.79
CA ASN A 256 -4.33 -12.55 -9.31
C ASN A 256 -4.48 -11.13 -9.81
N ILE A 257 -5.61 -10.81 -10.40
CA ILE A 257 -5.81 -9.42 -10.83
C ILE A 257 -5.83 -8.50 -9.63
N ARG A 258 -6.49 -8.95 -8.56
CA ARG A 258 -6.60 -8.23 -7.31
C ARG A 258 -5.26 -7.96 -6.67
N ILE A 259 -4.40 -8.97 -6.66
CA ILE A 259 -3.08 -8.84 -6.11
C ILE A 259 -2.25 -7.85 -6.94
N ALA A 260 -2.39 -7.99 -8.25
CA ALA A 260 -1.62 -7.21 -9.21
C ALA A 260 -1.93 -5.71 -9.04
N HIS A 261 -3.21 -5.41 -8.84
CA HIS A 261 -3.65 -4.05 -8.63
C HIS A 261 -3.11 -3.50 -7.33
N LYS A 262 -3.08 -4.30 -6.25
CA LYS A 262 -2.48 -3.78 -5.00
C LYS A 262 -0.98 -3.42 -5.13
N ILE A 263 -0.30 -4.15 -6.00
CA ILE A 263 1.07 -3.88 -6.26
C ILE A 263 1.20 -2.74 -7.26
N LYS A 264 0.43 -2.83 -8.34
CA LYS A 264 0.71 -1.98 -9.47
C LYS A 264 -0.03 -0.66 -9.44
N GLY A 265 -1.16 -0.63 -8.74
CA GLY A 265 -2.04 0.52 -8.70
C GLY A 265 -2.22 1.13 -10.06
N GLU A 266 -1.85 2.39 -10.21
CA GLU A 266 -2.16 3.09 -11.43
C GLU A 266 -1.39 2.62 -12.66
N LYS A 267 -0.47 1.69 -12.47
CA LYS A 267 0.23 1.05 -13.58
C LYS A 267 -0.48 -0.16 -14.19
N LEU A 268 -1.59 -0.60 -13.60
CA LEU A 268 -2.35 -1.71 -14.15
C LEU A 268 -3.43 -1.23 -15.10
N VAL A 269 -3.44 -1.82 -16.28
CA VAL A 269 -4.30 -1.37 -17.40
C VAL A 269 -5.18 -2.48 -17.91
N LEU A 270 -6.45 -2.16 -18.12
CA LEU A 270 -7.39 -3.09 -18.72
C LEU A 270 -7.26 -3.07 -20.24
N VAL A 271 -6.98 -4.24 -20.81
CA VAL A 271 -7.05 -4.45 -22.26
C VAL A 271 -8.05 -5.56 -22.49
N THR A 272 -8.44 -5.77 -23.75
CA THR A 272 -9.30 -6.90 -24.10
C THR A 272 -8.52 -8.00 -24.75
N ASP A 273 -7.56 -7.65 -25.61
CA ASP A 273 -6.90 -8.62 -26.48
C ASP A 273 -7.96 -9.32 -27.30
N ALA A 274 -8.99 -8.57 -27.67
CA ALA A 274 -10.18 -9.21 -28.22
C ALA A 274 -9.96 -9.57 -29.68
N THR A 275 -10.80 -10.46 -30.17
CA THR A 275 -10.65 -11.01 -31.50
C THR A 275 -12.06 -10.98 -32.11
N ALA A 276 -12.25 -11.62 -33.25
CA ALA A 276 -13.44 -11.37 -34.06
C ALA A 276 -14.79 -11.69 -33.38
N PRO A 277 -14.82 -12.73 -32.53
CA PRO A 277 -16.04 -13.09 -31.81
C PRO A 277 -16.53 -12.08 -30.76
N ALA A 278 -15.70 -11.10 -30.37
CA ALA A 278 -16.16 -10.12 -29.39
C ALA A 278 -17.22 -9.22 -30.05
N GLY A 279 -18.46 -9.35 -29.58
CA GLY A 279 -19.57 -8.67 -30.24
C GLY A 279 -20.10 -9.35 -31.52
N ALA A 280 -19.61 -10.55 -31.82
CA ALA A 280 -20.13 -11.32 -32.96
C ALA A 280 -20.37 -12.80 -32.61
N GLU A 281 -21.37 -13.39 -33.24
CA GLU A 281 -21.60 -14.79 -32.97
C GLU A 281 -20.83 -15.59 -34.01
N MET A 282 -19.86 -16.36 -33.55
CA MET A 282 -19.10 -17.19 -34.46
C MET A 282 -18.47 -18.43 -33.83
N ASP A 283 -18.35 -19.47 -34.65
CA ASP A 283 -17.74 -20.74 -34.26
C ASP A 283 -16.20 -20.69 -34.23
N TYR A 284 -15.60 -19.99 -35.20
CA TYR A 284 -14.15 -19.85 -35.26
C TYR A 284 -13.68 -18.70 -36.14
N PHE A 285 -12.44 -18.28 -35.97
CA PHE A 285 -11.89 -17.25 -36.83
C PHE A 285 -10.49 -17.63 -37.32
N ILE A 286 -9.97 -16.90 -38.31
CA ILE A 286 -8.60 -17.14 -38.77
C ILE A 286 -7.63 -16.16 -38.14
N PHE A 287 -6.49 -16.66 -37.69
CA PHE A 287 -5.54 -15.82 -37.03
C PHE A 287 -4.18 -16.12 -37.63
N VAL A 288 -3.93 -15.53 -38.81
CA VAL A 288 -2.66 -15.69 -39.59
C VAL A 288 -2.52 -17.17 -39.96
N GLY A 289 -3.43 -17.66 -40.81
CA GLY A 289 -3.50 -19.09 -41.21
C GLY A 289 -3.68 -20.17 -40.12
N LYS A 290 -4.15 -19.74 -38.95
CA LYS A 290 -4.48 -20.61 -37.82
C LYS A 290 -5.98 -20.53 -37.60
N LYS A 291 -6.63 -21.66 -37.43
CA LYS A 291 -8.03 -21.70 -37.01
C LYS A 291 -8.09 -21.47 -35.49
N VAL A 292 -8.82 -20.46 -35.05
CA VAL A 292 -9.06 -20.29 -33.59
C VAL A 292 -10.56 -20.42 -33.26
N TYR A 293 -10.90 -21.32 -32.35
CA TYR A 293 -12.31 -21.66 -32.08
C TYR A 293 -12.90 -20.92 -30.91
N TYR A 294 -14.15 -20.49 -31.06
CA TYR A 294 -14.95 -19.99 -29.96
C TYR A 294 -15.62 -21.14 -29.16
N ARG A 295 -15.25 -21.29 -27.89
CA ARG A 295 -15.73 -22.42 -27.04
C ARG A 295 -16.15 -22.00 -25.61
N ASP A 296 -17.46 -21.82 -25.39
CA ASP A 296 -18.03 -21.43 -24.08
C ASP A 296 -17.25 -20.22 -23.55
N GLY A 297 -17.34 -19.12 -24.28
CA GLY A 297 -16.71 -17.88 -23.90
C GLY A 297 -15.20 -17.72 -24.14
N LYS A 298 -14.49 -18.80 -24.43
CA LYS A 298 -13.05 -18.72 -24.72
C LYS A 298 -12.71 -18.75 -26.20
N CYS A 299 -11.53 -18.23 -26.54
CA CYS A 299 -11.00 -18.36 -27.88
C CYS A 299 -9.79 -19.29 -27.88
N VAL A 300 -9.99 -20.51 -28.36
CA VAL A 300 -8.91 -21.53 -28.30
C VAL A 300 -8.53 -22.18 -29.62
N ASP A 301 -7.27 -22.56 -29.73
CA ASP A 301 -6.83 -23.35 -30.88
C ASP A 301 -7.11 -24.85 -30.66
N GLU A 302 -6.76 -25.68 -31.65
CA GLU A 302 -6.85 -27.15 -31.54
C GLU A 302 -6.32 -27.70 -30.23
N ASN A 303 -5.31 -27.05 -29.65
CA ASN A 303 -4.65 -27.60 -28.47
C ASN A 303 -5.17 -27.09 -27.15
N GLY A 304 -6.09 -26.12 -27.19
CA GLY A 304 -6.59 -25.46 -25.99
C GLY A 304 -5.75 -24.24 -25.60
N THR A 305 -4.79 -23.84 -26.43
CA THR A 305 -4.06 -22.62 -26.15
C THR A 305 -5.01 -21.45 -26.40
N LEU A 306 -5.01 -20.50 -25.48
CA LEU A 306 -5.92 -19.34 -25.61
C LEU A 306 -5.40 -18.46 -26.73
N GLY A 307 -6.29 -17.88 -27.53
CA GLY A 307 -5.85 -17.19 -28.75
C GLY A 307 -6.57 -15.88 -28.79
N GLY A 308 -6.19 -14.98 -27.88
CA GLY A 308 -6.98 -13.79 -27.62
C GLY A 308 -8.30 -14.07 -26.93
N SER A 309 -9.14 -13.04 -26.83
CA SER A 309 -10.37 -13.12 -26.06
C SER A 309 -11.54 -12.63 -26.85
N ALA A 310 -12.71 -12.73 -26.23
CA ALA A 310 -13.95 -12.18 -26.72
C ALA A 310 -14.48 -11.15 -25.71
N LEU A 311 -13.58 -10.63 -24.88
CA LEU A 311 -13.92 -9.59 -23.96
C LEU A 311 -14.16 -8.24 -24.65
N THR A 312 -15.07 -7.43 -24.08
CA THR A 312 -15.19 -6.02 -24.44
C THR A 312 -14.79 -5.17 -23.25
N MET A 313 -14.46 -3.91 -23.50
CA MET A 313 -14.02 -3.01 -22.43
C MET A 313 -15.07 -2.80 -21.29
N ILE A 314 -16.34 -2.69 -21.66
CA ILE A 314 -17.37 -2.54 -20.63
C ILE A 314 -17.37 -3.76 -19.68
N GLU A 315 -17.30 -4.94 -20.25
CA GLU A 315 -17.22 -6.18 -19.45
C GLU A 315 -15.96 -6.21 -18.57
N ALA A 316 -14.84 -5.78 -19.13
CA ALA A 316 -13.64 -5.73 -18.32
C ALA A 316 -13.85 -4.79 -17.12
N VAL A 317 -14.49 -3.64 -17.31
CA VAL A 317 -14.80 -2.79 -16.16
C VAL A 317 -15.68 -3.48 -15.13
N GLN A 318 -16.73 -4.11 -15.59
CA GLN A 318 -17.67 -4.82 -14.72
C GLN A 318 -17.09 -5.99 -13.95
N ASN A 319 -16.33 -6.87 -14.63
CA ASN A 319 -15.72 -8.02 -13.96
C ASN A 319 -14.73 -7.56 -12.92
N THR A 320 -14.16 -6.38 -13.16
CA THR A 320 -13.18 -5.82 -12.25
C THR A 320 -13.82 -5.29 -10.98
N VAL A 321 -15.01 -4.71 -11.15
CA VAL A 321 -15.78 -4.24 -10.03
C VAL A 321 -16.34 -5.42 -9.29
N GLU A 322 -16.92 -6.36 -10.04
CA GLU A 322 -17.77 -7.35 -9.40
C GLU A 322 -16.98 -8.53 -8.93
N HIS A 323 -16.02 -8.98 -9.72
CA HIS A 323 -15.18 -10.11 -9.35
C HIS A 323 -13.81 -9.77 -8.70
N VAL A 324 -13.15 -8.74 -9.19
CA VAL A 324 -11.88 -8.41 -8.61
C VAL A 324 -12.03 -7.65 -7.27
N GLY A 325 -13.13 -6.91 -7.06
CA GLY A 325 -13.32 -6.13 -5.84
C GLY A 325 -12.82 -4.68 -5.88
N ILE A 326 -12.60 -4.15 -7.06
CA ILE A 326 -12.04 -2.81 -7.20
C ILE A 326 -13.18 -1.79 -7.31
N ALA A 327 -13.02 -0.61 -6.73
CA ALA A 327 -14.10 0.39 -6.77
C ALA A 327 -14.37 0.86 -8.21
N LEU A 328 -15.61 1.20 -8.51
CA LEU A 328 -16.00 1.66 -9.83
C LEU A 328 -15.15 2.77 -10.40
N ASP A 329 -14.87 3.82 -9.62
CA ASP A 329 -14.10 4.95 -10.15
C ASP A 329 -12.66 4.55 -10.54
N GLU A 330 -12.14 3.55 -9.84
CA GLU A 330 -10.79 3.06 -10.05
C GLU A 330 -10.80 2.12 -11.27
N ALA A 331 -11.79 1.24 -11.36
CA ALA A 331 -11.96 0.40 -12.56
C ALA A 331 -11.95 1.26 -13.86
N LEU A 332 -12.76 2.33 -13.86
CA LEU A 332 -12.84 3.21 -15.00
C LEU A 332 -11.51 3.83 -15.32
N ARG A 333 -10.81 4.32 -14.31
CA ARG A 333 -9.47 4.82 -14.51
C ARG A 333 -8.57 3.80 -15.20
N MET A 334 -8.64 2.53 -14.79
CA MET A 334 -7.81 1.48 -15.44
C MET A 334 -8.23 1.25 -16.89
N ALA A 335 -9.43 1.70 -17.27
CA ALA A 335 -9.88 1.47 -18.64
C ALA A 335 -9.82 2.73 -19.52
N THR A 336 -9.35 3.85 -18.92
CA THR A 336 -9.35 5.21 -19.52
C THR A 336 -8.05 6.00 -19.21
N LEU A 337 -8.00 6.67 -18.06
CA LEU A 337 -6.82 7.47 -17.67
C LEU A 337 -5.45 6.71 -17.69
N TYR A 338 -5.38 5.54 -17.05
CA TYR A 338 -4.11 4.82 -17.00
C TYR A 338 -3.63 4.38 -18.42
N PRO A 339 -4.54 3.79 -19.24
CA PRO A 339 -4.13 3.50 -20.64
C PRO A 339 -3.65 4.76 -21.40
N ALA A 340 -4.39 5.86 -21.28
CA ALA A 340 -3.96 7.16 -21.81
C ALA A 340 -2.58 7.62 -21.31
N LYS A 341 -2.35 7.69 -20.00
CA LYS A 341 -0.98 7.93 -19.48
C LYS A 341 0.07 6.98 -20.12
N ALA A 342 -0.21 5.68 -20.20
CA ALA A 342 0.77 4.74 -20.71
C ALA A 342 1.17 5.00 -22.17
N ILE A 343 0.28 5.56 -22.99
CA ILE A 343 0.71 5.82 -24.36
C ILE A 343 0.96 7.30 -24.68
N GLY A 344 0.93 8.14 -23.64
CA GLY A 344 1.24 9.54 -23.78
C GLY A 344 0.20 10.30 -24.57
N VAL A 345 -1.09 10.03 -24.32
CA VAL A 345 -2.19 10.83 -24.89
C VAL A 345 -3.07 11.42 -23.81
N ASP A 346 -2.62 11.37 -22.56
CA ASP A 346 -3.46 11.68 -21.40
C ASP A 346 -3.72 13.16 -21.30
N GLU A 347 -3.03 13.94 -22.11
CA GLU A 347 -3.24 15.39 -22.09
C GLU A 347 -4.46 15.69 -22.93
N LYS A 348 -4.90 14.72 -23.75
CA LYS A 348 -6.13 14.96 -24.55
C LYS A 348 -7.28 13.96 -24.34
N LEU A 349 -6.96 12.75 -23.89
CA LEU A 349 -7.93 11.72 -23.62
C LEU A 349 -7.80 11.17 -22.19
N GLY A 350 -8.85 10.50 -21.71
CA GLY A 350 -8.76 9.79 -20.43
C GLY A 350 -9.37 10.48 -19.21
N ARG A 351 -9.75 11.74 -19.37
CA ARG A 351 -10.41 12.50 -18.29
C ARG A 351 -11.58 13.30 -18.80
N ILE A 352 -12.52 13.58 -17.90
CA ILE A 352 -13.53 14.55 -18.24
C ILE A 352 -13.11 15.90 -17.71
N LYS A 353 -12.46 16.68 -18.54
CA LYS A 353 -12.12 18.05 -18.14
C LYS A 353 -11.93 19.05 -19.31
N LYS A 354 -11.99 20.34 -18.97
CA LYS A 354 -12.08 21.37 -19.97
C LYS A 354 -10.80 21.35 -20.76
N GLY A 355 -10.92 21.56 -22.07
CA GLY A 355 -9.77 21.57 -22.98
C GLY A 355 -9.55 20.24 -23.69
N MET A 356 -9.90 19.16 -23.01
CA MET A 356 -9.66 17.84 -23.56
C MET A 356 -10.73 17.44 -24.56
N ILE A 357 -10.47 16.34 -25.30
CA ILE A 357 -11.36 15.89 -26.36
C ILE A 357 -12.60 15.17 -25.82
N ALA A 358 -13.79 15.53 -26.35
CA ALA A 358 -15.06 14.95 -25.92
C ALA A 358 -15.25 13.53 -26.40
N ASN A 359 -14.56 12.59 -25.75
CA ASN A 359 -14.71 11.16 -26.02
C ASN A 359 -15.23 10.49 -24.77
N LEU A 360 -16.52 10.20 -24.78
CA LEU A 360 -17.20 9.80 -23.57
C LEU A 360 -18.05 8.58 -23.78
N THR A 361 -18.37 7.93 -22.67
CA THR A 361 -19.21 6.74 -22.67
C THR A 361 -20.26 6.89 -21.63
N VAL A 362 -21.51 6.58 -21.96
CA VAL A 362 -22.55 6.51 -20.92
C VAL A 362 -23.04 5.07 -20.74
N PHE A 363 -23.16 4.67 -19.48
CA PHE A 363 -23.61 3.33 -19.18
C PHE A 363 -24.44 3.27 -17.94
N ASP A 364 -25.49 2.44 -17.99
CA ASP A 364 -26.41 2.28 -16.87
C ASP A 364 -25.76 1.44 -15.75
N ARG A 365 -26.46 1.31 -14.63
CA ARG A 365 -26.05 0.54 -13.46
C ARG A 365 -25.80 -0.97 -13.69
N ASP A 366 -26.35 -1.53 -14.77
CA ASP A 366 -26.20 -2.95 -15.06
C ASP A 366 -25.05 -3.09 -16.03
N PHE A 367 -24.32 -2.00 -16.22
CA PHE A 367 -23.25 -1.90 -17.20
C PHE A 367 -23.71 -2.16 -18.66
N ASN A 368 -24.82 -1.55 -19.05
CA ASN A 368 -25.18 -1.48 -20.46
C ASN A 368 -24.73 -0.13 -20.96
N VAL A 369 -23.99 -0.13 -22.05
CA VAL A 369 -23.55 1.08 -22.69
C VAL A 369 -24.74 1.62 -23.50
N LYS A 370 -25.19 2.83 -23.18
CA LYS A 370 -26.39 3.41 -23.80
C LYS A 370 -26.01 4.35 -24.91
N ALA A 371 -24.81 4.92 -24.85
CA ALA A 371 -24.33 5.85 -25.89
C ALA A 371 -22.86 6.25 -25.71
N THR A 372 -22.26 6.79 -26.77
CA THR A 372 -20.93 7.39 -26.68
C THR A 372 -20.88 8.79 -27.31
N VAL A 373 -19.84 9.54 -26.96
CA VAL A 373 -19.52 10.76 -27.64
C VAL A 373 -18.15 10.56 -28.27
N VAL A 374 -17.98 10.94 -29.52
CA VAL A 374 -16.73 10.73 -30.19
C VAL A 374 -16.44 12.02 -30.92
N ASN A 375 -15.33 12.66 -30.60
CA ASN A 375 -15.08 14.02 -31.08
C ASN A 375 -16.29 14.95 -30.93
N GLY A 376 -16.95 14.94 -29.77
CA GLY A 376 -18.10 15.81 -29.59
C GLY A 376 -19.43 15.31 -30.12
N GLN A 377 -19.38 14.39 -31.07
CA GLN A 377 -20.54 13.78 -31.70
C GLN A 377 -21.20 12.72 -30.81
N TYR A 378 -22.46 12.96 -30.45
CA TYR A 378 -23.21 12.05 -29.58
C TYR A 378 -23.96 11.02 -30.41
N GLU A 379 -23.72 9.74 -30.18
CA GLU A 379 -24.40 8.69 -30.95
CA GLU A 379 -24.45 8.73 -30.94
C GLU A 379 -24.96 7.64 -29.99
N GLN A 380 -26.27 7.44 -30.05
CA GLN A 380 -26.93 6.45 -29.23
C GLN A 380 -26.72 5.02 -29.72
N ASN A 381 -26.84 4.10 -28.78
CA ASN A 381 -26.62 2.68 -29.02
C ASN A 381 -27.83 1.94 -29.59
N ALA B 3 -36.46 -26.10 13.35
CA ALA B 3 -35.90 -26.69 12.10
C ALA B 3 -34.99 -25.69 11.38
N MET B 4 -34.02 -26.21 10.60
CA MET B 4 -33.10 -25.38 9.80
C MET B 4 -33.81 -24.72 8.62
N TYR B 5 -33.22 -23.61 8.12
CA TYR B 5 -33.65 -22.98 6.86
C TYR B 5 -32.49 -22.30 6.17
N ALA B 6 -32.70 -21.98 4.89
CA ALA B 6 -31.66 -21.43 4.02
C ALA B 6 -32.12 -20.15 3.36
N LEU B 7 -31.20 -19.20 3.21
CA LEU B 7 -31.47 -17.96 2.47
C LEU B 7 -30.86 -18.10 1.11
N THR B 8 -31.59 -17.70 0.08
CA THR B 8 -31.18 -17.91 -1.32
C THR B 8 -31.41 -16.71 -2.21
N ASN B 9 -30.94 -16.78 -3.44
CA ASN B 9 -31.17 -15.76 -4.45
C ASN B 9 -30.66 -14.43 -3.90
N CYS B 10 -29.35 -14.42 -3.63
CA CYS B 10 -28.68 -13.27 -3.05
C CYS B 10 -27.20 -13.28 -3.41
N LYS B 11 -26.57 -12.12 -3.31
CA LYS B 11 -25.14 -12.02 -3.43
C LYS B 11 -24.61 -12.06 -2.00
N ILE B 12 -23.64 -12.93 -1.70
CA ILE B 12 -23.26 -13.12 -0.30
C ILE B 12 -21.87 -12.56 -0.01
N TYR B 13 -21.84 -11.53 0.84
CA TYR B 13 -20.59 -10.92 1.19
C TYR B 13 -20.11 -11.55 2.47
N THR B 14 -19.32 -12.61 2.36
CA THR B 14 -18.97 -13.38 3.56
C THR B 14 -18.05 -12.57 4.49
N GLY B 15 -17.36 -11.62 3.91
CA GLY B 15 -16.32 -10.94 4.64
C GLY B 15 -14.99 -11.34 4.05
N ASN B 16 -14.93 -12.51 3.43
CA ASN B 16 -13.72 -12.99 2.73
C ASN B 16 -13.93 -13.10 1.23
N ASP B 17 -15.18 -13.21 0.82
CA ASP B 17 -15.51 -13.60 -0.55
C ASP B 17 -16.87 -13.07 -0.91
N VAL B 18 -17.09 -12.76 -2.19
CA VAL B 18 -18.42 -12.41 -2.64
C VAL B 18 -18.91 -13.53 -3.54
N LEU B 19 -20.03 -14.13 -3.14
CA LEU B 19 -20.58 -15.33 -3.77
C LEU B 19 -21.94 -15.15 -4.48
N VAL B 20 -21.96 -15.49 -5.76
CA VAL B 20 -23.16 -15.63 -6.57
C VAL B 20 -23.62 -17.12 -6.59
N LYS B 21 -24.92 -17.38 -6.69
CA LYS B 21 -25.44 -18.74 -6.84
C LYS B 21 -25.17 -19.59 -5.61
N HIS B 22 -25.18 -18.95 -4.45
CA HIS B 22 -24.94 -19.71 -3.22
C HIS B 22 -26.08 -19.50 -2.28
N ALA B 23 -25.99 -20.15 -1.13
CA ALA B 23 -27.00 -20.06 -0.10
C ALA B 23 -26.40 -20.01 1.31
N VAL B 24 -27.14 -19.45 2.27
CA VAL B 24 -26.72 -19.58 3.65
C VAL B 24 -27.70 -20.45 4.44
N ILE B 25 -27.16 -21.44 5.17
CA ILE B 25 -28.02 -22.28 5.95
C ILE B 25 -27.93 -21.89 7.40
N ILE B 26 -29.11 -21.66 7.99
CA ILE B 26 -29.26 -21.23 9.35
C ILE B 26 -29.82 -22.35 10.18
N ASN B 27 -29.35 -22.41 11.42
CA ASN B 27 -29.67 -23.46 12.35
C ASN B 27 -29.70 -22.95 13.77
N GLY B 28 -30.91 -22.76 14.29
CA GLY B 28 -31.08 -22.15 15.60
C GLY B 28 -30.50 -20.76 15.55
N ASP B 29 -29.58 -20.47 16.47
CA ASP B 29 -28.94 -19.17 16.57
C ASP B 29 -27.60 -19.07 15.76
N LYS B 30 -27.34 -20.03 14.89
CA LYS B 30 -26.02 -20.20 14.25
C LYS B 30 -26.06 -20.40 12.75
N ILE B 31 -24.90 -20.29 12.12
CA ILE B 31 -24.78 -20.43 10.67
C ILE B 31 -24.22 -21.82 10.40
N GLU B 32 -25.04 -22.71 9.82
CA GLU B 32 -24.62 -24.09 9.53
C GLU B 32 -23.58 -24.21 8.43
N ALA B 33 -23.86 -23.54 7.31
CA ALA B 33 -23.03 -23.67 6.14
C ALA B 33 -23.35 -22.61 5.11
N VAL B 34 -22.36 -22.33 4.27
CA VAL B 34 -22.52 -21.54 3.06
C VAL B 34 -22.21 -22.57 1.99
N CYS B 35 -23.08 -22.72 0.99
CA CYS B 35 -22.88 -23.76 -0.01
C CYS B 35 -23.46 -23.32 -1.35
N PRO B 36 -22.98 -23.93 -2.47
CA PRO B 36 -23.65 -23.61 -3.75
C PRO B 36 -25.12 -23.95 -3.62
N ILE B 37 -25.96 -23.28 -4.39
CA ILE B 37 -27.40 -23.54 -4.31
C ILE B 37 -27.80 -25.00 -4.62
N GLU B 38 -27.11 -25.62 -5.59
CA GLU B 38 -27.41 -26.99 -6.03
C GLU B 38 -27.25 -28.02 -4.93
N SER B 39 -26.41 -27.72 -3.93
CA SER B 39 -26.12 -28.67 -2.84
C SER B 39 -27.14 -28.62 -1.72
N LEU B 40 -28.22 -27.87 -1.92
CA LEU B 40 -29.23 -27.72 -0.89
C LEU B 40 -30.14 -28.95 -0.77
N PRO B 41 -30.15 -29.57 0.43
CA PRO B 41 -31.16 -30.56 0.76
C PRO B 41 -32.49 -30.30 0.04
N SER B 42 -32.88 -31.25 -0.83
CA SER B 42 -34.11 -31.18 -1.61
C SER B 42 -35.27 -30.62 -0.78
N GLU B 43 -35.29 -30.99 0.50
CA GLU B 43 -36.40 -30.69 1.38
C GLU B 43 -36.12 -29.67 2.51
N MET B 44 -35.24 -28.71 2.19
CA MET B 44 -34.86 -27.60 3.11
C MET B 44 -35.73 -26.36 2.85
N ASN B 45 -36.25 -25.78 3.93
CA ASN B 45 -37.13 -24.61 3.82
C ASN B 45 -36.37 -23.33 3.42
N VAL B 46 -36.69 -22.78 2.24
CA VAL B 46 -35.88 -21.74 1.59
C VAL B 46 -36.52 -20.38 1.72
N VAL B 47 -35.72 -19.36 2.06
CA VAL B 47 -36.15 -17.96 2.00
C VAL B 47 -35.51 -17.30 0.77
N ASP B 48 -36.36 -16.92 -0.18
CA ASP B 48 -35.92 -16.28 -1.40
C ASP B 48 -35.70 -14.80 -1.07
N LEU B 49 -34.58 -14.27 -1.55
CA LEU B 49 -34.19 -12.89 -1.22
C LEU B 49 -34.17 -11.98 -2.45
N ASN B 50 -34.88 -12.40 -3.50
CA ASN B 50 -35.11 -11.54 -4.65
CA ASN B 50 -35.11 -11.54 -4.66
C ASN B 50 -33.83 -10.87 -5.18
N GLY B 51 -32.69 -11.56 -5.14
CA GLY B 51 -31.45 -11.02 -5.71
C GLY B 51 -30.74 -9.93 -4.89
N ALA B 52 -31.08 -9.80 -3.62
CA ALA B 52 -30.51 -8.75 -2.77
C ALA B 52 -29.12 -9.13 -2.21
N ASN B 53 -28.49 -8.22 -1.48
CA ASN B 53 -27.18 -8.53 -0.94
C ASN B 53 -27.28 -9.03 0.49
N LEU B 54 -26.44 -9.98 0.84
CA LEU B 54 -26.47 -10.52 2.18
C LEU B 54 -25.12 -10.33 2.82
N SER B 55 -25.10 -9.78 4.02
CA SER B 55 -23.86 -9.64 4.75
C SER B 55 -24.09 -9.78 6.25
N PRO B 56 -23.00 -9.91 7.04
CA PRO B 56 -23.16 -9.83 8.49
C PRO B 56 -23.96 -8.57 8.90
N GLY B 57 -24.71 -8.65 9.98
CA GLY B 57 -25.37 -7.49 10.54
C GLY B 57 -24.31 -6.46 10.88
N PHE B 58 -24.66 -5.20 10.80
CA PHE B 58 -23.70 -4.15 11.12
C PHE B 58 -23.53 -3.93 12.65
N ILE B 59 -22.28 -3.76 13.05
CA ILE B 59 -21.90 -3.54 14.43
C ILE B 59 -21.52 -2.07 14.66
N ASP B 60 -22.29 -1.36 15.48
CA ASP B 60 -22.06 0.07 15.65
C ASP B 60 -21.46 0.33 17.00
N LEU B 61 -20.15 0.56 17.02
CA LEU B 61 -19.44 0.72 18.30
C LEU B 61 -19.56 2.10 18.98
N GLN B 62 -20.34 3.03 18.41
CA GLN B 62 -20.60 4.24 19.16
C GLN B 62 -22.02 4.74 18.85
N LEU B 63 -22.89 4.63 19.85
CA LEU B 63 -24.31 4.97 19.70
C LEU B 63 -24.93 5.53 21.02
N ASN B 64 -25.31 6.79 20.96
CA ASN B 64 -25.86 7.54 22.10
C ASN B 64 -27.36 7.39 22.12
N GLY B 65 -27.95 7.28 20.94
CA GLY B 65 -29.38 7.13 20.86
C GLY B 65 -29.87 7.07 19.44
N CYS B 66 -31.18 6.86 19.33
CA CYS B 66 -31.85 6.64 18.07
C CYS B 66 -33.25 6.20 18.38
N GLY B 67 -34.08 6.12 17.34
CA GLY B 67 -35.47 5.76 17.51
C GLY B 67 -36.17 6.73 18.44
N GLY B 68 -35.64 7.94 18.53
CA GLY B 68 -36.31 9.00 19.24
C GLY B 68 -35.98 9.03 20.72
N VAL B 69 -35.05 8.19 21.17
CA VAL B 69 -34.61 8.23 22.58
C VAL B 69 -33.09 8.38 22.70
N MET B 70 -32.67 8.96 23.83
CA MET B 70 -31.29 9.16 24.24
C MET B 70 -30.96 8.40 25.54
N PHE B 71 -30.02 7.46 25.45
CA PHE B 71 -29.62 6.64 26.59
C PHE B 71 -29.38 7.43 27.86
N ASN B 72 -28.68 8.56 27.74
CA ASN B 72 -28.39 9.41 28.88
C ASN B 72 -29.64 9.92 29.62
N ASP B 73 -30.77 10.00 28.92
CA ASP B 73 -32.04 10.51 29.52
C ASP B 73 -32.81 9.44 30.24
N GLU B 74 -33.09 8.35 29.54
CA GLU B 74 -33.70 7.17 30.14
C GLU B 74 -32.69 6.04 30.19
N ILE B 75 -31.89 6.00 31.25
CA ILE B 75 -30.84 4.99 31.41
C ILE B 75 -31.38 3.64 31.86
N THR B 76 -32.12 2.95 31.00
CA THR B 76 -32.68 1.65 31.39
C THR B 76 -32.50 0.58 30.32
N ALA B 77 -32.92 -0.63 30.65
CA ALA B 77 -32.97 -1.71 29.70
C ALA B 77 -33.97 -1.43 28.59
N GLU B 78 -35.10 -0.84 28.96
CA GLU B 78 -36.15 -0.53 28.03
C GLU B 78 -35.65 0.40 26.89
N THR B 79 -34.78 1.35 27.23
CA THR B 79 -34.25 2.33 26.27
C THR B 79 -33.31 1.62 25.27
N ILE B 80 -32.41 0.80 25.82
CA ILE B 80 -31.51 -0.06 25.03
C ILE B 80 -32.34 -0.96 24.10
N ASP B 81 -33.46 -1.45 24.60
CA ASP B 81 -34.32 -2.29 23.79
C ASP B 81 -34.95 -1.49 22.64
N THR B 82 -35.43 -0.27 22.93
CA THR B 82 -35.98 0.63 21.91
C THR B 82 -34.95 0.97 20.85
N MET B 83 -33.70 1.16 21.28
CA MET B 83 -32.59 1.47 20.41
C MET B 83 -32.20 0.29 19.52
N HIS B 84 -32.16 -0.91 20.09
CA HIS B 84 -31.95 -2.10 19.28
C HIS B 84 -33.01 -2.22 18.17
N LYS B 85 -34.29 -2.00 18.48
CA LYS B 85 -35.32 -2.19 17.45
C LYS B 85 -35.17 -1.19 16.31
N ALA B 86 -34.83 0.06 16.65
CA ALA B 86 -34.64 1.09 15.63
C ALA B 86 -33.42 0.78 14.76
N ASN B 87 -32.27 0.48 15.39
CA ASN B 87 -31.07 -0.07 14.68
C ASN B 87 -31.36 -1.08 13.57
N LEU B 88 -32.21 -2.07 13.88
CA LEU B 88 -32.56 -3.15 12.93
C LEU B 88 -33.10 -2.66 11.61
N LYS B 89 -33.93 -1.61 11.64
CA LYS B 89 -34.48 -0.96 10.44
C LYS B 89 -33.40 -0.34 9.53
N SER B 90 -32.21 -0.14 10.05
CA SER B 90 -31.11 0.28 9.16
C SER B 90 -29.92 -0.71 9.09
N GLY B 91 -30.16 -1.99 9.42
CA GLY B 91 -29.20 -3.05 9.21
C GLY B 91 -28.32 -3.38 10.40
N CYS B 92 -28.44 -2.59 11.48
CA CYS B 92 -27.52 -2.70 12.61
C CYS B 92 -28.06 -3.67 13.65
N THR B 93 -27.37 -4.79 13.81
CA THR B 93 -27.82 -5.90 14.67
C THR B 93 -27.17 -5.99 16.05
N SER B 94 -25.97 -5.46 16.20
CA SER B 94 -25.33 -5.41 17.51
C SER B 94 -24.75 -3.99 17.66
N PHE B 95 -24.63 -3.48 18.89
CA PHE B 95 -24.12 -2.13 19.14
C PHE B 95 -23.56 -1.95 20.57
N LEU B 96 -22.87 -0.83 20.82
CA LEU B 96 -22.46 -0.41 22.15
C LEU B 96 -23.29 0.80 22.60
N PRO B 97 -24.24 0.59 23.55
CA PRO B 97 -24.91 1.76 24.09
C PRO B 97 -23.85 2.63 24.74
N THR B 98 -23.92 3.91 24.39
CA THR B 98 -22.92 4.86 24.80
C THR B 98 -23.49 5.84 25.79
N LEU B 99 -22.87 5.94 26.94
CA LEU B 99 -23.19 6.94 27.91
C LEU B 99 -22.12 8.00 27.89
N ILE B 100 -22.54 9.23 27.64
CA ILE B 100 -21.62 10.33 27.64
C ILE B 100 -21.46 10.84 29.07
N THR B 101 -20.40 11.64 29.25
CA THR B 101 -19.92 12.03 30.57
C THR B 101 -21.06 12.50 31.47
N SER B 102 -21.29 11.73 32.54
CA SER B 102 -22.31 12.05 33.56
C SER B 102 -21.78 11.75 34.97
N SER B 103 -22.68 11.67 35.93
CA SER B 103 -22.30 11.47 37.33
C SER B 103 -21.92 10.02 37.56
N ASP B 104 -21.30 9.75 38.71
CA ASP B 104 -20.97 8.38 39.08
C ASP B 104 -22.21 7.56 39.28
N GLU B 105 -23.26 8.19 39.78
CA GLU B 105 -24.55 7.52 39.92
C GLU B 105 -25.05 7.08 38.56
N ASN B 106 -25.04 8.02 37.62
CA ASN B 106 -25.47 7.74 36.26
C ASN B 106 -24.76 6.56 35.62
N MET B 107 -23.44 6.47 35.83
CA MET B 107 -22.66 5.31 35.39
C MET B 107 -23.12 4.02 36.07
N ARG B 108 -23.27 4.06 37.40
CA ARG B 108 -23.73 2.91 38.16
C ARG B 108 -25.05 2.40 37.59
N GLN B 109 -25.92 3.32 37.16
CA GLN B 109 -27.16 2.95 36.47
C GLN B 109 -26.96 2.33 35.08
N ALA B 110 -26.03 2.88 34.30
CA ALA B 110 -25.72 2.37 32.96
C ALA B 110 -25.23 0.93 33.08
N ILE B 111 -24.32 0.72 34.02
CA ILE B 111 -23.87 -0.63 34.35
C ILE B 111 -25.03 -1.56 34.72
N ALA B 112 -25.97 -1.11 35.54
CA ALA B 112 -27.07 -1.98 35.94
C ALA B 112 -28.02 -2.27 34.77
N ALA B 113 -28.34 -1.24 33.99
CA ALA B 113 -29.22 -1.37 32.82
C ALA B 113 -28.65 -2.29 31.75
N ALA B 114 -27.35 -2.15 31.49
CA ALA B 114 -26.71 -3.00 30.50
C ALA B 114 -26.72 -4.46 30.99
N ARG B 115 -26.29 -4.67 32.24
CA ARG B 115 -26.35 -5.98 32.87
C ARG B 115 -27.73 -6.62 32.80
N GLU B 116 -28.79 -5.83 32.96
CA GLU B 116 -30.13 -6.40 32.88
C GLU B 116 -30.46 -6.76 31.45
N TYR B 117 -30.04 -5.92 30.51
CA TYR B 117 -30.43 -6.12 29.14
C TYR B 117 -29.73 -7.34 28.61
N GLN B 118 -28.41 -7.36 28.79
CA GLN B 118 -27.52 -8.40 28.26
C GLN B 118 -27.76 -9.77 28.86
N ALA B 119 -28.46 -9.84 30.00
CA ALA B 119 -28.77 -11.14 30.55
C ALA B 119 -29.91 -11.78 29.74
N LYS B 120 -30.73 -10.95 29.09
CA LYS B 120 -31.94 -11.37 28.36
C LYS B 120 -31.71 -11.67 26.87
N TYR B 121 -30.88 -10.86 26.22
CA TYR B 121 -30.56 -11.04 24.82
C TYR B 121 -29.04 -11.03 24.63
N PRO B 122 -28.50 -12.08 23.99
CA PRO B 122 -27.07 -11.98 23.68
C PRO B 122 -26.84 -11.38 22.30
N ASN B 123 -25.61 -10.91 22.07
CA ASN B 123 -25.17 -10.52 20.73
C ASN B 123 -25.90 -9.31 20.09
N GLN B 124 -26.45 -8.43 20.92
CA GLN B 124 -27.17 -7.24 20.47
C GLN B 124 -26.50 -6.01 21.09
N SER B 125 -26.74 -5.75 22.37
CA SER B 125 -25.78 -4.93 23.07
C SER B 125 -24.54 -5.77 23.41
N LEU B 126 -23.40 -5.35 22.86
CA LEU B 126 -22.14 -6.05 23.11
C LEU B 126 -21.41 -5.51 24.34
N GLY B 127 -22.01 -4.55 25.02
CA GLY B 127 -21.39 -4.01 26.21
C GLY B 127 -21.58 -2.53 26.19
N LEU B 128 -21.28 -1.90 27.30
CA LEU B 128 -21.40 -0.45 27.42
C LEU B 128 -20.23 0.24 26.76
N HIS B 129 -20.46 1.43 26.25
CA HIS B 129 -19.37 2.28 25.84
C HIS B 129 -19.49 3.56 26.65
N LEU B 130 -18.54 3.80 27.56
CA LEU B 130 -18.56 5.04 28.32
C LEU B 130 -17.68 6.12 27.68
N GLU B 131 -18.29 7.02 26.88
CA GLU B 131 -17.59 8.17 26.26
C GLU B 131 -17.45 9.27 27.32
N GLY B 132 -16.37 9.20 28.08
CA GLY B 132 -16.20 10.11 29.19
C GLY B 132 -16.37 9.33 30.48
N PRO B 133 -16.23 9.98 31.63
CA PRO B 133 -16.09 11.41 31.87
C PRO B 133 -14.65 11.90 31.98
N TYR B 134 -13.69 10.98 31.81
CA TYR B 134 -12.27 11.30 31.96
C TYR B 134 -11.69 11.95 30.71
N LEU B 135 -12.12 13.18 30.43
CA LEU B 135 -11.84 13.87 29.17
C LEU B 135 -11.04 15.16 29.38
N ASN B 136 -10.67 15.84 28.31
CA ASN B 136 -10.08 17.15 28.44
C ASN B 136 -11.18 18.20 28.29
N VAL B 137 -11.21 19.15 29.22
CA VAL B 137 -12.10 20.34 29.16
C VAL B 137 -11.99 21.15 27.84
N MET B 138 -10.76 21.27 27.31
CA MET B 138 -10.49 22.03 26.09
C MET B 138 -11.07 21.39 24.82
N LYS B 139 -11.38 20.10 24.86
CA LYS B 139 -12.04 19.46 23.73
C LYS B 139 -13.32 18.84 24.23
N LYS B 140 -14.03 19.62 25.05
CA LYS B 140 -15.32 19.23 25.65
C LYS B 140 -16.46 18.81 24.68
N GLY B 141 -16.80 19.67 23.70
CA GLY B 141 -18.03 19.52 22.90
C GLY B 141 -19.29 19.53 23.76
N ILE B 142 -20.22 18.62 23.44
CA ILE B 142 -21.52 18.46 24.15
C ILE B 142 -21.42 18.02 25.62
N HIS B 143 -20.23 17.59 26.04
CA HIS B 143 -19.98 17.10 27.41
C HIS B 143 -19.95 18.24 28.44
N SER B 144 -20.82 18.12 29.44
CA SER B 144 -20.94 19.13 30.47
C SER B 144 -19.65 19.31 31.25
N VAL B 145 -19.16 20.56 31.25
CA VAL B 145 -18.03 20.97 32.08
C VAL B 145 -18.22 20.47 33.52
N ASP B 146 -19.47 20.38 33.95
CA ASP B 146 -19.83 19.95 35.32
C ASP B 146 -19.33 18.54 35.66
N PHE B 147 -19.27 17.65 34.66
CA PHE B 147 -18.90 16.27 34.95
C PHE B 147 -17.53 15.78 34.46
N ILE B 148 -16.86 16.57 33.60
CA ILE B 148 -15.54 16.17 33.12
C ILE B 148 -14.59 16.25 34.30
N ARG B 149 -14.00 15.13 34.66
CA ARG B 149 -13.11 15.12 35.81
C ARG B 149 -11.94 14.25 35.49
N PRO B 150 -10.85 14.34 36.28
CA PRO B 150 -9.81 13.31 36.06
C PRO B 150 -10.32 11.95 36.52
N SER B 151 -9.79 10.87 35.95
CA SER B 151 -10.07 9.53 36.49
C SER B 151 -9.47 9.36 37.91
N ASP B 152 -10.18 8.62 38.76
CA ASP B 152 -9.76 8.37 40.15
C ASP B 152 -9.82 6.86 40.33
N ASP B 153 -9.07 6.32 41.30
CA ASP B 153 -8.99 4.84 41.50
C ASP B 153 -10.37 4.20 41.70
N THR B 154 -11.22 4.86 42.49
CA THR B 154 -12.51 4.35 42.91
C THR B 154 -13.34 3.89 41.73
N MET B 155 -13.73 4.84 40.88
CA MET B 155 -14.63 4.57 39.78
C MET B 155 -14.02 3.64 38.77
N ILE B 156 -12.70 3.74 38.61
CA ILE B 156 -11.97 2.90 37.69
C ILE B 156 -12.05 1.46 38.16
N ASP B 157 -11.93 1.25 39.47
CA ASP B 157 -12.07 -0.10 40.05
C ASP B 157 -13.49 -0.65 39.93
N THR B 158 -14.49 0.19 40.15
CA THR B 158 -15.86 -0.18 39.85
C THR B 158 -16.00 -0.62 38.40
N ILE B 159 -15.50 0.19 37.48
CA ILE B 159 -15.61 -0.14 36.05
C ILE B 159 -14.93 -1.45 35.73
N CYS B 160 -13.72 -1.63 36.27
CA CYS B 160 -12.94 -2.85 36.04
C CYS B 160 -13.59 -4.11 36.59
N ALA B 161 -14.37 -3.95 37.65
CA ALA B 161 -15.06 -5.07 38.29
C ALA B 161 -16.33 -5.42 37.52
N ASN B 162 -16.70 -4.56 36.58
CA ASN B 162 -17.85 -4.80 35.72
C ASN B 162 -17.49 -5.04 34.28
N SER B 163 -16.21 -5.34 34.07
CA SER B 163 -15.67 -5.52 32.74
C SER B 163 -16.50 -6.47 31.88
N ASP B 164 -17.35 -7.24 32.53
CA ASP B 164 -18.16 -8.20 31.79
C ASP B 164 -19.39 -7.58 31.16
N VAL B 165 -19.50 -6.27 31.30
CA VAL B 165 -20.67 -5.59 30.80
C VAL B 165 -20.26 -4.21 30.21
N ILE B 166 -19.01 -3.85 30.37
CA ILE B 166 -18.46 -2.70 29.68
C ILE B 166 -17.51 -3.14 28.56
N ALA B 167 -17.87 -2.82 27.32
CA ALA B 167 -17.00 -3.10 26.18
C ALA B 167 -15.83 -2.10 26.03
N LYS B 168 -16.11 -0.80 26.22
CA LYS B 168 -15.19 0.27 25.83
C LYS B 168 -15.21 1.51 26.73
N VAL B 169 -14.05 2.08 27.00
CA VAL B 169 -14.03 3.38 27.63
C VAL B 169 -13.27 4.41 26.77
N THR B 170 -13.83 5.61 26.61
CA THR B 170 -13.17 6.67 25.86
C THR B 170 -12.64 7.68 26.87
N LEU B 171 -11.37 7.98 26.78
CA LEU B 171 -10.80 8.93 27.69
C LEU B 171 -9.67 9.72 27.03
N ALA B 172 -9.40 10.90 27.59
CA ALA B 172 -8.24 11.72 27.26
C ALA B 172 -7.13 11.34 28.22
N PRO B 173 -6.06 10.77 27.68
CA PRO B 173 -5.06 10.21 28.61
C PRO B 173 -3.99 11.20 29.06
N GLU B 174 -3.86 12.32 28.36
CA GLU B 174 -2.70 13.22 28.59
C GLU B 174 -2.54 13.62 30.06
N ASN B 175 -3.65 13.88 30.71
CA ASN B 175 -3.59 14.28 32.08
C ASN B 175 -3.97 13.17 33.05
N ASN B 176 -4.33 12.00 32.54
CA ASN B 176 -4.73 10.91 33.42
C ASN B 176 -3.61 9.94 33.86
N LYS B 177 -3.88 9.16 34.92
CA LYS B 177 -2.94 8.14 35.40
C LYS B 177 -2.78 7.01 34.38
N PRO B 178 -1.55 6.83 33.88
CA PRO B 178 -1.27 5.73 32.98
C PRO B 178 -1.84 4.42 33.53
N GLU B 179 -1.58 4.15 34.80
CA GLU B 179 -1.99 2.91 35.45
C GLU B 179 -3.47 2.60 35.26
N HIS B 180 -4.25 3.64 34.95
CA HIS B 180 -5.72 3.48 34.84
C HIS B 180 -6.08 2.79 33.54
N ILE B 181 -5.38 3.18 32.49
CA ILE B 181 -5.49 2.50 31.24
C ILE B 181 -5.01 1.06 31.43
N GLU B 182 -3.90 0.90 32.15
CA GLU B 182 -3.33 -0.44 32.46
C GLU B 182 -4.34 -1.38 33.10
N LYS B 183 -5.04 -0.88 34.10
CA LYS B 183 -6.03 -1.68 34.82
C LYS B 183 -7.27 -2.06 33.98
N LEU B 184 -7.69 -1.14 33.12
CA LEU B 184 -8.87 -1.32 32.28
C LEU B 184 -8.60 -2.33 31.20
N VAL B 185 -7.37 -2.34 30.68
CA VAL B 185 -6.99 -3.31 29.65
C VAL B 185 -6.91 -4.74 30.19
N LYS B 186 -6.24 -4.89 31.34
CA LYS B 186 -6.14 -6.19 32.03
C LYS B 186 -7.52 -6.65 32.47
N ALA B 187 -8.43 -5.72 32.72
CA ALA B 187 -9.82 -6.06 32.95
C ALA B 187 -10.57 -6.50 31.68
N GLY B 188 -9.96 -6.33 30.51
CA GLY B 188 -10.61 -6.80 29.27
C GLY B 188 -11.55 -5.78 28.65
N ILE B 189 -11.43 -4.53 29.07
CA ILE B 189 -12.18 -3.44 28.42
C ILE B 189 -11.29 -2.72 27.38
N VAL B 190 -11.84 -2.42 26.23
CA VAL B 190 -11.07 -1.76 25.20
C VAL B 190 -10.94 -0.31 25.61
N VAL B 191 -9.72 0.21 25.65
CA VAL B 191 -9.54 1.62 25.96
C VAL B 191 -9.22 2.54 24.76
N SER B 192 -10.08 3.54 24.56
CA SER B 192 -10.04 4.42 23.38
C SER B 192 -9.73 5.89 23.72
N ILE B 193 -8.86 6.48 22.90
CA ILE B 193 -8.51 7.87 23.01
C ILE B 193 -9.55 8.77 22.28
N GLY B 194 -9.96 9.84 22.95
CA GLY B 194 -10.89 10.76 22.37
C GLY B 194 -11.06 12.03 23.19
N HIS B 195 -11.77 13.00 22.64
CA HIS B 195 -12.08 14.22 23.37
C HIS B 195 -10.83 14.72 24.10
N THR B 196 -9.74 14.80 23.35
CA THR B 196 -8.42 14.93 23.93
C THR B 196 -7.65 16.05 23.33
N ASN B 197 -6.77 16.62 24.15
CA ASN B 197 -5.82 17.62 23.68
C ASN B 197 -4.37 17.08 23.68
N ALA B 198 -4.21 15.78 23.52
CA ALA B 198 -2.89 15.16 23.74
C ALA B 198 -1.93 15.53 22.62
N THR B 199 -0.63 15.53 22.87
CA THR B 199 0.32 15.70 21.80
C THR B 199 0.50 14.34 21.10
N TYR B 200 1.31 14.31 20.06
CA TYR B 200 1.75 13.05 19.50
C TYR B 200 2.47 12.17 20.58
N SER B 201 3.46 12.74 21.27
CA SER B 201 4.18 12.05 22.34
C SER B 201 3.27 11.39 23.33
N GLU B 202 2.33 12.15 23.88
CA GLU B 202 1.35 11.61 24.86
C GLU B 202 0.43 10.57 24.24
N ALA B 203 -0.01 10.75 22.99
CA ALA B 203 -0.90 9.74 22.39
C ALA B 203 -0.13 8.41 22.24
N ARG B 204 1.10 8.52 21.76
CA ARG B 204 1.92 7.34 21.68
C ARG B 204 2.17 6.67 23.05
N LYS B 205 2.42 7.45 24.09
CA LYS B 205 2.53 6.85 25.42
C LYS B 205 1.29 6.10 25.80
N SER B 206 0.12 6.70 25.56
CA SER B 206 -1.11 6.02 25.92
C SER B 206 -1.37 4.72 25.13
N PHE B 207 -0.79 4.61 23.94
CA PHE B 207 -0.88 3.38 23.15
C PHE B 207 -0.02 2.28 23.82
N GLU B 208 1.13 2.72 24.33
CA GLU B 208 2.07 1.88 25.04
C GLU B 208 1.40 1.36 26.29
N SER B 209 0.55 2.20 26.90
CA SER B 209 -0.26 1.75 28.06
C SER B 209 -1.42 0.83 27.71
N GLY B 210 -1.78 0.73 26.43
CA GLY B 210 -2.81 -0.24 26.02
C GLY B 210 -4.02 0.28 25.27
N ILE B 211 -4.08 1.59 25.08
CA ILE B 211 -5.12 2.15 24.18
C ILE B 211 -5.02 1.58 22.75
N THR B 212 -6.12 1.04 22.25
CA THR B 212 -6.09 0.36 20.96
C THR B 212 -7.16 0.93 20.02
N PHE B 213 -7.71 2.09 20.37
CA PHE B 213 -8.84 2.63 19.64
C PHE B 213 -8.86 4.15 19.77
N ALA B 214 -9.44 4.80 18.76
CA ALA B 214 -9.57 6.22 18.76
C ALA B 214 -11.01 6.56 18.43
N THR B 215 -11.65 7.32 19.31
CA THR B 215 -13.05 7.64 19.14
C THR B 215 -13.29 8.79 18.16
N HIS B 216 -14.23 8.59 17.22
CA HIS B 216 -14.47 9.50 16.08
C HIS B 216 -13.26 10.32 15.62
N LEU B 217 -12.40 9.66 14.85
CA LEU B 217 -11.24 10.27 14.24
C LEU B 217 -11.54 11.66 13.62
N PHE B 218 -10.71 12.64 13.96
CA PHE B 218 -10.78 14.03 13.50
C PHE B 218 -11.63 14.95 14.33
N ASN B 219 -12.68 14.42 14.95
CA ASN B 219 -13.52 15.21 15.83
C ASN B 219 -13.01 15.22 17.29
N ALA B 220 -13.01 16.41 17.91
CA ALA B 220 -12.71 16.55 19.33
C ALA B 220 -11.38 15.90 19.66
N MET B 221 -10.36 16.25 18.88
CA MET B 221 -9.11 15.52 18.88
C MET B 221 -8.04 16.46 18.35
N THR B 222 -6.82 16.36 18.86
CA THR B 222 -5.75 17.25 18.34
C THR B 222 -5.25 16.91 16.90
N PRO B 223 -5.19 17.91 16.01
CA PRO B 223 -5.00 17.57 14.59
C PRO B 223 -3.52 17.47 14.10
N MET B 224 -3.31 16.99 12.88
CA MET B 224 -1.97 16.91 12.39
C MET B 224 -1.50 18.23 11.79
N VAL B 225 -0.60 18.92 12.48
CA VAL B 225 0.07 20.09 11.90
C VAL B 225 1.60 19.86 11.81
N GLY B 226 2.27 20.65 10.99
CA GLY B 226 3.68 20.43 10.62
C GLY B 226 4.61 20.00 11.74
N ARG B 227 4.68 20.82 12.78
CA ARG B 227 5.62 20.57 13.84
C ARG B 227 4.99 19.82 14.99
N GLU B 228 3.72 19.46 14.83
CA GLU B 228 2.98 18.77 15.90
C GLU B 228 1.93 17.78 15.36
N PRO B 229 2.35 16.53 15.18
CA PRO B 229 1.51 15.55 14.48
C PRO B 229 0.17 15.30 15.17
N GLY B 230 0.09 15.63 16.45
CA GLY B 230 -1.14 15.50 17.22
C GLY B 230 -1.60 14.06 17.41
N VAL B 231 -2.87 13.95 17.74
CA VAL B 231 -3.48 12.67 17.92
C VAL B 231 -3.75 11.99 16.57
N VAL B 232 -4.27 12.74 15.61
CA VAL B 232 -4.48 12.24 14.25
C VAL B 232 -3.16 11.65 13.73
N GLY B 233 -2.06 12.33 13.88
CA GLY B 233 -0.82 11.80 13.42
C GLY B 233 -0.38 10.56 14.18
N ALA B 234 -0.46 10.60 15.50
CA ALA B 234 -0.22 9.43 16.32
C ALA B 234 -1.01 8.22 15.83
N ILE B 235 -2.29 8.37 15.46
CA ILE B 235 -3.10 7.23 14.98
C ILE B 235 -2.63 6.75 13.59
N TYR B 236 -2.22 7.70 12.75
CA TYR B 236 -1.68 7.34 11.45
C TYR B 236 -0.34 6.57 11.53
N ASP B 237 0.40 6.74 12.66
CA ASP B 237 1.74 6.24 12.76
C ASP B 237 1.72 4.96 13.59
N THR B 238 0.53 4.54 14.05
CA THR B 238 0.46 3.42 14.97
C THR B 238 -0.42 2.25 14.46
N PRO B 239 0.22 1.22 13.87
CA PRO B 239 -0.51 0.12 13.20
C PRO B 239 -1.50 -0.63 14.12
N GLU B 240 -1.27 -0.64 15.43
CA GLU B 240 -2.13 -1.46 16.28
C GLU B 240 -3.50 -0.79 16.56
N VAL B 241 -3.60 0.51 16.24
CA VAL B 241 -4.69 1.34 16.76
C VAL B 241 -5.84 1.49 15.80
N TYR B 242 -7.02 1.04 16.19
CA TYR B 242 -8.27 1.19 15.43
C TYR B 242 -8.77 2.63 15.49
N ALA B 243 -9.53 3.05 14.50
CA ALA B 243 -10.08 4.41 14.50
C ALA B 243 -11.51 4.36 13.97
N GLY B 244 -12.45 4.90 14.75
CA GLY B 244 -13.83 4.95 14.36
C GLY B 244 -14.03 6.25 13.61
N ILE B 245 -14.88 6.24 12.60
CA ILE B 245 -15.02 7.43 11.80
C ILE B 245 -16.46 7.59 11.34
N ILE B 246 -16.96 8.81 11.38
CA ILE B 246 -18.34 9.13 11.06
C ILE B 246 -18.43 9.61 9.62
N ALA B 247 -19.09 8.82 8.80
CA ALA B 247 -19.19 9.08 7.39
C ALA B 247 -20.57 9.55 6.94
N ASP B 248 -20.98 10.73 7.41
CA ASP B 248 -22.24 11.36 7.03
C ASP B 248 -22.04 12.54 6.12
N GLY B 249 -20.81 12.94 5.90
CA GLY B 249 -20.59 14.06 5.03
C GLY B 249 -20.42 15.37 5.76
N PHE B 250 -20.84 15.39 7.01
CA PHE B 250 -20.74 16.59 7.84
C PHE B 250 -19.57 16.54 8.88
N HIS B 251 -19.32 15.39 9.50
CA HIS B 251 -18.32 15.34 10.57
C HIS B 251 -16.90 15.35 10.03
N VAL B 252 -16.74 14.76 8.85
CA VAL B 252 -15.42 14.60 8.26
C VAL B 252 -15.60 14.70 6.78
N ASP B 253 -14.84 15.58 6.16
CA ASP B 253 -14.78 15.57 4.71
C ASP B 253 -14.47 14.17 4.15
N TYR B 254 -15.25 13.76 3.16
CA TYR B 254 -15.05 12.47 2.51
C TYR B 254 -13.64 12.24 1.96
N ALA B 255 -13.00 13.28 1.45
CA ALA B 255 -11.60 13.11 1.05
C ALA B 255 -10.72 12.70 2.27
N ASN B 256 -10.99 13.21 3.47
CA ASN B 256 -10.17 12.81 4.61
C ASN B 256 -10.39 11.34 4.98
N ILE B 257 -11.58 10.80 4.69
CA ILE B 257 -11.87 9.40 4.97
C ILE B 257 -11.10 8.55 3.98
N ARG B 258 -11.21 8.86 2.69
CA ARG B 258 -10.41 8.22 1.69
C ARG B 258 -8.92 8.11 2.12
N ILE B 259 -8.34 9.24 2.50
CA ILE B 259 -6.97 9.28 2.98
C ILE B 259 -6.80 8.43 4.22
N ALA B 260 -7.75 8.53 5.16
CA ALA B 260 -7.68 7.68 6.37
C ALA B 260 -7.63 6.24 5.98
N HIS B 261 -8.50 5.86 5.07
CA HIS B 261 -8.62 4.45 4.75
C HIS B 261 -7.36 3.91 4.11
N LYS B 262 -6.73 4.66 3.22
CA LYS B 262 -5.50 4.20 2.60
C LYS B 262 -4.35 4.08 3.59
N ILE B 263 -4.39 4.86 4.67
CA ILE B 263 -3.35 4.75 5.67
C ILE B 263 -3.63 3.60 6.60
N LYS B 264 -4.90 3.47 7.00
CA LYS B 264 -5.32 2.59 8.11
C LYS B 264 -5.90 1.23 7.70
N GLY B 265 -6.43 1.15 6.49
CA GLY B 265 -6.95 -0.11 5.95
C GLY B 265 -7.97 -0.77 6.86
N GLU B 266 -7.69 -2.00 7.25
CA GLU B 266 -8.58 -2.77 8.16
C GLU B 266 -8.72 -2.20 9.57
N LYS B 267 -7.93 -1.19 9.90
CA LYS B 267 -8.03 -0.52 11.19
C LYS B 267 -9.06 0.63 11.26
N LEU B 268 -9.70 0.96 10.12
CA LEU B 268 -10.70 2.00 10.05
C LEU B 268 -12.08 1.40 10.16
N VAL B 269 -12.85 1.91 11.13
CA VAL B 269 -14.13 1.38 11.53
C VAL B 269 -15.22 2.44 11.37
N LEU B 270 -16.33 2.12 10.72
CA LEU B 270 -17.42 3.13 10.61
C LEU B 270 -18.34 3.08 11.82
N VAL B 271 -18.57 4.20 12.46
CA VAL B 271 -19.56 4.30 13.57
C VAL B 271 -20.61 5.32 13.14
N THR B 272 -21.77 5.33 13.81
CA THR B 272 -22.76 6.35 13.55
C THR B 272 -22.58 7.45 14.54
N ASP B 273 -22.24 7.12 15.79
CA ASP B 273 -22.21 8.10 16.85
C ASP B 273 -23.55 8.81 16.87
N ALA B 274 -24.59 8.09 16.47
CA ALA B 274 -25.95 8.63 16.28
C ALA B 274 -26.61 9.16 17.52
N THR B 275 -27.69 9.92 17.30
CA THR B 275 -28.50 10.45 18.38
C THR B 275 -29.96 10.21 18.04
N ALA B 276 -30.85 10.54 18.98
CA ALA B 276 -32.31 10.30 18.89
C ALA B 276 -33.02 10.38 17.51
N PRO B 277 -32.75 11.42 16.69
CA PRO B 277 -33.41 11.49 15.36
C PRO B 277 -33.07 10.38 14.36
N ALA B 278 -31.90 9.76 14.48
CA ALA B 278 -31.59 8.58 13.64
C ALA B 278 -32.68 7.48 13.68
N GLY B 279 -33.29 7.19 12.51
CA GLY B 279 -34.35 6.18 12.41
C GLY B 279 -35.61 6.60 13.15
N ALA B 280 -35.89 7.90 13.14
CA ALA B 280 -37.06 8.46 13.79
C ALA B 280 -37.47 9.64 12.94
N GLU B 281 -38.67 10.18 13.12
CA GLU B 281 -39.00 11.42 12.44
C GLU B 281 -39.35 12.48 13.48
N MET B 282 -38.44 13.42 13.68
CA MET B 282 -38.65 14.49 14.66
C MET B 282 -38.12 15.83 14.20
N ASP B 283 -38.30 16.85 15.02
CA ASP B 283 -38.06 18.22 14.62
C ASP B 283 -36.79 18.78 15.25
N TYR B 284 -36.55 18.31 16.47
CA TYR B 284 -35.42 18.68 17.30
C TYR B 284 -35.56 17.79 18.52
N PHE B 285 -34.60 17.86 19.43
CA PHE B 285 -34.69 17.17 20.72
C PHE B 285 -33.77 17.87 21.74
N ILE B 286 -33.93 17.53 23.01
CA ILE B 286 -33.03 18.03 24.07
C ILE B 286 -31.90 17.01 24.21
N PHE B 287 -30.66 17.50 24.28
CA PHE B 287 -29.49 16.60 24.19
C PHE B 287 -29.16 16.12 25.60
N VAL B 288 -28.66 17.06 26.40
CA VAL B 288 -28.81 17.05 27.86
C VAL B 288 -28.99 18.52 28.25
N GLY B 289 -29.97 19.17 27.64
CA GLY B 289 -30.18 20.60 27.88
C GLY B 289 -30.26 21.39 26.58
N LYS B 290 -29.21 21.31 25.76
CA LYS B 290 -29.17 22.09 24.53
C LYS B 290 -30.16 21.52 23.49
N LYS B 291 -30.86 22.43 22.83
CA LYS B 291 -31.80 22.04 21.82
C LYS B 291 -31.04 21.76 20.53
N VAL B 292 -31.41 20.69 19.84
CA VAL B 292 -30.79 20.37 18.58
C VAL B 292 -31.85 20.18 17.50
N TYR B 293 -31.76 20.99 16.47
CA TYR B 293 -32.65 20.88 15.34
C TYR B 293 -32.23 19.77 14.39
N TYR B 294 -33.23 19.13 13.81
CA TYR B 294 -33.02 18.09 12.84
C TYR B 294 -33.66 18.54 11.52
N ARG B 295 -32.85 18.60 10.46
CA ARG B 295 -33.33 19.10 9.17
C ARG B 295 -32.60 18.35 8.08
N ASP B 296 -33.35 17.51 7.36
CA ASP B 296 -32.87 16.75 6.22
C ASP B 296 -31.63 15.91 6.45
N GLY B 297 -31.73 15.00 7.43
CA GLY B 297 -30.61 14.17 7.87
C GLY B 297 -29.50 14.96 8.56
N LYS B 298 -29.69 16.25 8.84
CA LYS B 298 -28.68 17.05 9.53
C LYS B 298 -29.10 17.53 10.95
N CYS B 299 -28.21 17.36 11.93
CA CYS B 299 -28.39 17.88 13.29
C CYS B 299 -27.64 19.17 13.49
N VAL B 300 -28.35 20.18 13.98
CA VAL B 300 -27.72 21.47 14.16
C VAL B 300 -28.18 22.11 15.41
N ASP B 301 -27.23 22.71 16.13
CA ASP B 301 -27.59 23.46 17.32
C ASP B 301 -28.29 24.78 16.95
N GLU B 302 -28.77 25.50 17.96
CA GLU B 302 -29.59 26.67 17.72
C GLU B 302 -28.77 27.75 17.03
N ASN B 303 -27.47 27.49 16.90
CA ASN B 303 -26.58 28.43 16.24
C ASN B 303 -26.17 28.08 14.84
N GLY B 304 -26.58 26.91 14.37
CA GLY B 304 -26.32 26.47 13.01
C GLY B 304 -25.09 25.57 12.98
N THR B 305 -24.43 25.43 14.12
CA THR B 305 -23.23 24.61 14.24
C THR B 305 -23.64 23.16 14.26
N LEU B 306 -22.92 22.32 13.53
CA LEU B 306 -23.12 20.85 13.62
C LEU B 306 -23.32 20.40 15.07
N GLY B 307 -24.46 19.78 15.34
CA GLY B 307 -24.82 19.39 16.70
C GLY B 307 -24.75 17.92 17.10
N GLY B 308 -24.39 17.04 16.18
CA GLY B 308 -24.42 15.62 16.45
C GLY B 308 -24.66 14.92 15.14
N SER B 309 -24.77 13.59 15.21
CA SER B 309 -24.92 12.72 14.05
C SER B 309 -26.32 12.17 14.03
N ALA B 310 -26.86 11.91 12.85
CA ALA B 310 -28.11 11.14 12.75
C ALA B 310 -27.90 10.00 11.77
N LEU B 311 -26.66 9.57 11.64
CA LEU B 311 -26.27 8.62 10.63
C LEU B 311 -26.74 7.21 11.04
N THR B 312 -27.20 6.42 10.05
CA THR B 312 -27.48 5.01 10.26
C THR B 312 -26.35 4.20 9.69
N MET B 313 -26.27 2.95 10.11
CA MET B 313 -25.21 2.09 9.70
C MET B 313 -25.29 1.77 8.19
N ILE B 314 -26.47 1.54 7.65
CA ILE B 314 -26.56 1.30 6.22
C ILE B 314 -26.12 2.52 5.42
N GLU B 315 -26.42 3.72 5.91
CA GLU B 315 -26.06 4.95 5.16
C GLU B 315 -24.57 5.18 5.16
N ALA B 316 -23.92 4.90 6.26
CA ALA B 316 -22.45 4.94 6.36
C ALA B 316 -21.80 4.08 5.26
N VAL B 317 -22.34 2.88 5.03
CA VAL B 317 -21.80 2.01 4.00
C VAL B 317 -21.96 2.67 2.64
N GLN B 318 -23.20 3.02 2.32
CA GLN B 318 -23.51 3.67 1.05
C GLN B 318 -22.62 4.88 0.82
N ASN B 319 -22.50 5.74 1.83
CA ASN B 319 -21.68 6.95 1.70
C ASN B 319 -20.23 6.65 1.41
N THR B 320 -19.70 5.64 2.13
CA THR B 320 -18.37 5.13 1.90
C THR B 320 -18.22 4.57 0.48
N VAL B 321 -19.22 3.83 -0.02
CA VAL B 321 -19.10 3.36 -1.39
C VAL B 321 -19.17 4.52 -2.36
N GLU B 322 -20.13 5.41 -2.15
CA GLU B 322 -20.52 6.35 -3.18
C GLU B 322 -19.71 7.63 -3.19
N HIS B 323 -19.32 8.12 -2.03
CA HIS B 323 -18.59 9.36 -1.97
C HIS B 323 -17.12 9.16 -1.65
N VAL B 324 -16.83 8.16 -0.81
CA VAL B 324 -15.45 7.89 -0.42
C VAL B 324 -14.70 7.06 -1.48
N GLY B 325 -15.44 6.29 -2.27
CA GLY B 325 -14.87 5.54 -3.41
C GLY B 325 -14.17 4.23 -3.02
N ILE B 326 -14.67 3.63 -1.97
CA ILE B 326 -14.20 2.40 -1.45
C ILE B 326 -15.12 1.27 -1.98
N ALA B 327 -14.51 0.13 -2.34
CA ALA B 327 -15.26 -1.01 -2.84
C ALA B 327 -16.27 -1.48 -1.81
N LEU B 328 -17.45 -1.90 -2.30
CA LEU B 328 -18.54 -2.35 -1.45
C LEU B 328 -18.17 -3.44 -0.48
N ASP B 329 -17.45 -4.45 -0.93
CA ASP B 329 -17.10 -5.53 -0.03
C ASP B 329 -16.12 -5.08 1.09
N GLU B 330 -15.34 -4.05 0.81
CA GLU B 330 -14.48 -3.44 1.82
C GLU B 330 -15.27 -2.55 2.76
N ALA B 331 -16.20 -1.77 2.20
CA ALA B 331 -17.04 -0.91 3.04
C ALA B 331 -17.86 -1.80 3.97
N LEU B 332 -18.26 -2.97 3.48
CA LEU B 332 -18.99 -3.89 4.31
C LEU B 332 -18.13 -4.36 5.47
N ARG B 333 -16.92 -4.79 5.20
CA ARG B 333 -15.99 -5.13 6.27
C ARG B 333 -15.86 -4.05 7.37
N MET B 334 -15.86 -2.79 6.94
CA MET B 334 -15.70 -1.66 7.84
C MET B 334 -16.88 -1.48 8.80
N ALA B 335 -18.00 -2.08 8.45
CA ALA B 335 -19.17 -1.94 9.27
C ALA B 335 -19.48 -3.27 9.99
N THR B 336 -18.60 -4.27 9.80
CA THR B 336 -18.83 -5.62 10.36
C THR B 336 -17.59 -6.23 10.97
N LEU B 337 -16.76 -6.78 10.10
CA LEU B 337 -15.55 -7.47 10.52
C LEU B 337 -14.67 -6.61 11.38
N TYR B 338 -14.34 -5.41 10.91
CA TYR B 338 -13.35 -4.61 11.61
C TYR B 338 -13.78 -4.21 13.02
N PRO B 339 -15.02 -3.70 13.17
CA PRO B 339 -15.51 -3.44 14.51
C PRO B 339 -15.54 -4.70 15.40
N ALA B 340 -15.96 -5.83 14.85
CA ALA B 340 -15.93 -7.10 15.59
C ALA B 340 -14.55 -7.38 16.12
N LYS B 341 -13.53 -7.21 15.30
CA LYS B 341 -12.16 -7.45 15.74
C LYS B 341 -11.72 -6.42 16.73
N ALA B 342 -12.18 -5.19 16.53
CA ALA B 342 -11.74 -4.09 17.35
C ALA B 342 -12.11 -4.35 18.80
N ILE B 343 -13.30 -4.93 19.02
CA ILE B 343 -13.72 -5.29 20.40
C ILE B 343 -13.62 -6.79 20.76
N GLY B 344 -13.02 -7.60 19.90
CA GLY B 344 -12.86 -9.01 20.17
C GLY B 344 -14.16 -9.78 20.22
N VAL B 345 -14.96 -9.71 19.16
CA VAL B 345 -16.09 -10.62 19.02
C VAL B 345 -16.09 -11.24 17.62
N ASP B 346 -14.94 -11.14 16.96
CA ASP B 346 -14.75 -11.68 15.60
C ASP B 346 -14.79 -13.22 15.43
N GLU B 347 -14.74 -13.97 16.54
CA GLU B 347 -14.89 -15.43 16.47
CA GLU B 347 -14.91 -15.44 16.57
C GLU B 347 -16.36 -15.78 16.28
N LYS B 348 -17.25 -15.00 16.90
CA LYS B 348 -18.68 -15.24 16.86
C LYS B 348 -19.50 -14.33 15.95
N LEU B 349 -19.03 -13.10 15.71
CA LEU B 349 -19.76 -12.14 14.84
C LEU B 349 -18.87 -11.45 13.83
N GLY B 350 -19.50 -11.00 12.73
CA GLY B 350 -18.83 -10.17 11.72
C GLY B 350 -18.46 -10.87 10.43
N ARG B 351 -18.79 -12.15 10.33
CA ARG B 351 -18.72 -12.89 9.07
C ARG B 351 -19.78 -13.96 8.93
N ILE B 352 -20.08 -14.26 7.68
CA ILE B 352 -20.88 -15.41 7.35
C ILE B 352 -20.01 -16.65 7.09
N LYS B 353 -19.78 -17.45 8.13
CA LYS B 353 -19.09 -18.72 8.00
C LYS B 353 -19.58 -19.64 9.11
N LYS B 354 -19.38 -20.96 8.97
CA LYS B 354 -20.03 -21.96 9.87
C LYS B 354 -19.77 -21.72 11.37
N GLY B 355 -20.81 -21.89 12.19
CA GLY B 355 -20.63 -21.94 13.64
C GLY B 355 -20.42 -20.59 14.28
N MET B 356 -20.65 -19.55 13.49
CA MET B 356 -20.65 -18.18 14.02
C MET B 356 -22.09 -17.74 14.13
N ILE B 357 -22.38 -16.89 15.10
CA ILE B 357 -23.76 -16.50 15.34
C ILE B 357 -24.41 -15.85 14.10
N ALA B 358 -25.64 -16.25 13.80
CA ALA B 358 -26.38 -15.78 12.63
C ALA B 358 -27.05 -14.39 12.81
N ASN B 359 -26.23 -13.35 12.94
CA ASN B 359 -26.71 -11.96 12.79
C ASN B 359 -26.34 -11.53 11.38
N LEU B 360 -27.35 -11.25 10.56
CA LEU B 360 -27.18 -10.96 9.15
C LEU B 360 -28.01 -9.76 8.74
N THR B 361 -27.70 -9.19 7.58
CA THR B 361 -28.42 -8.05 7.03
C THR B 361 -28.71 -8.25 5.51
N VAL B 362 -29.97 -8.06 5.09
CA VAL B 362 -30.30 -8.02 3.65
C VAL B 362 -30.49 -6.58 3.19
N PHE B 363 -29.88 -6.20 2.08
CA PHE B 363 -30.14 -4.87 1.55
C PHE B 363 -30.03 -4.92 0.07
N ASP B 364 -30.88 -4.15 -0.62
CA ASP B 364 -30.91 -4.21 -2.05
C ASP B 364 -29.86 -3.32 -2.67
N ARG B 365 -29.93 -3.15 -3.99
CA ARG B 365 -28.89 -2.42 -4.73
C ARG B 365 -28.86 -0.94 -4.39
N ASP B 366 -29.99 -0.44 -3.89
CA ASP B 366 -30.20 0.98 -3.57
C ASP B 366 -29.86 1.31 -2.13
N PHE B 367 -29.39 0.30 -1.41
CA PHE B 367 -29.05 0.44 -0.02
C PHE B 367 -30.25 0.57 0.93
N ASN B 368 -31.42 0.09 0.48
CA ASN B 368 -32.60 -0.12 1.34
C ASN B 368 -32.49 -1.43 2.10
N VAL B 369 -32.47 -1.37 3.43
CA VAL B 369 -32.53 -2.58 4.24
C VAL B 369 -33.89 -3.28 4.11
N LYS B 370 -33.85 -4.54 3.68
CA LYS B 370 -35.04 -5.32 3.35
C LYS B 370 -35.35 -6.33 4.46
N ALA B 371 -34.31 -6.79 5.17
CA ALA B 371 -34.48 -7.73 6.31
C ALA B 371 -33.30 -7.77 7.28
N THR B 372 -33.47 -8.44 8.41
CA THR B 372 -32.35 -8.74 9.30
C THR B 372 -32.46 -10.16 9.90
N VAL B 373 -31.33 -10.77 10.20
CA VAL B 373 -31.40 -11.99 10.93
C VAL B 373 -30.70 -11.73 12.25
N VAL B 374 -31.37 -12.01 13.37
CA VAL B 374 -30.79 -11.77 14.70
C VAL B 374 -30.81 -13.01 15.59
N ASN B 375 -29.63 -13.55 15.93
CA ASN B 375 -29.56 -14.81 16.65
C ASN B 375 -30.37 -15.90 15.92
N GLY B 376 -30.34 -15.89 14.58
CA GLY B 376 -31.05 -16.88 13.76
C GLY B 376 -32.49 -16.55 13.38
N GLN B 377 -33.06 -15.51 13.98
CA GLN B 377 -34.45 -15.17 13.72
C GLN B 377 -34.61 -14.12 12.61
N TYR B 378 -35.10 -14.57 11.45
CA TYR B 378 -35.36 -13.71 10.30
C TYR B 378 -36.48 -12.71 10.59
N GLU B 379 -36.38 -11.50 10.02
CA GLU B 379 -37.36 -10.43 10.26
C GLU B 379 -37.26 -9.29 9.20
N GLN B 380 -38.34 -9.14 8.45
CA GLN B 380 -38.48 -8.05 7.49
C GLN B 380 -38.77 -6.78 8.26
N ASN B 381 -38.29 -5.64 7.75
CA ASN B 381 -38.79 -4.36 8.26
C ASN B 381 -39.77 -3.70 7.29
N ALA C 3 20.19 -7.26 41.48
CA ALA C 3 20.41 -5.77 41.49
C ALA C 3 20.05 -5.16 40.15
N MET C 4 19.63 -3.90 40.15
CA MET C 4 19.31 -3.24 38.90
C MET C 4 20.54 -2.72 38.23
N TYR C 5 20.48 -2.69 36.91
CA TYR C 5 21.52 -2.11 36.07
C TYR C 5 20.89 -1.52 34.81
N ALA C 6 21.67 -0.71 34.08
CA ALA C 6 21.18 -0.05 32.88
C ALA C 6 22.09 -0.25 31.70
N LEU C 7 21.47 -0.60 30.58
CA LEU C 7 22.11 -0.71 29.28
C LEU C 7 22.14 0.69 28.68
N THR C 8 23.28 1.07 28.11
CA THR C 8 23.65 2.49 28.03
C THR C 8 24.52 2.80 26.84
N ASN C 9 24.57 4.07 26.42
CA ASN C 9 25.43 4.47 25.29
C ASN C 9 25.20 3.49 24.13
N CYS C 10 23.94 3.38 23.72
CA CYS C 10 23.52 2.59 22.57
C CYS C 10 22.44 3.35 21.77
N LYS C 11 22.17 2.85 20.57
CA LYS C 11 20.97 3.19 19.81
C LYS C 11 19.92 2.11 20.11
N ILE C 12 18.75 2.50 20.56
CA ILE C 12 17.72 1.56 20.99
C ILE C 12 16.62 1.41 19.96
N TYR C 13 16.29 0.18 19.61
CA TYR C 13 15.23 -0.11 18.67
C TYR C 13 14.14 -0.78 19.48
N THR C 14 13.18 -0.03 20.02
CA THR C 14 12.13 -0.65 20.87
C THR C 14 11.09 -1.51 20.13
N GLY C 15 10.98 -1.33 18.81
CA GLY C 15 9.89 -1.93 18.05
C GLY C 15 8.86 -0.87 17.69
N ASN C 16 8.85 0.24 18.44
CA ASN C 16 8.06 1.42 18.08
C ASN C 16 8.85 2.64 17.71
N ASP C 17 9.98 2.80 18.35
CA ASP C 17 10.78 3.99 18.17
C ASP C 17 12.26 3.62 18.16
N VAL C 18 13.02 4.47 17.49
CA VAL C 18 14.47 4.45 17.52
C VAL C 18 14.98 5.59 18.41
N LEU C 19 15.59 5.23 19.53
CA LEU C 19 15.99 6.20 20.55
C LEU C 19 17.50 6.46 20.58
N VAL C 20 17.89 7.73 20.58
CA VAL C 20 19.29 8.14 20.80
C VAL C 20 19.46 8.65 22.24
N LYS C 21 20.68 8.61 22.77
CA LYS C 21 20.92 9.13 24.16
C LYS C 21 19.90 8.67 25.21
N HIS C 22 19.48 7.40 25.14
CA HIS C 22 18.60 6.81 26.18
C HIS C 22 19.26 5.61 26.86
N ALA C 23 18.54 4.99 27.78
CA ALA C 23 19.02 3.79 28.42
C ALA C 23 17.88 2.80 28.68
N VAL C 24 18.19 1.53 28.87
CA VAL C 24 17.19 0.60 29.33
C VAL C 24 17.55 0.10 30.74
N ILE C 25 16.56 0.14 31.65
CA ILE C 25 16.73 -0.39 33.01
C ILE C 25 16.26 -1.82 33.10
N ILE C 26 17.14 -2.71 33.53
CA ILE C 26 16.79 -4.11 33.78
C ILE C 26 16.67 -4.33 35.26
N ASN C 27 15.53 -4.89 35.66
CA ASN C 27 15.34 -5.31 37.04
C ASN C 27 14.95 -6.76 37.11
N GLY C 28 15.92 -7.59 37.51
CA GLY C 28 15.73 -9.03 37.54
C GLY C 28 15.61 -9.54 36.12
N ASP C 29 14.40 -9.92 35.72
CA ASP C 29 14.16 -10.50 34.41
C ASP C 29 13.19 -9.63 33.58
N LYS C 30 12.89 -8.45 34.09
CA LYS C 30 11.97 -7.56 33.41
C LYS C 30 12.70 -6.31 33.01
N ILE C 31 12.27 -5.74 31.87
CA ILE C 31 12.61 -4.39 31.51
C ILE C 31 11.86 -3.46 32.45
N GLU C 32 12.62 -2.71 33.27
CA GLU C 32 12.07 -1.71 34.23
C GLU C 32 11.46 -0.49 33.55
N ALA C 33 12.23 0.12 32.67
CA ALA C 33 11.83 1.37 32.02
C ALA C 33 12.82 1.66 30.89
N VAL C 34 12.41 2.51 29.97
CA VAL C 34 13.27 3.00 28.91
C VAL C 34 13.21 4.49 29.12
N CYS C 35 14.36 5.14 29.28
CA CYS C 35 14.38 6.50 29.77
C CYS C 35 15.61 7.24 29.30
N PRO C 36 15.59 8.59 29.32
CA PRO C 36 16.79 9.36 28.97
C PRO C 36 17.94 9.08 29.93
N ILE C 37 19.18 9.08 29.44
CA ILE C 37 20.32 8.70 30.26
C ILE C 37 20.41 9.62 31.42
N GLU C 38 20.15 10.89 31.19
CA GLU C 38 20.14 11.90 32.26
C GLU C 38 19.18 11.55 33.44
N SER C 39 18.17 10.70 33.20
CA SER C 39 17.16 10.33 34.22
C SER C 39 17.54 9.13 35.09
N LEU C 40 18.71 8.57 34.85
CA LEU C 40 19.18 7.43 35.61
C LEU C 40 19.58 7.85 37.03
N PRO C 41 19.13 7.09 38.06
CA PRO C 41 19.58 7.30 39.43
C PRO C 41 21.10 7.27 39.39
N SER C 42 21.74 8.29 39.99
CA SER C 42 23.18 8.47 39.84
C SER C 42 24.01 7.25 40.30
N GLU C 43 23.48 6.52 41.29
CA GLU C 43 24.17 5.34 41.86
C GLU C 43 23.78 3.98 41.21
N MET C 44 23.22 4.01 40.00
CA MET C 44 22.86 2.76 39.33
C MET C 44 23.97 2.24 38.43
N ASN C 45 24.13 0.92 38.47
CA ASN C 45 25.06 0.19 37.65
C ASN C 45 24.71 0.31 36.17
N VAL C 46 25.70 0.68 35.35
CA VAL C 46 25.48 0.88 33.94
C VAL C 46 26.44 -0.01 33.17
N VAL C 47 25.94 -0.61 32.08
CA VAL C 47 26.77 -1.33 31.13
C VAL C 47 26.85 -0.51 29.87
N ASP C 48 28.01 0.14 29.69
CA ASP C 48 28.30 0.93 28.51
C ASP C 48 28.44 0.05 27.27
N LEU C 49 27.45 0.10 26.37
CA LEU C 49 27.46 -0.75 25.15
C LEU C 49 28.20 -0.16 23.96
N ASN C 50 28.92 0.94 24.16
CA ASN C 50 29.88 1.45 23.18
C ASN C 50 29.29 1.85 21.81
N GLY C 51 28.07 2.37 21.83
CA GLY C 51 27.43 2.81 20.61
C GLY C 51 26.84 1.72 19.72
N ALA C 52 26.77 0.49 20.22
CA ALA C 52 26.05 -0.62 19.56
C ALA C 52 24.55 -0.34 19.43
N ASN C 53 23.89 -1.15 18.61
CA ASN C 53 22.44 -1.12 18.50
C ASN C 53 21.85 -2.06 19.54
N LEU C 54 20.76 -1.64 20.18
CA LEU C 54 20.06 -2.48 21.13
C LEU C 54 18.66 -2.82 20.66
N SER C 55 18.29 -4.09 20.76
CA SER C 55 16.98 -4.47 20.23
C SER C 55 16.47 -5.71 20.95
N PRO C 56 15.16 -6.00 20.82
CA PRO C 56 14.66 -7.24 21.45
C PRO C 56 15.41 -8.40 20.85
N GLY C 57 15.59 -9.47 21.60
CA GLY C 57 16.25 -10.66 21.05
C GLY C 57 15.45 -11.27 19.92
N PHE C 58 16.14 -11.92 19.00
CA PHE C 58 15.48 -12.44 17.80
C PHE C 58 14.77 -13.75 18.09
N ILE C 59 13.56 -13.86 17.59
CA ILE C 59 12.74 -15.04 17.77
C ILE C 59 12.69 -15.82 16.47
N ASP C 60 13.38 -16.96 16.47
CA ASP C 60 13.40 -17.84 15.30
C ASP C 60 12.32 -18.93 15.38
N LEU C 61 11.38 -18.91 14.45
CA LEU C 61 10.22 -19.80 14.50
C LEU C 61 10.38 -21.12 13.74
N GLN C 62 11.56 -21.33 13.18
CA GLN C 62 11.83 -22.55 12.45
C GLN C 62 13.31 -22.81 12.56
N LEU C 63 13.63 -23.83 13.34
CA LEU C 63 15.00 -24.20 13.62
C LEU C 63 15.05 -25.72 13.82
N ASN C 64 15.67 -26.43 12.87
CA ASN C 64 15.78 -27.90 12.91
C ASN C 64 17.02 -28.39 13.68
N GLY C 65 17.98 -27.48 13.85
CA GLY C 65 19.19 -27.74 14.58
C GLY C 65 20.22 -26.68 14.27
N CYS C 66 21.28 -26.61 15.06
CA CYS C 66 22.36 -25.68 14.80
C CYS C 66 23.51 -25.97 15.76
N GLY C 67 24.57 -25.15 15.73
CA GLY C 67 25.73 -25.36 16.59
C GLY C 67 26.16 -26.82 16.64
N GLY C 68 26.08 -27.49 15.50
CA GLY C 68 26.60 -28.86 15.36
C GLY C 68 25.62 -30.03 15.41
N VAL C 69 24.47 -29.83 16.05
CA VAL C 69 23.51 -30.90 16.25
C VAL C 69 22.22 -30.64 15.51
N MET C 70 21.59 -31.72 15.08
CA MET C 70 20.22 -31.70 14.61
C MET C 70 19.31 -32.21 15.72
N PHE C 71 18.17 -31.56 15.87
CA PHE C 71 17.15 -31.99 16.81
C PHE C 71 16.55 -33.38 16.54
N ASN C 72 16.31 -33.73 15.29
CA ASN C 72 15.80 -35.07 14.96
C ASN C 72 16.77 -36.17 15.24
N ASP C 73 18.04 -35.79 15.44
CA ASP C 73 19.09 -36.79 15.66
C ASP C 73 19.19 -37.17 17.12
N GLU C 74 19.06 -36.18 17.99
CA GLU C 74 19.15 -36.39 19.42
C GLU C 74 18.02 -35.62 20.03
N ILE C 75 16.90 -36.32 20.26
CA ILE C 75 15.63 -35.69 20.62
C ILE C 75 15.55 -35.54 22.14
N THR C 76 16.35 -34.62 22.68
CA THR C 76 16.54 -34.47 24.11
C THR C 76 16.54 -33.00 24.56
N ALA C 77 16.21 -32.78 25.83
CA ALA C 77 16.34 -31.45 26.39
C ALA C 77 17.77 -30.92 26.26
N GLU C 78 18.72 -31.84 26.15
CA GLU C 78 20.15 -31.52 25.97
C GLU C 78 20.49 -30.92 24.60
N THR C 79 19.81 -31.41 23.58
CA THR C 79 19.98 -30.87 22.26
C THR C 79 19.43 -29.45 22.20
N ILE C 80 18.18 -29.28 22.62
CA ILE C 80 17.53 -27.94 22.69
C ILE C 80 18.46 -26.86 23.29
N ASP C 81 19.15 -27.22 24.38
CA ASP C 81 20.15 -26.40 25.08
C ASP C 81 21.45 -26.11 24.29
N THR C 82 21.98 -27.10 23.55
CA THR C 82 23.08 -26.84 22.61
C THR C 82 22.64 -25.78 21.57
N MET C 83 21.39 -25.85 21.12
CA MET C 83 20.89 -24.90 20.11
C MET C 83 20.79 -23.51 20.69
N HIS C 84 20.09 -23.40 21.81
CA HIS C 84 19.99 -22.15 22.53
C HIS C 84 21.35 -21.47 22.69
N LYS C 85 22.33 -22.17 23.22
CA LYS C 85 23.67 -21.61 23.41
C LYS C 85 24.33 -21.17 22.09
N ALA C 86 24.08 -21.90 21.00
CA ALA C 86 24.57 -21.44 19.70
C ALA C 86 23.76 -20.23 19.17
N ASN C 87 22.42 -20.32 19.29
CA ASN C 87 21.52 -19.19 19.01
C ASN C 87 22.02 -17.85 19.57
N LEU C 88 22.43 -17.86 20.84
CA LEU C 88 22.89 -16.64 21.48
C LEU C 88 24.05 -16.01 20.75
N LYS C 89 24.81 -16.82 20.01
CA LYS C 89 25.93 -16.24 19.32
C LYS C 89 25.52 -15.39 18.11
N SER C 90 24.28 -15.56 17.66
CA SER C 90 23.84 -14.84 16.47
C SER C 90 22.55 -14.06 16.76
N GLY C 91 22.41 -13.69 18.04
CA GLY C 91 21.34 -12.82 18.55
C GLY C 91 19.99 -13.47 18.78
N CYS C 92 19.86 -14.76 18.54
CA CYS C 92 18.57 -15.40 18.69
C CYS C 92 18.34 -15.88 20.14
N THR C 93 17.36 -15.29 20.82
CA THR C 93 17.20 -15.55 22.25
C THR C 93 15.98 -16.44 22.55
N SER C 94 15.10 -16.60 21.57
CA SER C 94 14.05 -17.58 21.71
C SER C 94 13.90 -18.30 20.38
N PHE C 95 13.28 -19.48 20.41
CA PHE C 95 13.10 -20.27 19.18
C PHE C 95 12.10 -21.36 19.37
N LEU C 96 11.69 -21.98 18.27
CA LEU C 96 10.90 -23.20 18.27
C LEU C 96 11.78 -24.35 17.82
N PRO C 97 12.15 -25.26 18.76
CA PRO C 97 12.82 -26.48 18.38
C PRO C 97 11.92 -27.15 17.39
N THR C 98 12.45 -27.43 16.21
CA THR C 98 11.62 -27.90 15.13
C THR C 98 11.99 -29.35 14.84
N LEU C 99 10.99 -30.22 15.00
CA LEU C 99 11.09 -31.66 14.68
C LEU C 99 10.45 -31.90 13.31
N ILE C 100 11.21 -32.41 12.36
CA ILE C 100 10.63 -32.75 11.05
C ILE C 100 9.96 -34.11 11.06
N THR C 101 9.19 -34.39 10.00
CA THR C 101 8.26 -35.54 10.00
C THR C 101 8.97 -36.82 10.43
N SER C 102 8.36 -37.54 11.37
CA SER C 102 8.95 -38.75 11.90
C SER C 102 7.86 -39.66 12.42
N SER C 103 8.23 -40.57 13.32
CA SER C 103 7.30 -41.56 13.86
C SER C 103 6.53 -40.95 15.03
N ASP C 104 5.38 -41.51 15.35
CA ASP C 104 4.70 -41.15 16.61
C ASP C 104 5.69 -41.18 17.78
N GLU C 105 6.46 -42.26 17.88
CA GLU C 105 7.36 -42.45 19.02
C GLU C 105 8.29 -41.24 19.15
N ASN C 106 8.88 -40.82 18.03
CA ASN C 106 9.73 -39.63 18.04
C ASN C 106 9.03 -38.32 18.41
N MET C 107 7.76 -38.20 18.03
CA MET C 107 6.98 -37.03 18.39
C MET C 107 6.77 -36.99 19.88
N ARG C 108 6.51 -38.16 20.46
CA ARG C 108 6.39 -38.26 21.91
C ARG C 108 7.66 -37.88 22.64
N GLN C 109 8.80 -38.32 22.11
CA GLN C 109 10.08 -37.92 22.67
C GLN C 109 10.26 -36.41 22.54
N ALA C 110 9.82 -35.85 21.42
CA ALA C 110 10.00 -34.42 21.17
C ALA C 110 9.17 -33.60 22.16
N ILE C 111 7.94 -34.02 22.33
CA ILE C 111 7.05 -33.41 23.30
C ILE C 111 7.71 -33.45 24.69
N ALA C 112 8.22 -34.61 25.07
CA ALA C 112 8.89 -34.77 26.35
C ALA C 112 10.17 -33.92 26.50
N ALA C 113 10.98 -33.82 25.45
CA ALA C 113 12.22 -33.05 25.54
C ALA C 113 11.89 -31.57 25.72
N ALA C 114 10.88 -31.09 25.01
CA ALA C 114 10.49 -29.70 25.17
C ALA C 114 9.92 -29.42 26.55
N ARG C 115 9.08 -30.32 27.07
CA ARG C 115 8.51 -30.14 28.40
C ARG C 115 9.59 -29.97 29.48
N GLU C 116 10.49 -30.93 29.52
CA GLU C 116 11.61 -30.93 30.45
C GLU C 116 12.47 -29.64 30.36
N TYR C 117 12.85 -29.24 29.15
CA TYR C 117 13.61 -28.00 28.92
C TYR C 117 12.85 -26.75 29.42
N GLN C 118 11.59 -26.61 28.96
CA GLN C 118 10.75 -25.45 29.32
C GLN C 118 10.42 -25.44 30.77
N ALA C 119 10.39 -26.62 31.39
CA ALA C 119 10.23 -26.75 32.83
C ALA C 119 11.40 -26.11 33.56
N LYS C 120 12.60 -26.22 32.97
CA LYS C 120 13.80 -25.72 33.63
C LYS C 120 14.04 -24.24 33.31
N TYR C 121 13.90 -23.88 32.03
CA TYR C 121 14.11 -22.52 31.55
C TYR C 121 12.85 -21.95 30.87
N PRO C 122 12.55 -20.65 31.07
CA PRO C 122 11.42 -20.00 30.35
C PRO C 122 11.82 -18.97 29.25
N ASN C 123 10.91 -18.72 28.31
CA ASN C 123 11.15 -17.78 27.21
C ASN C 123 12.47 -17.98 26.48
N GLN C 124 12.90 -19.23 26.33
CA GLN C 124 14.00 -19.55 25.45
C GLN C 124 13.43 -20.46 24.36
N SER C 125 13.15 -21.71 24.69
CA SER C 125 12.23 -22.47 23.86
C SER C 125 10.82 -21.99 24.23
N LEU C 126 10.08 -21.56 23.22
CA LEU C 126 8.69 -21.07 23.41
C LEU C 126 7.72 -22.13 22.92
N GLY C 127 8.25 -23.32 22.67
CA GLY C 127 7.43 -24.43 22.25
C GLY C 127 7.98 -25.18 21.08
N LEU C 128 7.60 -26.44 21.00
CA LEU C 128 7.92 -27.33 19.89
C LEU C 128 7.23 -26.92 18.57
N HIS C 129 7.94 -26.96 17.45
CA HIS C 129 7.29 -26.87 16.13
C HIS C 129 7.42 -28.20 15.42
N LEU C 130 6.28 -28.82 15.14
CA LEU C 130 6.18 -30.06 14.33
C LEU C 130 6.03 -29.75 12.84
N GLU C 131 7.11 -29.81 12.06
CA GLU C 131 6.99 -29.58 10.60
C GLU C 131 6.76 -30.95 9.97
N GLY C 132 5.48 -31.28 9.76
CA GLY C 132 5.12 -32.65 9.43
C GLY C 132 4.59 -33.38 10.67
N PRO C 133 4.10 -34.61 10.49
CA PRO C 133 4.28 -35.49 9.32
C PRO C 133 3.19 -35.44 8.25
N TYR C 134 2.20 -34.58 8.47
CA TYR C 134 0.96 -34.58 7.71
C TYR C 134 1.06 -33.66 6.53
N LEU C 135 2.04 -33.96 5.70
CA LEU C 135 2.40 -33.17 4.55
C LEU C 135 1.81 -33.75 3.24
N ASN C 136 2.30 -33.27 2.10
CA ASN C 136 1.95 -33.88 0.81
C ASN C 136 3.20 -34.42 0.15
N VAL C 137 3.17 -35.71 -0.09
CA VAL C 137 4.30 -36.41 -0.66
C VAL C 137 4.85 -35.67 -1.93
N MET C 138 3.96 -35.02 -2.67
CA MET C 138 4.31 -34.35 -3.94
C MET C 138 5.22 -33.13 -3.81
N LYS C 139 5.41 -32.67 -2.56
CA LYS C 139 6.22 -31.49 -2.19
C LYS C 139 7.01 -31.83 -0.92
N LYS C 140 7.39 -33.11 -0.78
CA LYS C 140 8.10 -33.66 0.38
C LYS C 140 9.46 -33.07 0.70
N GLY C 141 10.14 -32.52 -0.30
CA GLY C 141 11.55 -32.12 -0.14
C GLY C 141 12.37 -33.23 0.51
N ILE C 142 12.97 -32.90 1.66
CA ILE C 142 13.87 -33.84 2.35
C ILE C 142 13.13 -34.77 3.31
N HIS C 143 11.84 -34.51 3.50
CA HIS C 143 11.02 -35.33 4.40
C HIS C 143 10.86 -36.78 3.84
N SER C 144 10.83 -37.75 4.74
CA SER C 144 10.77 -39.18 4.40
C SER C 144 9.40 -39.64 3.89
N VAL C 145 9.41 -40.28 2.72
CA VAL C 145 8.16 -40.75 2.09
C VAL C 145 7.46 -41.79 2.96
N ASP C 146 8.26 -42.57 3.68
CA ASP C 146 7.77 -43.61 4.57
C ASP C 146 7.03 -43.06 5.79
N PHE C 147 7.27 -41.80 6.15
CA PHE C 147 6.62 -41.23 7.33
C PHE C 147 5.53 -40.20 7.08
N ILE C 148 5.58 -39.53 5.91
CA ILE C 148 4.52 -38.61 5.46
C ILE C 148 3.23 -39.38 5.30
N ARG C 149 2.24 -38.97 6.08
CA ARG C 149 1.01 -39.72 6.23
C ARG C 149 -0.14 -38.76 6.56
N PRO C 150 -1.40 -39.17 6.28
CA PRO C 150 -2.54 -38.37 6.72
C PRO C 150 -2.53 -38.12 8.22
N SER C 151 -3.18 -37.05 8.67
CA SER C 151 -3.43 -36.84 10.09
C SER C 151 -4.49 -37.83 10.62
N ASP C 152 -4.29 -38.27 11.87
CA ASP C 152 -5.18 -39.24 12.50
C ASP C 152 -5.68 -38.78 13.87
N ASP C 153 -6.95 -39.03 14.13
CA ASP C 153 -7.50 -38.70 15.43
C ASP C 153 -6.59 -38.97 16.65
N THR C 154 -5.88 -40.09 16.67
CA THR C 154 -5.15 -40.36 17.90
C THR C 154 -3.95 -39.42 18.13
N MET C 155 -3.12 -39.24 17.12
CA MET C 155 -1.97 -38.37 17.29
C MET C 155 -2.41 -36.90 17.39
N ILE C 156 -3.52 -36.57 16.73
CA ILE C 156 -4.06 -35.21 16.80
C ILE C 156 -4.55 -34.96 18.20
N ASP C 157 -5.23 -35.96 18.77
CA ASP C 157 -5.74 -35.83 20.14
C ASP C 157 -4.61 -35.73 21.16
N THR C 158 -3.51 -36.44 20.93
CA THR C 158 -2.39 -36.33 21.86
C THR C 158 -1.67 -34.99 21.68
N ILE C 159 -1.38 -34.58 20.43
CA ILE C 159 -0.80 -33.24 20.16
C ILE C 159 -1.55 -32.13 20.91
N CYS C 160 -2.89 -32.14 20.83
CA CYS C 160 -3.71 -31.17 21.54
C CYS C 160 -3.52 -31.29 23.04
N ALA C 161 -3.59 -32.53 23.54
CA ALA C 161 -3.42 -32.79 24.96
C ALA C 161 -2.10 -32.22 25.52
N ASN C 162 -1.15 -31.90 24.64
CA ASN C 162 0.11 -31.27 25.06
C ASN C 162 0.35 -29.87 24.49
N SER C 163 -0.68 -29.01 24.45
CA SER C 163 -0.54 -27.71 23.78
C SER C 163 0.39 -26.77 24.55
N ASP C 164 0.46 -26.98 25.86
CA ASP C 164 1.31 -26.22 26.76
C ASP C 164 2.78 -26.23 26.34
N VAL C 165 3.12 -27.09 25.40
CA VAL C 165 4.51 -27.27 25.09
C VAL C 165 4.73 -27.30 23.58
N ILE C 166 3.61 -27.28 22.84
CA ILE C 166 3.65 -27.25 21.38
C ILE C 166 3.13 -25.89 20.83
N ALA C 167 4.01 -25.16 20.16
CA ALA C 167 3.60 -23.83 19.71
C ALA C 167 2.92 -23.91 18.36
N LYS C 168 3.37 -24.84 17.52
CA LYS C 168 3.06 -24.83 16.10
C LYS C 168 3.11 -26.21 15.43
N VAL C 169 2.22 -26.37 14.44
CA VAL C 169 2.22 -27.54 13.59
C VAL C 169 2.11 -27.13 12.15
N THR C 170 3.05 -27.53 11.32
CA THR C 170 2.89 -27.35 9.86
C THR C 170 2.29 -28.60 9.21
N LEU C 171 1.23 -28.43 8.43
CA LEU C 171 0.64 -29.53 7.65
C LEU C 171 0.19 -29.10 6.24
N ALA C 172 -0.14 -30.06 5.39
CA ALA C 172 -0.77 -29.81 4.10
C ALA C 172 -2.29 -30.03 4.26
N PRO C 173 -3.08 -28.98 4.01
CA PRO C 173 -4.48 -29.21 4.39
C PRO C 173 -5.33 -29.88 3.32
N GLU C 174 -4.87 -29.82 2.07
CA GLU C 174 -5.72 -30.22 0.95
C GLU C 174 -6.35 -31.62 1.06
N ASN C 175 -5.64 -32.59 1.64
CA ASN C 175 -6.20 -33.94 1.81
C ASN C 175 -6.17 -34.46 3.21
N ASN C 176 -6.30 -33.56 4.18
CA ASN C 176 -6.47 -33.97 5.55
C ASN C 176 -7.79 -33.40 6.04
N LYS C 177 -8.23 -33.87 7.21
CA LYS C 177 -9.51 -33.46 7.80
C LYS C 177 -9.44 -32.04 8.32
N PRO C 178 -10.37 -31.18 7.87
CA PRO C 178 -10.58 -29.83 8.40
C PRO C 178 -10.74 -29.84 9.92
N GLU C 179 -11.60 -30.72 10.43
CA GLU C 179 -11.85 -30.86 11.87
C GLU C 179 -10.56 -30.89 12.67
N HIS C 180 -9.51 -31.39 12.04
CA HIS C 180 -8.22 -31.52 12.69
C HIS C 180 -7.52 -30.18 12.92
N ILE C 181 -7.60 -29.31 11.91
CA ILE C 181 -7.15 -27.94 12.05
C ILE C 181 -7.91 -27.23 13.18
N GLU C 182 -9.23 -27.34 13.17
CA GLU C 182 -10.05 -26.75 14.22
C GLU C 182 -9.55 -27.19 15.57
N LYS C 183 -9.49 -28.49 15.77
CA LYS C 183 -9.05 -29.04 17.04
C LYS C 183 -7.71 -28.48 17.51
N LEU C 184 -6.72 -28.41 16.60
CA LEU C 184 -5.42 -27.88 16.97
C LEU C 184 -5.44 -26.41 17.39
N VAL C 185 -6.20 -25.59 16.66
CA VAL C 185 -6.26 -24.17 16.92
C VAL C 185 -6.96 -23.88 18.26
N LYS C 186 -8.06 -24.62 18.49
CA LYS C 186 -8.80 -24.61 19.74
C LYS C 186 -7.94 -24.88 20.98
N ALA C 187 -6.93 -25.74 20.83
CA ALA C 187 -5.94 -26.01 21.89
C ALA C 187 -4.84 -24.94 22.04
N GLY C 188 -4.89 -23.89 21.19
CA GLY C 188 -3.96 -22.77 21.29
C GLY C 188 -2.65 -23.10 20.62
N ILE C 189 -2.74 -23.98 19.60
CA ILE C 189 -1.62 -24.32 18.71
C ILE C 189 -1.81 -23.54 17.40
N VAL C 190 -0.70 -23.00 16.88
CA VAL C 190 -0.74 -22.28 15.64
C VAL C 190 -0.58 -23.32 14.56
N VAL C 191 -1.43 -23.22 13.55
CA VAL C 191 -1.33 -24.14 12.43
C VAL C 191 -0.79 -23.40 11.20
N SER C 192 0.24 -24.00 10.61
CA SER C 192 0.85 -23.45 9.44
C SER C 192 0.65 -24.36 8.22
N ILE C 193 0.34 -23.74 7.09
CA ILE C 193 0.37 -24.42 5.81
C ILE C 193 1.81 -24.55 5.33
N GLY C 194 2.15 -25.72 4.80
CA GLY C 194 3.52 -25.99 4.37
C GLY C 194 3.61 -27.28 3.58
N HIS C 195 4.69 -27.46 2.81
CA HIS C 195 4.93 -28.73 2.09
C HIS C 195 3.63 -29.25 1.52
N THR C 196 2.96 -28.37 0.81
CA THR C 196 1.64 -28.64 0.33
C THR C 196 1.56 -28.51 -1.19
N ASN C 197 0.59 -29.21 -1.75
CA ASN C 197 0.24 -29.02 -3.12
C ASN C 197 -1.16 -28.43 -3.33
N ALA C 198 -1.66 -27.68 -2.35
CA ALA C 198 -3.03 -27.08 -2.36
C ALA C 198 -3.28 -26.06 -3.48
N THR C 199 -4.49 -26.06 -4.02
CA THR C 199 -4.91 -24.96 -4.90
C THR C 199 -5.11 -23.73 -4.02
N TYR C 200 -5.20 -22.58 -4.66
CA TYR C 200 -5.71 -21.41 -3.97
C TYR C 200 -7.00 -21.72 -3.17
N SER C 201 -8.05 -22.24 -3.83
CA SER C 201 -9.30 -22.62 -3.13
C SER C 201 -9.08 -23.45 -1.87
N GLU C 202 -8.30 -24.52 -1.99
CA GLU C 202 -7.95 -25.34 -0.83
C GLU C 202 -7.25 -24.50 0.22
N ALA C 203 -6.24 -23.75 -0.17
CA ALA C 203 -5.49 -22.91 0.80
C ALA C 203 -6.41 -21.93 1.57
N ARG C 204 -7.26 -21.25 0.81
CA ARG C 204 -8.27 -20.39 1.41
C ARG C 204 -9.18 -21.16 2.37
N LYS C 205 -9.64 -22.36 1.98
CA LYS C 205 -10.44 -23.19 2.91
CA LYS C 205 -10.45 -23.12 2.93
C LYS C 205 -9.67 -23.47 4.21
N SER C 206 -8.35 -23.64 4.10
CA SER C 206 -7.58 -23.95 5.30
C SER C 206 -7.43 -22.76 6.26
N PHE C 207 -7.28 -21.56 5.69
CA PHE C 207 -7.26 -20.36 6.50
C PHE C 207 -8.58 -20.21 7.24
N GLU C 208 -9.68 -20.52 6.55
CA GLU C 208 -11.04 -20.49 7.14
C GLU C 208 -11.19 -21.41 8.33
N SER C 209 -10.57 -22.59 8.25
CA SER C 209 -10.59 -23.62 9.30
C SER C 209 -9.67 -23.28 10.47
N GLY C 210 -8.75 -22.34 10.25
CA GLY C 210 -7.98 -21.71 11.32
C GLY C 210 -6.47 -21.54 11.07
N ILE C 211 -5.98 -21.87 9.88
CA ILE C 211 -4.55 -21.71 9.61
C ILE C 211 -4.20 -20.22 9.61
N THR C 212 -3.23 -19.78 10.44
CA THR C 212 -2.83 -18.39 10.44
C THR C 212 -1.38 -18.18 10.05
N PHE C 213 -0.73 -19.21 9.54
CA PHE C 213 0.66 -19.09 9.22
C PHE C 213 0.94 -19.93 7.99
N ALA C 214 1.96 -19.51 7.24
CA ALA C 214 2.50 -20.27 6.11
C ALA C 214 4.01 -20.48 6.33
N THR C 215 4.48 -21.71 6.07
CA THR C 215 5.86 -22.08 6.39
C THR C 215 6.76 -21.91 5.20
N HIS C 216 7.85 -21.17 5.43
CA HIS C 216 8.84 -20.77 4.39
C HIS C 216 8.27 -20.52 2.97
N LEU C 217 7.75 -19.31 2.83
CA LEU C 217 7.04 -18.89 1.63
C LEU C 217 7.89 -19.12 0.40
N PHE C 218 7.24 -19.65 -0.64
CA PHE C 218 7.91 -20.00 -1.89
C PHE C 218 8.60 -21.33 -1.92
N ASN C 219 8.85 -21.89 -0.74
CA ASN C 219 9.46 -23.22 -0.64
C ASN C 219 8.42 -24.33 -0.38
N ALA C 220 8.58 -25.42 -1.11
CA ALA C 220 7.64 -26.55 -1.01
C ALA C 220 6.13 -26.16 -0.93
N MET C 221 5.70 -25.24 -1.79
CA MET C 221 4.29 -24.92 -1.87
C MET C 221 3.89 -24.65 -3.30
N THR C 222 2.60 -24.64 -3.53
CA THR C 222 2.11 -24.40 -4.86
C THR C 222 2.25 -22.90 -5.18
N PRO C 223 2.97 -22.56 -6.27
CA PRO C 223 3.22 -21.14 -6.57
C PRO C 223 2.09 -20.44 -7.38
N MET C 224 2.31 -19.16 -7.70
CA MET C 224 1.31 -18.31 -8.28
C MET C 224 1.49 -18.26 -9.79
N VAL C 225 0.64 -18.98 -10.53
CA VAL C 225 0.69 -18.83 -11.97
C VAL C 225 -0.64 -18.23 -12.43
N GLY C 226 -0.63 -17.64 -13.61
CA GLY C 226 -1.79 -16.93 -14.20
C GLY C 226 -3.20 -17.45 -13.89
N ARG C 227 -3.45 -18.72 -14.17
CA ARG C 227 -4.79 -19.25 -13.92
C ARG C 227 -4.93 -19.96 -12.58
N GLU C 228 -3.87 -19.98 -11.78
CA GLU C 228 -3.88 -20.80 -10.57
CA GLU C 228 -3.84 -20.83 -10.60
C GLU C 228 -3.04 -20.13 -9.49
N PRO C 229 -3.68 -19.27 -8.67
CA PRO C 229 -2.94 -18.50 -7.69
C PRO C 229 -2.15 -19.37 -6.73
N GLY C 230 -2.58 -20.62 -6.50
CA GLY C 230 -1.85 -21.50 -5.60
C GLY C 230 -1.79 -21.05 -4.14
N VAL C 231 -0.83 -21.60 -3.43
CA VAL C 231 -0.67 -21.28 -2.03
C VAL C 231 -0.07 -19.88 -1.87
N VAL C 232 0.94 -19.57 -2.68
CA VAL C 232 1.62 -18.29 -2.67
C VAL C 232 0.56 -17.23 -2.90
N GLY C 233 -0.33 -17.47 -3.85
CA GLY C 233 -1.45 -16.57 -4.15
C GLY C 233 -2.42 -16.41 -2.99
N ALA C 234 -2.78 -17.52 -2.36
CA ALA C 234 -3.69 -17.46 -1.23
C ALA C 234 -3.09 -16.66 -0.06
N ILE C 235 -1.80 -16.84 0.20
CA ILE C 235 -1.13 -16.07 1.26
C ILE C 235 -1.13 -14.56 0.96
N TYR C 236 -0.92 -14.23 -0.33
CA TYR C 236 -0.98 -12.85 -0.76
C TYR C 236 -2.34 -12.22 -0.63
N ASP C 237 -3.39 -13.02 -0.76
CA ASP C 237 -4.78 -12.56 -0.75
C ASP C 237 -5.46 -12.66 0.62
N THR C 238 -4.74 -13.09 1.65
CA THR C 238 -5.37 -13.22 2.99
C THR C 238 -4.67 -12.39 4.06
N PRO C 239 -5.33 -11.36 4.58
CA PRO C 239 -4.73 -10.44 5.56
C PRO C 239 -4.24 -11.14 6.83
N GLU C 240 -5.01 -12.11 7.33
CA GLU C 240 -4.68 -12.76 8.62
C GLU C 240 -3.41 -13.63 8.64
N VAL C 241 -2.94 -14.07 7.49
CA VAL C 241 -1.95 -15.16 7.48
C VAL C 241 -0.51 -14.64 7.50
N TYR C 242 0.24 -15.00 8.52
CA TYR C 242 1.66 -14.66 8.50
C TYR C 242 2.41 -15.61 7.56
N ALA C 243 3.55 -15.16 7.03
CA ALA C 243 4.38 -16.06 6.24
C ALA C 243 5.80 -15.96 6.74
N GLY C 244 6.43 -17.08 7.03
CA GLY C 244 7.85 -17.11 7.33
C GLY C 244 8.65 -17.10 6.04
N ILE C 245 9.81 -16.47 6.07
CA ILE C 245 10.62 -16.44 4.85
C ILE C 245 12.11 -16.52 5.18
N ILE C 246 12.85 -17.19 4.30
CA ILE C 246 14.25 -17.48 4.52
C ILE C 246 15.06 -16.53 3.67
N ALA C 247 15.84 -15.69 4.32
CA ALA C 247 16.52 -14.64 3.60
C ALA C 247 18.03 -14.92 3.53
N ASP C 248 18.38 -16.06 2.94
CA ASP C 248 19.78 -16.41 2.88
C ASP C 248 20.34 -16.07 1.53
N GLY C 249 19.45 -15.79 0.59
CA GLY C 249 19.83 -15.41 -0.72
C GLY C 249 19.85 -16.61 -1.62
N PHE C 250 19.61 -17.78 -1.02
CA PHE C 250 19.61 -19.04 -1.78
C PHE C 250 18.20 -19.61 -1.89
N HIS C 251 17.43 -19.54 -0.82
CA HIS C 251 16.12 -20.17 -0.83
C HIS C 251 15.11 -19.42 -1.66
N VAL C 252 15.20 -18.09 -1.62
CA VAL C 252 14.25 -17.22 -2.25
C VAL C 252 15.08 -16.04 -2.79
N ASP C 253 14.88 -15.69 -4.04
CA ASP C 253 15.48 -14.45 -4.60
C ASP C 253 15.08 -13.20 -3.77
N TYR C 254 16.03 -12.28 -3.58
CA TYR C 254 15.82 -11.10 -2.73
C TYR C 254 14.72 -10.16 -3.27
N ALA C 255 14.68 -10.02 -4.60
CA ALA C 255 13.59 -9.31 -5.23
C ALA C 255 12.23 -9.95 -4.86
N ASN C 256 12.16 -11.27 -4.71
CA ASN C 256 10.88 -11.85 -4.26
C ASN C 256 10.50 -11.51 -2.81
N ILE C 257 11.49 -11.29 -1.96
CA ILE C 257 11.26 -10.96 -0.56
C ILE C 257 10.80 -9.52 -0.47
N ARG C 258 11.40 -8.67 -1.25
CA ARG C 258 10.97 -7.28 -1.37
C ARG C 258 9.51 -7.22 -1.81
N ILE C 259 9.17 -7.96 -2.86
CA ILE C 259 7.80 -7.93 -3.29
C ILE C 259 6.86 -8.41 -2.17
N ALA C 260 7.25 -9.45 -1.46
CA ALA C 260 6.38 -10.04 -0.46
C ALA C 260 6.18 -9.11 0.73
N HIS C 261 7.22 -8.35 1.07
CA HIS C 261 7.12 -7.45 2.19
C HIS C 261 6.11 -6.35 1.87
N LYS C 262 6.19 -5.86 0.63
CA LYS C 262 5.26 -4.82 0.22
C LYS C 262 3.84 -5.32 0.30
N ILE C 263 3.66 -6.61 0.04
CA ILE C 263 2.32 -7.12 0.00
C ILE C 263 1.88 -7.37 1.41
N LYS C 264 2.80 -7.81 2.25
CA LYS C 264 2.36 -8.45 3.48
C LYS C 264 2.72 -7.67 4.73
N GLY C 265 3.78 -6.87 4.66
CA GLY C 265 4.15 -6.04 5.81
C GLY C 265 4.39 -6.76 7.13
N GLU C 266 3.55 -6.41 8.11
CA GLU C 266 3.55 -6.86 9.52
C GLU C 266 3.48 -8.39 9.58
N LYS C 267 3.09 -8.98 8.45
CA LYS C 267 2.83 -10.41 8.43
C LYS C 267 3.98 -11.18 7.89
N LEU C 268 5.06 -10.53 7.49
CA LEU C 268 6.19 -11.25 6.95
C LEU C 268 7.19 -11.40 8.05
N VAL C 269 7.54 -12.66 8.32
CA VAL C 269 8.42 -13.04 9.42
C VAL C 269 9.73 -13.67 8.89
N LEU C 270 10.85 -13.23 9.46
CA LEU C 270 12.15 -13.83 9.19
C LEU C 270 12.40 -15.09 10.05
N VAL C 271 12.85 -16.12 9.38
CA VAL C 271 13.00 -17.43 9.95
C VAL C 271 14.36 -17.91 9.41
N THR C 272 15.06 -18.82 10.11
CA THR C 272 16.29 -19.39 9.50
C THR C 272 15.94 -20.69 8.82
N ASP C 273 15.13 -21.52 9.50
CA ASP C 273 14.98 -22.93 9.12
C ASP C 273 16.34 -23.61 9.17
N ALA C 274 17.18 -23.22 10.12
CA ALA C 274 18.57 -23.67 10.10
C ALA C 274 18.80 -25.14 10.43
N THR C 275 19.94 -25.66 9.98
CA THR C 275 20.38 -26.97 10.34
C THR C 275 21.73 -26.89 11.08
N ALA C 276 22.27 -28.06 11.47
CA ALA C 276 23.53 -28.17 12.21
C ALA C 276 24.66 -27.14 11.98
N PRO C 277 25.09 -26.88 10.72
CA PRO C 277 26.22 -25.98 10.45
C PRO C 277 26.04 -24.54 10.97
N ALA C 278 24.78 -24.09 11.11
CA ALA C 278 24.54 -22.71 11.53
C ALA C 278 25.27 -22.48 12.86
N GLY C 279 26.19 -21.53 12.89
CA GLY C 279 26.93 -21.18 14.10
C GLY C 279 27.78 -22.35 14.60
N ALA C 280 28.46 -23.02 13.67
CA ALA C 280 29.33 -24.14 14.00
C ALA C 280 30.31 -24.24 12.87
N GLU C 281 31.47 -24.80 13.14
CA GLU C 281 32.43 -25.11 12.10
C GLU C 281 32.28 -26.60 11.67
N MET C 282 31.70 -26.81 10.49
CA MET C 282 31.57 -28.15 9.91
C MET C 282 31.92 -28.07 8.44
N ASP C 283 32.21 -29.21 7.81
CA ASP C 283 32.24 -29.23 6.34
C ASP C 283 31.19 -30.18 5.74
N TYR C 284 30.43 -30.81 6.61
CA TYR C 284 29.26 -31.58 6.21
C TYR C 284 28.55 -32.14 7.44
N PHE C 285 27.32 -32.58 7.25
CA PHE C 285 26.59 -33.26 8.30
C PHE C 285 25.73 -34.29 7.64
N ILE C 286 25.57 -35.45 8.28
CA ILE C 286 24.72 -36.50 7.75
C ILE C 286 23.36 -36.19 8.29
N PHE C 287 22.36 -36.27 7.44
CA PHE C 287 21.03 -36.10 7.96
C PHE C 287 19.95 -37.07 7.45
N VAL C 288 19.51 -37.93 8.37
CA VAL C 288 18.54 -38.99 8.10
C VAL C 288 18.91 -39.61 6.76
N GLY C 289 20.17 -40.06 6.67
CA GLY C 289 20.64 -40.77 5.50
C GLY C 289 21.53 -39.98 4.56
N LYS C 290 21.03 -38.89 4.01
CA LYS C 290 21.83 -38.13 3.06
C LYS C 290 22.75 -37.12 3.75
N LYS C 291 23.98 -37.04 3.25
CA LYS C 291 25.04 -36.18 3.77
C LYS C 291 25.13 -34.90 2.95
N VAL C 292 25.18 -33.78 3.65
CA VAL C 292 25.09 -32.48 3.04
C VAL C 292 26.30 -31.65 3.44
N TYR C 293 26.95 -31.08 2.44
CA TYR C 293 28.21 -30.37 2.62
C TYR C 293 28.01 -28.89 2.94
N TYR C 294 28.93 -28.32 3.73
CA TYR C 294 28.85 -26.93 4.10
C TYR C 294 29.90 -26.12 3.36
N ARG C 295 29.51 -25.54 2.23
CA ARG C 295 30.47 -24.91 1.33
C ARG C 295 30.34 -23.42 1.33
N ASP C 296 31.26 -22.78 2.05
CA ASP C 296 31.35 -21.35 2.07
C ASP C 296 30.03 -20.69 2.40
N GLY C 297 29.45 -21.10 3.52
CA GLY C 297 28.15 -20.59 3.97
C GLY C 297 26.91 -21.11 3.27
N LYS C 298 27.05 -22.12 2.40
CA LYS C 298 25.90 -22.76 1.69
C LYS C 298 25.76 -24.24 2.04
N CYS C 299 24.56 -24.80 1.93
CA CYS C 299 24.36 -26.21 2.20
C CYS C 299 24.03 -26.88 0.87
N VAL C 300 24.84 -27.87 0.48
CA VAL C 300 24.67 -28.61 -0.80
C VAL C 300 24.85 -30.12 -0.66
N ASP C 301 24.01 -30.91 -1.34
CA ASP C 301 24.28 -32.34 -1.57
C ASP C 301 25.39 -32.50 -2.59
N GLU C 302 26.01 -33.68 -2.62
CA GLU C 302 27.16 -33.90 -3.49
C GLU C 302 26.96 -33.47 -4.97
N ASN C 303 25.68 -33.34 -5.39
CA ASN C 303 25.30 -32.75 -6.68
C ASN C 303 25.43 -31.22 -6.82
N GLY C 304 25.61 -30.52 -5.70
CA GLY C 304 25.64 -29.05 -5.69
C GLY C 304 24.27 -28.40 -5.55
N THR C 305 23.26 -29.23 -5.34
CA THR C 305 21.88 -28.80 -5.18
C THR C 305 21.70 -28.28 -3.76
N LEU C 306 20.84 -27.26 -3.59
CA LEU C 306 20.56 -26.75 -2.24
C LEU C 306 20.07 -27.86 -1.30
N GLY C 307 20.65 -27.89 -0.10
CA GLY C 307 20.38 -28.98 0.83
C GLY C 307 19.80 -28.58 2.16
N GLY C 308 19.47 -27.30 2.32
CA GLY C 308 18.99 -26.77 3.61
C GLY C 308 19.63 -25.41 3.85
N SER C 309 19.47 -24.92 5.08
CA SER C 309 19.88 -23.57 5.47
C SER C 309 20.87 -23.59 6.60
N ALA C 310 21.84 -22.69 6.51
CA ALA C 310 22.80 -22.41 7.56
C ALA C 310 22.63 -21.00 8.10
N LEU C 311 21.53 -20.34 7.75
CA LEU C 311 21.29 -18.95 8.13
C LEU C 311 21.14 -18.75 9.64
N THR C 312 21.64 -17.63 10.15
CA THR C 312 21.35 -17.18 11.52
C THR C 312 20.44 -15.94 11.47
N MET C 313 19.72 -15.65 12.54
CA MET C 313 18.81 -14.51 12.56
C MET C 313 19.52 -13.18 12.31
N ILE C 314 20.66 -12.94 12.96
CA ILE C 314 21.36 -11.66 12.76
C ILE C 314 21.76 -11.46 11.28
N GLU C 315 21.99 -12.56 10.57
CA GLU C 315 22.38 -12.49 9.20
C GLU C 315 21.16 -12.24 8.32
N ALA C 316 20.06 -12.90 8.69
CA ALA C 316 18.76 -12.68 8.06
C ALA C 316 18.45 -11.17 8.05
N VAL C 317 18.57 -10.56 9.23
CA VAL C 317 18.29 -9.16 9.37
C VAL C 317 19.24 -8.35 8.48
N GLN C 318 20.54 -8.68 8.48
CA GLN C 318 21.49 -7.94 7.68
C GLN C 318 21.19 -8.09 6.19
N ASN C 319 20.85 -9.30 5.76
CA ASN C 319 20.46 -9.53 4.39
C ASN C 319 19.25 -8.74 4.00
N THR C 320 18.28 -8.62 4.93
CA THR C 320 17.06 -7.91 4.66
C THR C 320 17.32 -6.39 4.47
N VAL C 321 18.10 -5.80 5.38
CA VAL C 321 18.50 -4.44 5.26
C VAL C 321 19.29 -4.28 3.97
N GLU C 322 20.23 -5.16 3.72
CA GLU C 322 21.25 -4.88 2.76
C GLU C 322 20.91 -5.28 1.35
N HIS C 323 20.06 -6.28 1.17
CA HIS C 323 19.81 -6.76 -0.19
C HIS C 323 18.35 -6.66 -0.55
N VAL C 324 17.48 -6.77 0.43
CA VAL C 324 16.09 -6.59 0.16
C VAL C 324 15.71 -5.10 0.06
N GLY C 325 16.36 -4.26 0.87
CA GLY C 325 16.12 -2.81 0.81
C GLY C 325 15.19 -2.35 1.91
N ILE C 326 15.05 -3.13 2.97
CA ILE C 326 14.11 -2.81 3.98
C ILE C 326 14.90 -2.08 5.06
N ALA C 327 14.22 -1.20 5.80
CA ALA C 327 14.91 -0.38 6.76
C ALA C 327 15.20 -1.15 8.03
N LEU C 328 16.28 -0.73 8.71
CA LEU C 328 16.78 -1.47 9.86
C LEU C 328 15.70 -1.76 10.88
N ASP C 329 14.96 -0.72 11.28
CA ASP C 329 13.96 -0.89 12.34
C ASP C 329 12.85 -1.89 11.93
N GLU C 330 12.52 -1.87 10.64
CA GLU C 330 11.47 -2.70 10.07
C GLU C 330 11.96 -4.14 10.00
N ALA C 331 13.17 -4.34 9.47
CA ALA C 331 13.85 -5.63 9.51
C ALA C 331 13.96 -6.22 10.92
N LEU C 332 14.36 -5.42 11.90
CA LEU C 332 14.41 -5.85 13.28
C LEU C 332 13.01 -6.33 13.72
N ARG C 333 11.97 -5.57 13.33
CA ARG C 333 10.61 -5.94 13.68
C ARG C 333 10.30 -7.30 13.10
N MET C 334 10.80 -7.57 11.90
CA MET C 334 10.50 -8.84 11.24
C MET C 334 11.18 -10.03 11.93
N ALA C 335 12.15 -9.74 12.79
CA ALA C 335 12.92 -10.77 13.53
C ALA C 335 12.49 -10.87 14.99
N THR C 336 11.58 -10.00 15.40
CA THR C 336 11.24 -9.84 16.81
C THR C 336 9.73 -9.72 17.03
N LEU C 337 9.22 -8.53 16.83
CA LEU C 337 7.82 -8.25 17.09
C LEU C 337 6.87 -9.09 16.23
N TYR C 338 7.17 -9.21 14.96
CA TYR C 338 6.23 -9.90 14.08
C TYR C 338 6.09 -11.41 14.47
N PRO C 339 7.24 -12.14 14.51
CA PRO C 339 7.21 -13.54 15.02
C PRO C 339 6.52 -13.64 16.38
N ALA C 340 6.86 -12.71 17.28
CA ALA C 340 6.21 -12.71 18.58
C ALA C 340 4.69 -12.68 18.44
N LYS C 341 4.18 -11.78 17.62
CA LYS C 341 2.75 -11.66 17.46
C LYS C 341 2.16 -12.95 16.84
N ALA C 342 2.88 -13.55 15.90
CA ALA C 342 2.37 -14.70 15.13
C ALA C 342 2.09 -15.89 16.05
N ILE C 343 2.98 -16.15 17.00
CA ILE C 343 2.73 -17.23 17.97
C ILE C 343 2.03 -16.79 19.26
N GLY C 344 1.65 -15.51 19.36
CA GLY C 344 0.93 -14.98 20.52
C GLY C 344 1.80 -14.84 21.78
N VAL C 345 3.04 -14.36 21.63
CA VAL C 345 3.87 -14.07 22.80
C VAL C 345 4.23 -12.59 22.96
N ASP C 346 3.53 -11.73 22.23
CA ASP C 346 3.82 -10.28 22.19
C ASP C 346 3.59 -9.61 23.54
N GLU C 347 2.70 -10.18 24.34
CA GLU C 347 2.49 -9.69 25.71
CA GLU C 347 2.48 -9.79 25.73
C GLU C 347 3.80 -9.62 26.50
N LYS C 348 4.72 -10.57 26.26
CA LYS C 348 5.96 -10.61 27.01
C LYS C 348 7.25 -10.35 26.24
N LEU C 349 7.21 -10.48 24.92
CA LEU C 349 8.46 -10.51 24.16
C LEU C 349 8.32 -9.85 22.83
N GLY C 350 9.46 -9.39 22.30
CA GLY C 350 9.57 -8.86 20.94
C GLY C 350 9.56 -7.36 20.86
N ARG C 351 9.88 -6.72 21.97
CA ARG C 351 9.68 -5.31 22.20
C ARG C 351 10.48 -4.84 23.41
N ILE C 352 11.09 -3.66 23.34
CA ILE C 352 11.78 -3.10 24.52
C ILE C 352 10.88 -2.09 25.23
N LYS C 353 10.15 -2.60 26.20
CA LYS C 353 9.08 -1.88 26.85
C LYS C 353 8.86 -2.31 28.31
N LYS C 354 8.49 -1.34 29.15
CA LYS C 354 8.15 -1.56 30.54
C LYS C 354 7.37 -2.86 30.74
N GLY C 355 7.84 -3.69 31.67
CA GLY C 355 7.10 -4.88 32.09
C GLY C 355 7.23 -6.11 31.21
N MET C 356 8.01 -6.00 30.15
CA MET C 356 8.22 -7.14 29.30
C MET C 356 9.54 -7.79 29.62
N ILE C 357 9.61 -9.08 29.31
CA ILE C 357 10.78 -9.88 29.59
C ILE C 357 12.04 -9.29 28.98
N ALA C 358 13.11 -9.20 29.76
CA ALA C 358 14.39 -8.70 29.26
C ALA C 358 15.21 -9.73 28.40
N ASN C 359 14.70 -10.04 27.21
CA ASN C 359 15.48 -10.74 26.21
C ASN C 359 15.93 -9.71 25.18
N LEU C 360 17.22 -9.42 25.14
CA LEU C 360 17.76 -8.40 24.24
C LEU C 360 19.00 -8.86 23.51
N THR C 361 19.26 -8.21 22.37
CA THR C 361 20.42 -8.51 21.54
C THR C 361 21.08 -7.20 21.31
N VAL C 362 22.40 -7.16 21.44
CA VAL C 362 23.20 -6.00 21.07
C VAL C 362 24.10 -6.35 19.90
N PHE C 363 24.08 -5.53 18.86
CA PHE C 363 24.92 -5.74 17.67
C PHE C 363 25.47 -4.39 17.20
N ASP C 364 26.69 -4.39 16.67
CA ASP C 364 27.32 -3.20 16.10
C ASP C 364 26.83 -2.87 14.67
N ARG C 365 27.43 -1.83 14.07
CA ARG C 365 27.08 -1.38 12.72
C ARG C 365 27.36 -2.43 11.65
N ASP C 366 28.22 -3.38 11.98
CA ASP C 366 28.64 -4.40 11.05
C ASP C 366 27.85 -5.69 11.23
N PHE C 367 26.82 -5.59 12.07
CA PHE C 367 25.96 -6.73 12.39
C PHE C 367 26.71 -7.85 13.12
N ASN C 368 27.77 -7.50 13.82
CA ASN C 368 28.39 -8.48 14.68
C ASN C 368 27.67 -8.38 16.01
N VAL C 369 26.99 -9.46 16.41
CA VAL C 369 26.45 -9.62 17.77
C VAL C 369 27.56 -9.45 18.83
N LYS C 370 27.34 -8.56 19.81
CA LYS C 370 28.34 -8.22 20.82
C LYS C 370 27.99 -8.88 22.14
N ALA C 371 26.72 -9.23 22.29
CA ALA C 371 26.20 -9.76 23.55
C ALA C 371 24.70 -10.01 23.44
N THR C 372 24.14 -10.66 24.45
CA THR C 372 22.69 -10.71 24.62
C THR C 372 22.32 -10.59 26.08
N VAL C 373 21.02 -10.61 26.32
CA VAL C 373 20.49 -10.58 27.68
C VAL C 373 19.32 -11.55 27.62
N VAL C 374 19.31 -12.55 28.50
CA VAL C 374 18.25 -13.56 28.53
C VAL C 374 17.69 -13.57 29.93
N ASN C 375 16.38 -13.40 30.03
CA ASN C 375 15.70 -13.21 31.33
C ASN C 375 16.47 -12.30 32.30
N GLY C 376 17.11 -11.28 31.75
CA GLY C 376 17.74 -10.29 32.58
C GLY C 376 19.23 -10.45 32.71
N GLN C 377 19.76 -11.55 32.16
CA GLN C 377 21.17 -11.88 32.38
C GLN C 377 21.98 -11.47 31.17
N TYR C 378 22.83 -10.48 31.37
CA TYR C 378 23.76 -9.99 30.36
C TYR C 378 24.93 -10.95 30.18
N GLU C 379 25.19 -11.40 28.95
CA GLU C 379 26.36 -12.23 28.67
C GLU C 379 27.02 -11.82 27.35
N GLN C 380 28.26 -11.37 27.42
CA GLN C 380 28.98 -10.98 26.23
C GLN C 380 29.21 -12.17 25.32
N ASN C 381 29.40 -11.88 24.05
CA ASN C 381 29.87 -12.86 23.08
C ASN C 381 31.37 -12.84 23.08
N ALA D 3 40.48 10.18 -22.33
CA ALA D 3 40.59 8.79 -21.76
C ALA D 3 39.66 8.62 -20.55
N MET D 4 39.15 7.40 -20.40
CA MET D 4 38.17 7.06 -19.39
C MET D 4 38.77 6.66 -18.06
N TYR D 5 37.93 6.67 -17.04
CA TYR D 5 38.33 6.19 -15.74
C TYR D 5 37.18 5.43 -15.12
N ALA D 6 37.47 4.60 -14.12
CA ALA D 6 36.45 3.84 -13.44
C ALA D 6 36.39 4.16 -11.96
N LEU D 7 35.18 4.31 -11.46
CA LEU D 7 34.96 4.47 -10.05
C LEU D 7 34.81 3.10 -9.44
N THR D 8 35.46 2.85 -8.32
CA THR D 8 35.74 1.47 -7.91
C THR D 8 35.71 1.25 -6.41
N ASN D 9 35.74 -0.02 -5.98
CA ASN D 9 35.69 -0.39 -4.54
C ASN D 9 34.70 0.50 -3.78
N CYS D 10 33.41 0.25 -4.05
CA CYS D 10 32.28 1.02 -3.56
C CYS D 10 30.93 0.25 -3.63
N LYS D 11 29.99 0.66 -2.75
CA LYS D 11 28.61 0.25 -2.84
C LYS D 11 27.92 1.26 -3.79
N ILE D 12 27.29 0.74 -4.83
CA ILE D 12 26.67 1.61 -5.82
C ILE D 12 25.14 1.63 -5.67
N TYR D 13 24.59 2.83 -5.50
CA TYR D 13 23.12 3.02 -5.39
C TYR D 13 22.64 3.60 -6.67
N THR D 14 22.36 2.72 -7.59
CA THR D 14 22.05 3.11 -8.96
C THR D 14 20.78 4.03 -9.09
N GLY D 15 19.80 3.89 -8.19
CA GLY D 15 18.41 4.27 -8.47
C GLY D 15 17.49 3.03 -8.60
N ASN D 16 17.95 1.96 -9.26
CA ASN D 16 17.20 0.73 -9.32
C ASN D 16 17.80 -0.42 -8.50
N ASP D 17 19.11 -0.39 -8.27
CA ASP D 17 19.79 -1.53 -7.65
C ASP D 17 20.91 -1.08 -6.79
N VAL D 18 21.19 -1.90 -5.80
CA VAL D 18 22.32 -1.70 -4.93
C VAL D 18 23.38 -2.72 -5.35
N LEU D 19 24.51 -2.25 -5.82
CA LEU D 19 25.48 -3.18 -6.36
C LEU D 19 26.76 -3.16 -5.58
N VAL D 20 27.25 -4.36 -5.30
CA VAL D 20 28.50 -4.55 -4.58
C VAL D 20 29.46 -5.18 -5.58
N LYS D 21 30.76 -4.92 -5.43
CA LYS D 21 31.78 -5.49 -6.33
C LYS D 21 31.59 -5.08 -7.79
N HIS D 22 30.92 -3.96 -7.99
CA HIS D 22 30.75 -3.40 -9.32
C HIS D 22 31.58 -2.12 -9.46
N ALA D 23 31.62 -1.56 -10.67
CA ALA D 23 32.41 -0.37 -10.96
C ALA D 23 31.60 0.51 -11.88
N VAL D 24 31.87 1.81 -11.90
CA VAL D 24 31.18 2.73 -12.80
C VAL D 24 32.20 3.39 -13.73
N ILE D 25 32.01 3.25 -15.04
CA ILE D 25 32.98 3.77 -16.00
C ILE D 25 32.52 5.09 -16.55
N ILE D 26 33.42 6.08 -16.48
CA ILE D 26 33.13 7.43 -16.95
C ILE D 26 33.87 7.86 -18.22
N ASN D 27 33.08 8.33 -19.18
CA ASN D 27 33.60 8.77 -20.45
C ASN D 27 33.21 10.22 -20.73
N GLY D 28 34.20 11.10 -20.59
CA GLY D 28 33.99 12.54 -20.68
C GLY D 28 32.92 12.97 -19.68
N ASP D 29 31.81 13.52 -20.17
CA ASP D 29 30.74 13.92 -19.27
C ASP D 29 29.68 12.83 -19.00
N LYS D 30 29.85 11.64 -19.55
CA LYS D 30 28.80 10.62 -19.48
C LYS D 30 29.19 9.37 -18.72
N ILE D 31 28.19 8.59 -18.32
CA ILE D 31 28.39 7.28 -17.70
C ILE D 31 28.50 6.21 -18.82
N GLU D 32 29.70 5.63 -18.99
CA GLU D 32 29.89 4.59 -20.02
C GLU D 32 29.17 3.32 -19.67
N ALA D 33 29.40 2.83 -18.46
CA ALA D 33 28.86 1.55 -18.08
C ALA D 33 28.89 1.34 -16.58
N VAL D 34 28.02 0.45 -16.11
CA VAL D 34 28.07 -0.01 -14.74
C VAL D 34 28.21 -1.51 -14.90
N CYS D 35 29.32 -2.06 -14.43
CA CYS D 35 29.67 -3.42 -14.79
C CYS D 35 30.40 -4.08 -13.64
N PRO D 36 30.36 -5.43 -13.57
CA PRO D 36 31.13 -6.17 -12.55
C PRO D 36 32.59 -5.74 -12.56
N ILE D 37 33.16 -5.60 -11.36
CA ILE D 37 34.58 -5.26 -11.23
C ILE D 37 35.49 -6.17 -12.07
N GLU D 38 35.18 -7.46 -12.20
CA GLU D 38 35.92 -8.37 -13.08
C GLU D 38 35.85 -8.08 -14.57
N SER D 39 35.05 -7.10 -14.98
CA SER D 39 34.79 -6.83 -16.41
C SER D 39 35.48 -5.59 -16.91
N LEU D 40 36.21 -4.92 -16.04
CA LEU D 40 37.06 -3.82 -16.45
C LEU D 40 38.30 -4.35 -17.16
N PRO D 41 38.85 -3.58 -18.13
CA PRO D 41 40.22 -3.81 -18.64
C PRO D 41 41.29 -3.63 -17.54
N SER D 42 42.58 -3.83 -17.85
CA SER D 42 43.66 -3.60 -16.86
C SER D 42 44.15 -2.17 -16.96
N GLU D 43 44.36 -1.74 -18.21
CA GLU D 43 44.94 -0.43 -18.55
C GLU D 43 44.02 0.76 -18.22
N MET D 44 42.77 0.45 -17.89
CA MET D 44 41.77 1.43 -17.48
C MET D 44 42.16 2.05 -16.16
N ASN D 45 42.26 3.38 -16.13
CA ASN D 45 42.62 4.04 -14.88
C ASN D 45 41.52 3.89 -13.88
N VAL D 46 41.91 3.76 -12.64
CA VAL D 46 40.98 3.43 -11.58
C VAL D 46 40.87 4.60 -10.59
N VAL D 47 39.76 4.68 -9.88
CA VAL D 47 39.69 5.54 -8.69
C VAL D 47 39.08 4.66 -7.61
N ASP D 48 39.89 4.32 -6.61
CA ASP D 48 39.50 3.40 -5.55
C ASP D 48 38.75 4.20 -4.51
N LEU D 49 37.47 3.90 -4.27
CA LEU D 49 36.67 4.79 -3.44
C LEU D 49 36.66 4.36 -2.00
N ASN D 50 37.71 3.64 -1.64
CA ASN D 50 37.88 3.02 -0.34
C ASN D 50 36.60 2.51 0.36
N GLY D 51 35.67 1.96 -0.41
CA GLY D 51 34.47 1.33 0.14
C GLY D 51 33.31 2.28 0.48
N ALA D 52 33.40 3.57 0.11
CA ALA D 52 32.30 4.55 0.39
C ALA D 52 31.03 4.26 -0.44
N ASN D 53 29.94 4.96 -0.22
CA ASN D 53 28.78 4.74 -1.04
C ASN D 53 28.84 5.65 -2.26
N LEU D 54 28.31 5.19 -3.38
CA LEU D 54 28.29 6.01 -4.57
C LEU D 54 26.87 6.10 -5.12
N SER D 55 26.46 7.32 -5.45
CA SER D 55 25.10 7.54 -5.89
C SER D 55 25.06 8.67 -6.90
N PRO D 56 23.91 8.84 -7.54
CA PRO D 56 23.78 10.08 -8.32
C PRO D 56 23.98 11.28 -7.40
N GLY D 57 24.46 12.39 -7.94
CA GLY D 57 24.57 13.59 -7.14
C GLY D 57 23.20 14.10 -6.74
N PHE D 58 23.13 14.86 -5.65
CA PHE D 58 21.83 15.32 -5.15
C PHE D 58 21.36 16.56 -5.88
N ILE D 59 20.05 16.61 -6.10
CA ILE D 59 19.39 17.71 -6.75
C ILE D 59 18.47 18.47 -5.79
N ASP D 60 18.78 19.74 -5.57
CA ASP D 60 18.09 20.56 -4.60
C ASP D 60 17.20 21.57 -5.33
N LEU D 61 15.89 21.41 -5.17
CA LEU D 61 14.92 22.14 -5.94
C LEU D 61 14.42 23.42 -5.25
N GLN D 62 14.87 23.66 -4.03
CA GLN D 62 14.58 24.93 -3.40
C GLN D 62 15.77 25.42 -2.59
N LEU D 63 16.59 26.28 -3.20
CA LEU D 63 17.83 26.78 -2.59
C LEU D 63 17.92 28.28 -2.70
N ASN D 64 17.93 28.99 -1.56
CA ASN D 64 17.99 30.48 -1.57
C ASN D 64 19.39 31.06 -1.55
N GLY D 65 20.27 30.41 -0.81
CA GLY D 65 21.65 30.80 -0.70
C GLY D 65 22.26 29.68 0.12
N CYS D 66 23.56 29.78 0.34
CA CYS D 66 24.34 28.83 1.13
C CYS D 66 25.75 29.35 0.91
N GLY D 67 26.72 28.79 1.62
CA GLY D 67 28.11 29.21 1.43
C GLY D 67 28.31 30.70 1.65
N GLY D 68 27.45 31.29 2.50
CA GLY D 68 27.60 32.68 2.93
C GLY D 68 26.97 33.73 2.04
N VAL D 69 26.37 33.32 0.94
CA VAL D 69 25.70 34.30 0.08
C VAL D 69 24.21 34.06 0.09
N MET D 70 23.49 34.99 -0.51
CA MET D 70 22.06 34.85 -0.65
C MET D 70 21.70 35.34 -2.01
N PHE D 71 21.17 34.45 -2.85
CA PHE D 71 20.78 34.81 -4.20
C PHE D 71 20.06 36.14 -4.25
N ASN D 72 19.15 36.38 -3.32
CA ASN D 72 18.41 37.64 -3.34
C ASN D 72 19.23 38.95 -3.20
N ASP D 73 20.45 38.92 -2.64
CA ASP D 73 21.34 40.10 -2.55
C ASP D 73 22.09 40.36 -3.83
N GLU D 74 22.96 39.42 -4.15
CA GLU D 74 23.78 39.51 -5.33
C GLU D 74 23.15 38.64 -6.39
N ILE D 75 22.28 39.23 -7.20
CA ILE D 75 21.57 38.48 -8.22
C ILE D 75 22.46 38.40 -9.44
N THR D 76 23.49 37.56 -9.39
CA THR D 76 24.44 37.45 -10.50
C THR D 76 24.84 36.02 -10.76
N ALA D 77 25.50 35.84 -11.90
CA ALA D 77 26.09 34.57 -12.27
C ALA D 77 27.01 34.09 -11.19
N GLU D 78 27.89 34.97 -10.74
CA GLU D 78 28.91 34.54 -9.80
C GLU D 78 28.33 34.12 -8.44
N THR D 79 27.18 34.68 -8.07
CA THR D 79 26.51 34.25 -6.87
C THR D 79 26.06 32.79 -7.01
N ILE D 80 25.53 32.46 -8.18
CA ILE D 80 25.08 31.11 -8.44
C ILE D 80 26.29 30.22 -8.35
N ASP D 81 27.41 30.70 -8.89
CA ASP D 81 28.63 29.90 -8.92
C ASP D 81 29.05 29.59 -7.50
N THR D 82 29.10 30.61 -6.66
CA THR D 82 29.43 30.44 -5.24
C THR D 82 28.54 29.40 -4.56
N MET D 83 27.26 29.39 -4.90
CA MET D 83 26.32 28.43 -4.35
C MET D 83 26.63 26.98 -4.81
N HIS D 84 26.78 26.78 -6.12
CA HIS D 84 27.18 25.49 -6.63
C HIS D 84 28.41 24.87 -5.93
N LYS D 85 29.41 25.70 -5.63
CA LYS D 85 30.64 25.19 -5.03
C LYS D 85 30.45 24.80 -3.58
N ALA D 86 29.66 25.58 -2.84
CA ALA D 86 29.34 25.23 -1.45
C ALA D 86 28.56 23.93 -1.43
N ASN D 87 27.53 23.84 -2.30
CA ASN D 87 26.72 22.64 -2.47
C ASN D 87 27.52 21.37 -2.63
N LEU D 88 28.54 21.45 -3.47
CA LEU D 88 29.41 20.33 -3.71
C LEU D 88 29.93 19.72 -2.40
N LYS D 89 30.20 20.54 -1.40
CA LYS D 89 30.67 20.02 -0.12
C LYS D 89 29.72 19.03 0.53
N SER D 90 28.44 19.13 0.18
CA SER D 90 27.42 18.33 0.83
C SER D 90 26.69 17.40 -0.16
N GLY D 91 27.36 17.14 -1.30
CA GLY D 91 26.99 16.11 -2.24
C GLY D 91 26.02 16.59 -3.31
N CYS D 92 25.76 17.88 -3.31
CA CYS D 92 24.70 18.35 -4.11
C CYS D 92 25.23 18.97 -5.40
N THR D 93 25.06 18.23 -6.50
CA THR D 93 25.64 18.62 -7.79
C THR D 93 24.64 19.42 -8.67
N SER D 94 23.36 19.38 -8.34
CA SER D 94 22.43 20.23 -9.11
C SER D 94 21.51 20.96 -8.19
N PHE D 95 20.95 22.07 -8.65
CA PHE D 95 20.01 22.81 -7.84
C PHE D 95 19.25 23.83 -8.68
N LEU D 96 18.21 24.41 -8.06
CA LEU D 96 17.46 25.48 -8.64
C LEU D 96 17.73 26.74 -7.81
N PRO D 97 18.49 27.69 -8.37
CA PRO D 97 18.60 28.96 -7.67
C PRO D 97 17.20 29.58 -7.48
N THR D 98 16.88 29.90 -6.23
CA THR D 98 15.55 30.34 -5.89
C THR D 98 15.59 31.81 -5.56
N LEU D 99 14.80 32.58 -6.30
CA LEU D 99 14.62 33.99 -6.07
C LEU D 99 13.28 34.15 -5.35
N ILE D 100 13.31 34.66 -4.13
CA ILE D 100 12.07 34.91 -3.41
C ILE D 100 11.51 36.25 -3.84
N THR D 101 10.30 36.57 -3.37
CA THR D 101 9.51 37.63 -3.93
C THR D 101 10.21 39.00 -3.91
N SER D 102 10.23 39.63 -5.08
CA SER D 102 10.78 40.97 -5.21
C SER D 102 10.32 41.68 -6.49
N SER D 103 10.96 42.82 -6.77
CA SER D 103 10.63 43.72 -7.89
C SER D 103 10.58 42.99 -9.23
N ASP D 104 9.72 43.47 -10.13
CA ASP D 104 9.69 42.93 -11.50
C ASP D 104 11.10 42.94 -12.04
N GLU D 105 11.86 43.96 -11.62
CA GLU D 105 13.21 44.19 -12.08
C GLU D 105 14.14 43.05 -11.66
N ASN D 106 14.24 42.80 -10.34
CA ASN D 106 15.06 41.70 -9.80
C ASN D 106 14.81 40.40 -10.55
N MET D 107 13.54 40.10 -10.75
CA MET D 107 13.13 38.95 -11.56
C MET D 107 13.84 38.83 -12.91
N ARG D 108 14.09 39.97 -13.56
CA ARG D 108 14.73 40.02 -14.89
C ARG D 108 16.25 39.94 -14.77
N GLN D 109 16.79 40.51 -13.69
CA GLN D 109 18.19 40.30 -13.29
C GLN D 109 18.49 38.82 -13.10
N ALA D 110 17.59 38.15 -12.38
CA ALA D 110 17.70 36.74 -12.08
C ALA D 110 17.68 35.89 -13.36
N ILE D 111 16.70 36.11 -14.22
CA ILE D 111 16.70 35.48 -15.53
C ILE D 111 18.03 35.74 -16.23
N ALA D 112 18.56 36.94 -16.10
CA ALA D 112 19.81 37.32 -16.79
C ALA D 112 20.95 36.51 -16.25
N ALA D 113 21.20 36.66 -14.95
CA ALA D 113 22.16 35.86 -14.22
C ALA D 113 22.04 34.34 -14.44
N ALA D 114 20.82 33.81 -14.43
CA ALA D 114 20.66 32.37 -14.66
C ALA D 114 21.07 32.01 -16.07
N ARG D 115 20.60 32.81 -17.04
CA ARG D 115 20.90 32.63 -18.47
C ARG D 115 22.40 32.56 -18.75
N GLU D 116 23.15 33.42 -18.06
CA GLU D 116 24.60 33.46 -18.18
C GLU D 116 25.27 32.21 -17.57
N TYR D 117 25.03 31.95 -16.28
CA TYR D 117 25.60 30.78 -15.59
C TYR D 117 25.40 29.50 -16.38
N GLN D 118 24.18 29.29 -16.87
CA GLN D 118 23.81 28.09 -17.64
C GLN D 118 24.47 27.99 -19.01
N ALA D 119 24.84 29.13 -19.60
CA ALA D 119 25.58 29.10 -20.87
C ALA D 119 27.02 28.58 -20.67
N LYS D 120 27.60 28.90 -19.51
CA LYS D 120 28.93 28.41 -19.11
C LYS D 120 28.90 26.97 -18.58
N TYR D 121 27.94 26.68 -17.70
CA TYR D 121 27.92 25.43 -16.97
C TYR D 121 26.60 24.70 -17.15
N PRO D 122 26.65 23.53 -17.80
CA PRO D 122 25.45 22.68 -17.84
C PRO D 122 25.28 21.76 -16.63
N ASN D 123 24.03 21.40 -16.36
CA ASN D 123 23.70 20.38 -15.37
C ASN D 123 24.11 20.70 -13.97
N GLN D 124 24.21 21.99 -13.67
CA GLN D 124 24.60 22.37 -12.34
C GLN D 124 23.43 23.18 -11.75
N SER D 125 23.17 24.37 -12.29
CA SER D 125 21.91 25.05 -12.12
C SER D 125 20.93 24.48 -13.16
N LEU D 126 19.76 24.01 -12.72
CA LEU D 126 18.86 23.42 -13.69
C LEU D 126 17.79 24.38 -14.18
N GLY D 127 17.97 25.64 -13.82
CA GLY D 127 17.02 26.67 -14.08
C GLY D 127 16.57 27.34 -12.78
N LEU D 128 15.93 28.49 -12.93
CA LEU D 128 15.50 29.32 -11.83
C LEU D 128 14.23 28.79 -11.16
N HIS D 129 14.18 28.94 -9.82
CA HIS D 129 12.95 28.73 -9.08
C HIS D 129 12.46 30.09 -8.61
N LEU D 130 11.36 30.58 -9.17
CA LEU D 130 10.77 31.83 -8.66
C LEU D 130 9.76 31.54 -7.58
N GLU D 131 10.13 31.81 -6.33
CA GLU D 131 9.25 31.55 -5.21
C GLU D 131 8.59 32.84 -4.79
N GLY D 132 7.42 33.10 -5.37
CA GLY D 132 6.85 34.41 -5.34
C GLY D 132 7.05 35.05 -6.68
N PRO D 133 6.61 36.31 -6.85
CA PRO D 133 5.96 37.10 -5.83
C PRO D 133 4.45 36.83 -5.73
N TYR D 134 3.95 35.85 -6.48
CA TYR D 134 2.49 35.71 -6.61
C TYR D 134 1.89 34.85 -5.54
N LEU D 135 2.06 35.30 -4.29
CA LEU D 135 1.72 34.52 -3.06
C LEU D 135 0.48 35.06 -2.37
N ASN D 136 0.07 34.44 -1.26
CA ASN D 136 -1.00 35.00 -0.47
C ASN D 136 -0.41 35.79 0.71
N VAL D 137 -0.76 37.07 0.78
CA VAL D 137 -0.19 38.07 1.70
C VAL D 137 -0.27 37.63 3.16
N MET D 138 -1.32 36.89 3.51
CA MET D 138 -1.55 36.46 4.88
C MET D 138 -0.63 35.33 5.28
N LYS D 139 0.00 34.69 4.30
CA LYS D 139 0.90 33.61 4.59
C LYS D 139 2.29 33.99 4.10
N LYS D 140 2.65 35.25 4.34
CA LYS D 140 3.85 35.88 3.78
C LYS D 140 5.13 35.22 4.25
N GLY D 141 5.12 34.67 5.47
CA GLY D 141 6.34 34.20 6.13
C GLY D 141 7.30 35.37 6.16
N ILE D 142 8.43 35.17 5.49
CA ILE D 142 9.45 36.22 5.40
C ILE D 142 9.50 36.99 4.07
N HIS D 143 8.50 36.81 3.20
CA HIS D 143 8.35 37.57 1.94
C HIS D 143 7.69 38.92 2.19
N SER D 144 8.26 40.00 1.68
CA SER D 144 7.79 41.34 2.06
C SER D 144 6.40 41.66 1.46
N VAL D 145 5.53 42.18 2.33
CA VAL D 145 4.23 42.75 1.94
C VAL D 145 4.41 43.75 0.79
N ASP D 146 5.60 44.35 0.72
CA ASP D 146 5.95 45.28 -0.32
C ASP D 146 5.71 44.71 -1.72
N PHE D 147 6.26 43.54 -1.98
CA PHE D 147 6.24 42.96 -3.33
C PHE D 147 5.23 41.83 -3.59
N ILE D 148 4.60 41.31 -2.55
CA ILE D 148 3.62 40.26 -2.77
C ILE D 148 2.50 40.86 -3.58
N ARG D 149 2.12 40.22 -4.68
CA ARG D 149 1.15 40.82 -5.62
C ARG D 149 0.47 39.80 -6.51
N PRO D 150 -0.69 40.13 -7.08
CA PRO D 150 -1.32 39.25 -8.09
C PRO D 150 -0.43 38.98 -9.29
N SER D 151 -0.63 37.86 -9.97
CA SER D 151 0.07 37.71 -11.24
C SER D 151 -0.59 38.58 -12.32
N ASP D 152 0.26 39.23 -13.11
CA ASP D 152 -0.15 40.05 -14.27
C ASP D 152 0.25 39.38 -15.57
N ASP D 153 -0.56 39.59 -16.61
CA ASP D 153 -0.29 39.06 -17.94
C ASP D 153 1.13 39.41 -18.44
N THR D 154 1.63 40.59 -18.08
CA THR D 154 2.88 41.10 -18.66
C THR D 154 4.06 40.27 -18.20
N MET D 155 4.23 40.23 -16.88
CA MET D 155 5.30 39.48 -16.27
C MET D 155 5.14 37.99 -16.53
N ILE D 156 3.90 37.52 -16.65
CA ILE D 156 3.68 36.11 -16.91
C ILE D 156 4.15 35.72 -18.32
N ASP D 157 3.93 36.62 -19.28
CA ASP D 157 4.44 36.46 -20.65
C ASP D 157 5.94 36.50 -20.69
N THR D 158 6.50 37.41 -19.88
CA THR D 158 7.96 37.52 -19.71
C THR D 158 8.56 36.22 -19.19
N ILE D 159 7.89 35.58 -18.23
CA ILE D 159 8.31 34.30 -17.72
C ILE D 159 8.23 33.15 -18.75
N CYS D 160 7.10 33.00 -19.43
CA CYS D 160 6.96 32.06 -20.55
C CYS D 160 7.95 32.24 -21.71
N ALA D 161 8.19 33.50 -22.06
CA ALA D 161 9.21 33.85 -23.06
C ALA D 161 10.57 33.25 -22.68
N ASN D 162 10.85 33.20 -21.38
CA ASN D 162 12.11 32.67 -20.85
C ASN D 162 12.12 31.28 -20.23
N SER D 163 11.25 30.38 -20.68
CA SER D 163 11.07 29.08 -19.99
C SER D 163 12.27 28.13 -20.10
N ASP D 164 13.19 28.49 -20.99
CA ASP D 164 14.41 27.71 -21.20
C ASP D 164 15.38 27.88 -20.02
N VAL D 165 15.10 28.83 -19.13
CA VAL D 165 16.03 29.17 -18.05
C VAL D 165 15.26 29.24 -16.70
N ILE D 166 13.95 29.10 -16.75
CA ILE D 166 13.16 29.01 -15.55
C ILE D 166 12.65 27.58 -15.46
N ALA D 167 13.01 26.91 -14.36
CA ALA D 167 12.53 25.56 -14.15
C ALA D 167 11.17 25.52 -13.43
N LYS D 168 10.93 26.48 -12.54
CA LYS D 168 9.82 26.36 -11.59
C LYS D 168 9.38 27.71 -11.07
N VAL D 169 8.07 27.80 -10.86
CA VAL D 169 7.45 28.99 -10.26
C VAL D 169 6.57 28.52 -9.10
N THR D 170 6.82 29.03 -7.88
CA THR D 170 5.87 28.79 -6.79
C THR D 170 4.87 29.95 -6.68
N LEU D 171 3.58 29.65 -6.53
CA LEU D 171 2.52 30.66 -6.39
C LEU D 171 1.31 30.15 -5.55
N ALA D 172 0.48 31.09 -5.07
CA ALA D 172 -0.82 30.84 -4.39
C ALA D 172 -1.93 30.95 -5.41
N PRO D 173 -2.71 29.91 -5.57
CA PRO D 173 -3.67 30.01 -6.65
C PRO D 173 -5.00 30.68 -6.30
N GLU D 174 -5.37 30.78 -5.02
CA GLU D 174 -6.70 31.25 -4.61
C GLU D 174 -7.18 32.51 -5.37
N ASN D 175 -6.27 33.47 -5.54
CA ASN D 175 -6.62 34.79 -6.01
C ASN D 175 -5.91 35.10 -7.30
N ASN D 176 -5.61 34.08 -8.08
CA ASN D 176 -4.87 34.32 -9.28
C ASN D 176 -5.57 33.70 -10.47
N LYS D 177 -5.21 34.19 -11.65
CA LYS D 177 -5.83 33.74 -12.86
C LYS D 177 -5.48 32.28 -13.16
N PRO D 178 -6.49 31.39 -13.22
CA PRO D 178 -6.15 30.01 -13.64
C PRO D 178 -5.37 29.95 -14.96
N GLU D 179 -5.69 30.85 -15.88
CA GLU D 179 -4.97 30.91 -17.17
C GLU D 179 -3.47 31.23 -17.05
N HIS D 180 -3.00 31.74 -15.92
CA HIS D 180 -1.58 31.96 -15.77
C HIS D 180 -0.84 30.64 -15.54
N ILE D 181 -1.29 29.86 -14.55
CA ILE D 181 -0.87 28.48 -14.38
C ILE D 181 -0.82 27.75 -15.74
N GLU D 182 -1.91 27.79 -16.48
CA GLU D 182 -2.01 27.10 -17.76
C GLU D 182 -0.93 27.58 -18.75
N LYS D 183 -0.66 28.88 -18.78
CA LYS D 183 0.37 29.42 -19.67
C LYS D 183 1.78 28.97 -19.30
N LEU D 184 2.06 28.86 -18.01
CA LEU D 184 3.36 28.42 -17.56
C LEU D 184 3.60 26.93 -17.84
N VAL D 185 2.57 26.12 -17.61
CA VAL D 185 2.70 24.69 -17.73
C VAL D 185 2.95 24.48 -19.20
N LYS D 186 2.13 25.16 -19.98
CA LYS D 186 2.31 25.18 -21.42
C LYS D 186 3.68 25.69 -21.90
N ALA D 187 4.25 26.72 -21.29
CA ALA D 187 5.63 27.11 -21.59
C ALA D 187 6.65 26.03 -21.21
N GLY D 188 6.24 25.02 -20.44
CA GLY D 188 7.17 24.01 -19.97
C GLY D 188 7.83 24.35 -18.64
N ILE D 189 7.11 25.08 -17.80
CA ILE D 189 7.62 25.44 -16.47
C ILE D 189 6.80 24.66 -15.48
N VAL D 190 7.45 24.17 -14.43
CA VAL D 190 6.74 23.54 -13.33
C VAL D 190 6.14 24.60 -12.46
N VAL D 191 4.83 24.49 -12.20
CA VAL D 191 4.15 25.37 -11.24
C VAL D 191 3.80 24.62 -9.96
N SER D 192 4.12 25.25 -8.85
CA SER D 192 4.05 24.63 -7.57
C SER D 192 3.23 25.54 -6.68
N ILE D 193 2.39 24.92 -5.86
CA ILE D 193 1.54 25.64 -4.93
C ILE D 193 2.30 25.89 -3.62
N GLY D 194 2.17 27.11 -3.08
CA GLY D 194 2.81 27.37 -1.81
C GLY D 194 2.46 28.73 -1.28
N HIS D 195 2.65 28.94 0.03
CA HIS D 195 2.52 30.26 0.63
C HIS D 195 1.09 30.68 0.34
N THR D 196 0.20 29.78 0.71
CA THR D 196 -1.12 29.78 0.15
C THR D 196 -2.09 29.44 1.28
N ASN D 197 -3.31 29.99 1.15
CA ASN D 197 -4.38 29.61 2.02
C ASN D 197 -5.43 28.89 1.19
N ALA D 198 -5.07 28.28 0.07
CA ALA D 198 -6.05 27.56 -0.69
C ALA D 198 -6.79 26.53 0.19
N THR D 199 -8.08 26.36 -0.08
CA THR D 199 -8.80 25.23 0.48
C THR D 199 -8.36 23.99 -0.28
N TYR D 200 -8.79 22.83 0.20
CA TYR D 200 -8.65 21.58 -0.55
C TYR D 200 -9.19 21.83 -1.96
N SER D 201 -10.42 22.30 -1.99
CA SER D 201 -11.16 22.45 -3.21
C SER D 201 -10.46 23.40 -4.25
N GLU D 202 -9.90 24.50 -3.77
CA GLU D 202 -9.09 25.39 -4.58
C GLU D 202 -7.77 24.75 -5.03
N ALA D 203 -7.15 23.95 -4.15
CA ALA D 203 -5.87 23.33 -4.49
C ALA D 203 -6.10 22.29 -5.57
N ARG D 204 -7.19 21.55 -5.45
CA ARG D 204 -7.51 20.55 -6.46
C ARG D 204 -7.75 21.21 -7.83
N LYS D 205 -8.57 22.25 -7.84
CA LYS D 205 -8.77 23.06 -9.04
C LYS D 205 -7.47 23.54 -9.70
N SER D 206 -6.52 23.99 -8.89
CA SER D 206 -5.24 24.41 -9.43
C SER D 206 -4.41 23.24 -10.03
N PHE D 207 -4.50 22.04 -9.45
CA PHE D 207 -3.81 20.89 -10.04
C PHE D 207 -4.41 20.57 -11.39
N GLU D 208 -5.72 20.72 -11.49
CA GLU D 208 -6.41 20.56 -12.77
C GLU D 208 -6.04 21.59 -13.89
N SER D 209 -5.64 22.80 -13.49
CA SER D 209 -5.06 23.82 -14.36
C SER D 209 -3.58 23.52 -14.64
N GLY D 210 -2.96 22.64 -13.84
CA GLY D 210 -1.62 22.13 -14.14
C GLY D 210 -0.50 22.14 -13.09
N ILE D 211 -0.80 22.66 -11.90
CA ILE D 211 0.16 22.61 -10.79
C ILE D 211 0.50 21.15 -10.49
N THR D 212 1.78 20.82 -10.39
CA THR D 212 2.21 19.44 -10.24
C THR D 212 3.20 19.37 -9.15
N PHE D 213 3.36 20.44 -8.39
CA PHE D 213 4.38 20.41 -7.32
C PHE D 213 3.91 21.21 -6.15
N ALA D 214 4.40 20.87 -4.95
CA ALA D 214 4.06 21.58 -3.75
C ALA D 214 5.31 21.97 -2.97
N THR D 215 5.40 23.25 -2.67
CA THR D 215 6.54 23.83 -2.03
C THR D 215 6.47 23.68 -0.52
N HIS D 216 7.58 23.13 0.02
CA HIS D 216 7.74 22.69 1.41
C HIS D 216 6.44 22.31 2.12
N LEU D 217 6.02 21.06 1.95
CA LEU D 217 4.79 20.55 2.56
C LEU D 217 4.69 20.89 4.05
N PHE D 218 3.51 21.31 4.49
CA PHE D 218 3.19 21.67 5.87
C PHE D 218 3.50 23.11 6.22
N ASN D 219 4.58 23.64 5.64
CA ASN D 219 4.92 25.02 5.92
C ASN D 219 4.16 26.00 5.05
N ALA D 220 3.53 27.00 5.69
CA ALA D 220 2.91 28.12 4.97
C ALA D 220 1.90 27.62 3.94
N MET D 221 1.10 26.64 4.35
CA MET D 221 -0.01 26.18 3.53
C MET D 221 -1.07 25.73 4.51
N THR D 222 -2.24 25.42 3.98
CA THR D 222 -3.37 24.99 4.78
C THR D 222 -3.24 23.54 5.22
N PRO D 223 -3.48 23.26 6.51
CA PRO D 223 -3.35 21.84 6.93
C PRO D 223 -4.64 21.01 6.74
N MET D 224 -4.53 19.72 6.97
CA MET D 224 -5.63 18.79 6.88
C MET D 224 -6.35 18.69 8.22
N VAL D 225 -7.53 19.31 8.32
CA VAL D 225 -8.33 19.21 9.54
C VAL D 225 -9.65 18.55 9.11
N GLY D 226 -10.43 18.11 10.07
CA GLY D 226 -11.58 17.24 9.83
C GLY D 226 -12.49 17.60 8.69
N ARG D 227 -13.02 18.81 8.71
CA ARG D 227 -13.93 19.23 7.66
C ARG D 227 -13.26 20.03 6.57
N GLU D 228 -11.93 20.24 6.70
CA GLU D 228 -11.16 21.05 5.76
CA GLU D 228 -11.15 21.02 5.70
C GLU D 228 -9.80 20.39 5.41
N PRO D 229 -9.78 19.48 4.43
CA PRO D 229 -8.59 18.72 4.07
C PRO D 229 -7.39 19.61 3.74
N GLY D 230 -7.68 20.80 3.22
CA GLY D 230 -6.67 21.80 3.01
C GLY D 230 -5.72 21.45 1.89
N VAL D 231 -4.69 22.27 1.75
CA VAL D 231 -3.68 22.06 0.76
C VAL D 231 -2.98 20.70 1.02
N VAL D 232 -2.60 20.44 2.27
CA VAL D 232 -1.96 19.16 2.65
C VAL D 232 -2.86 17.99 2.19
N GLY D 233 -4.13 17.98 2.59
CA GLY D 233 -5.03 16.94 2.15
C GLY D 233 -5.08 16.82 0.61
N ALA D 234 -5.17 17.95 -0.08
CA ALA D 234 -5.29 17.86 -1.52
C ALA D 234 -4.06 17.24 -2.12
N ILE D 235 -2.90 17.48 -1.53
CA ILE D 235 -1.65 16.90 -2.01
C ILE D 235 -1.70 15.40 -1.77
N TYR D 236 -2.18 15.01 -0.60
CA TYR D 236 -2.35 13.60 -0.27
C TYR D 236 -3.39 12.89 -1.12
N ASP D 237 -4.37 13.62 -1.64
CA ASP D 237 -5.40 12.98 -2.44
C ASP D 237 -5.08 12.99 -3.92
N THR D 238 -3.95 13.59 -4.31
CA THR D 238 -3.69 13.82 -5.75
C THR D 238 -2.41 13.16 -6.22
N PRO D 239 -2.59 12.03 -6.94
CA PRO D 239 -1.47 11.13 -7.34
C PRO D 239 -0.32 11.81 -8.15
N GLU D 240 -0.62 12.82 -8.96
CA GLU D 240 0.40 13.46 -9.86
C GLU D 240 1.25 14.55 -9.19
N VAL D 241 0.89 14.99 -7.99
CA VAL D 241 1.50 16.14 -7.39
C VAL D 241 2.70 15.73 -6.52
N TYR D 242 3.86 16.30 -6.82
CA TYR D 242 5.05 16.05 -5.99
C TYR D 242 5.03 17.00 -4.83
N ALA D 243 5.59 16.58 -3.71
CA ALA D 243 5.70 17.51 -2.58
C ALA D 243 7.11 17.54 -2.08
N GLY D 244 7.59 18.75 -1.82
CA GLY D 244 8.91 18.98 -1.27
C GLY D 244 8.82 18.98 0.25
N ILE D 245 9.84 18.46 0.90
CA ILE D 245 9.79 18.42 2.37
C ILE D 245 11.17 18.65 2.95
N ILE D 246 11.20 19.47 3.98
CA ILE D 246 12.43 19.88 4.64
C ILE D 246 12.64 18.97 5.82
N ALA D 247 13.63 18.08 5.67
CA ALA D 247 13.92 17.11 6.71
C ALA D 247 15.05 17.55 7.64
N ASP D 248 14.83 18.61 8.39
CA ASP D 248 15.92 19.12 9.25
C ASP D 248 15.66 18.82 10.71
N GLY D 249 14.45 18.32 10.99
CA GLY D 249 13.99 18.11 12.35
C GLY D 249 13.21 19.27 12.93
N PHE D 250 13.37 20.46 12.35
CA PHE D 250 12.71 21.68 12.90
C PHE D 250 11.48 22.12 12.11
N HIS D 251 11.58 22.10 10.79
CA HIS D 251 10.47 22.54 9.97
C HIS D 251 9.23 21.70 10.10
N VAL D 252 9.42 20.40 10.15
CA VAL D 252 8.38 19.42 10.05
C VAL D 252 8.76 18.27 11.01
N ASP D 253 7.85 17.89 11.90
CA ASP D 253 8.10 16.75 12.76
C ASP D 253 8.42 15.49 11.96
N TYR D 254 9.47 14.77 12.37
CA TYR D 254 9.84 13.57 11.61
C TYR D 254 8.73 12.52 11.37
N ALA D 255 7.82 12.34 12.30
CA ALA D 255 6.74 11.37 12.10
C ALA D 255 5.77 11.80 10.95
N ASN D 256 5.65 13.11 10.72
CA ASN D 256 4.78 13.60 9.68
C ASN D 256 5.42 13.32 8.34
N ILE D 257 6.75 13.23 8.36
CA ILE D 257 7.48 12.90 7.15
C ILE D 257 7.37 11.41 6.89
N ARG D 258 7.48 10.61 7.94
CA ARG D 258 7.21 9.18 7.81
C ARG D 258 5.83 8.99 7.19
N ILE D 259 4.81 9.61 7.77
CA ILE D 259 3.47 9.43 7.29
C ILE D 259 3.39 9.91 5.84
N ALA D 260 4.05 11.02 5.54
CA ALA D 260 3.85 11.60 4.21
C ALA D 260 4.45 10.69 3.15
N HIS D 261 5.50 9.97 3.52
CA HIS D 261 6.17 9.05 2.58
C HIS D 261 5.31 7.86 2.26
N LYS D 262 4.65 7.29 3.27
CA LYS D 262 3.73 6.17 3.06
C LYS D 262 2.62 6.56 2.08
N ILE D 263 2.21 7.82 2.09
CA ILE D 263 1.13 8.23 1.24
C ILE D 263 1.62 8.55 -0.16
N LYS D 264 2.74 9.28 -0.26
CA LYS D 264 3.19 9.84 -1.54
C LYS D 264 4.24 9.03 -2.27
N GLY D 265 4.98 8.17 -1.58
CA GLY D 265 6.06 7.42 -2.18
C GLY D 265 7.01 8.18 -3.08
N GLU D 266 7.08 7.75 -4.35
CA GLU D 266 7.89 8.38 -5.44
C GLU D 266 7.70 9.90 -5.52
N LYS D 267 6.59 10.40 -5.02
CA LYS D 267 6.26 11.81 -5.07
C LYS D 267 6.84 12.73 -3.94
N LEU D 268 7.49 12.20 -2.89
CA LEU D 268 8.03 13.04 -1.83
C LEU D 268 9.48 13.38 -2.20
N VAL D 269 9.79 14.66 -2.30
CA VAL D 269 11.11 15.07 -2.67
C VAL D 269 11.79 15.79 -1.50
N LEU D 270 13.05 15.42 -1.26
CA LEU D 270 13.86 16.11 -0.27
C LEU D 270 14.40 17.45 -0.79
N VAL D 271 14.10 18.51 -0.03
CA VAL D 271 14.47 19.90 -0.38
C VAL D 271 15.24 20.52 0.78
N THR D 272 16.14 21.46 0.52
CA THR D 272 16.80 22.12 1.67
C THR D 272 16.11 23.39 2.13
N ASP D 273 15.68 24.24 1.20
CA ASP D 273 15.22 25.60 1.52
C ASP D 273 16.28 26.33 2.35
N ALA D 274 17.52 26.12 1.92
CA ALA D 274 18.65 26.53 2.68
C ALA D 274 18.88 28.02 2.47
N THR D 275 19.55 28.62 3.44
CA THR D 275 19.96 30.01 3.39
C THR D 275 21.48 30.10 3.62
N ALA D 276 22.01 31.33 3.52
CA ALA D 276 23.46 31.63 3.65
C ALA D 276 24.35 30.72 4.52
N PRO D 277 23.97 30.49 5.81
CA PRO D 277 24.83 29.67 6.70
C PRO D 277 24.99 28.18 6.34
N ALA D 278 24.11 27.64 5.48
CA ALA D 278 24.25 26.29 4.97
C ALA D 278 25.59 26.16 4.26
N GLY D 279 26.42 25.25 4.77
CA GLY D 279 27.76 25.02 4.23
C GLY D 279 28.63 26.26 4.19
N ALA D 280 28.46 27.13 5.19
CA ALA D 280 29.27 28.35 5.31
C ALA D 280 30.40 28.22 6.34
N GLU D 281 31.45 28.98 6.09
CA GLU D 281 32.50 29.31 7.07
C GLU D 281 32.02 29.51 8.52
N MET D 282 31.07 30.42 8.74
CA MET D 282 30.56 30.67 10.08
C MET D 282 29.32 31.59 10.04
N LEU D 306 12.67 30.33 14.37
CA LEU D 306 12.46 30.20 12.92
C LEU D 306 13.75 30.57 12.11
N GLY D 307 13.59 31.55 11.21
CA GLY D 307 14.61 31.93 10.23
C GLY D 307 14.32 31.31 8.87
N GLY D 308 14.81 30.07 8.72
CA GLY D 308 14.90 29.35 7.45
C GLY D 308 15.75 28.13 7.79
N SER D 309 16.10 27.31 6.80
CA SER D 309 16.90 26.12 7.12
C SER D 309 18.39 26.32 6.80
N ALA D 310 19.21 25.60 7.55
CA ALA D 310 20.67 25.58 7.29
C ALA D 310 20.97 24.18 6.86
N LEU D 311 19.95 23.50 6.35
CA LEU D 311 20.07 22.09 5.98
C LEU D 311 20.86 21.87 4.67
N THR D 312 21.59 20.76 4.59
CA THR D 312 22.21 20.35 3.31
C THR D 312 21.62 19.07 2.78
N MET D 313 21.81 18.82 1.48
CA MET D 313 21.19 17.63 0.92
C MET D 313 21.61 16.31 1.64
N ILE D 314 22.90 16.16 1.95
CA ILE D 314 23.40 14.93 2.61
C ILE D 314 22.79 14.70 3.97
N GLU D 315 22.57 15.77 4.73
CA GLU D 315 22.01 15.65 6.08
C GLU D 315 20.57 15.28 5.95
N ALA D 316 19.94 15.77 4.87
CA ALA D 316 18.53 15.50 4.62
C ALA D 316 18.36 14.02 4.34
N VAL D 317 19.30 13.45 3.57
CA VAL D 317 19.36 12.00 3.38
C VAL D 317 19.60 11.27 4.72
N GLN D 318 20.56 11.74 5.51
CA GLN D 318 20.86 11.08 6.75
C GLN D 318 19.67 11.15 7.73
N ASN D 319 19.11 12.35 7.90
CA ASN D 319 17.92 12.51 8.76
C ASN D 319 16.78 11.55 8.36
N THR D 320 16.60 11.37 7.07
CA THR D 320 15.51 10.57 6.55
C THR D 320 15.72 9.10 6.85
N VAL D 321 16.97 8.66 6.74
CA VAL D 321 17.37 7.33 7.15
C VAL D 321 17.34 7.15 8.66
N GLU D 322 18.03 8.03 9.40
CA GLU D 322 18.18 7.83 10.86
C GLU D 322 16.92 8.13 11.62
N HIS D 323 16.10 9.07 11.15
CA HIS D 323 14.98 9.52 11.97
C HIS D 323 13.61 9.27 11.41
N VAL D 324 13.47 9.38 10.09
CA VAL D 324 12.19 9.13 9.47
C VAL D 324 11.96 7.63 9.37
N GLY D 325 13.08 6.89 9.30
CA GLY D 325 13.05 5.43 9.24
C GLY D 325 12.86 4.86 7.84
N ILE D 326 13.31 5.59 6.82
CA ILE D 326 13.28 5.18 5.44
C ILE D 326 14.61 4.56 5.02
N ALA D 327 14.55 3.54 4.16
CA ALA D 327 15.74 2.84 3.66
C ALA D 327 16.73 3.76 2.93
N LEU D 328 18.01 3.47 3.08
CA LEU D 328 19.06 4.27 2.47
C LEU D 328 18.80 4.48 0.98
N ASP D 329 18.48 3.38 0.28
CA ASP D 329 18.20 3.48 -1.16
C ASP D 329 17.01 4.34 -1.47
N GLU D 330 16.00 4.32 -0.59
CA GLU D 330 14.80 5.10 -0.84
C GLU D 330 15.08 6.57 -0.58
N ALA D 331 15.66 6.85 0.56
CA ALA D 331 16.12 8.22 0.83
C ALA D 331 16.96 8.78 -0.32
N LEU D 332 17.92 8.00 -0.84
CA LEU D 332 18.71 8.48 -1.94
C LEU D 332 17.84 8.85 -3.12
N ARG D 333 16.85 8.02 -3.47
CA ARG D 333 15.96 8.38 -4.56
C ARG D 333 15.22 9.68 -4.27
N MET D 334 15.00 9.99 -2.99
CA MET D 334 14.18 11.16 -2.68
C MET D 334 14.93 12.45 -2.94
N ALA D 335 16.25 12.30 -3.09
CA ALA D 335 17.19 13.41 -3.28
C ALA D 335 17.82 13.40 -4.64
N THR D 336 17.37 12.51 -5.51
CA THR D 336 18.04 12.34 -6.82
C THR D 336 16.98 12.11 -7.87
N LEU D 337 16.51 10.85 -7.96
CA LEU D 337 15.59 10.42 -9.00
C LEU D 337 14.26 11.22 -8.94
N TYR D 338 13.66 11.30 -7.75
CA TYR D 338 12.37 11.92 -7.62
C TYR D 338 12.40 13.39 -8.02
N PRO D 339 13.36 14.19 -7.48
CA PRO D 339 13.47 15.59 -7.91
C PRO D 339 13.70 15.69 -9.40
N ALA D 340 14.55 14.80 -9.95
CA ALA D 340 14.81 14.78 -11.39
C ALA D 340 13.55 14.58 -12.17
N LYS D 341 12.76 13.60 -11.75
CA LYS D 341 11.45 13.35 -12.38
C LYS D 341 10.48 14.53 -12.25
N ALA D 342 10.54 15.23 -11.12
CA ALA D 342 9.65 16.36 -10.89
C ALA D 342 9.91 17.50 -11.88
N ILE D 343 11.18 17.81 -12.14
CA ILE D 343 11.45 18.90 -13.06
C ILE D 343 11.71 18.41 -14.43
N GLY D 344 11.67 17.10 -14.63
CA GLY D 344 11.86 16.54 -15.95
C GLY D 344 13.29 16.56 -16.46
N VAL D 345 14.26 16.20 -15.64
CA VAL D 345 15.63 15.99 -16.11
C VAL D 345 16.06 14.52 -15.93
N ASP D 346 15.08 13.63 -15.81
CA ASP D 346 15.37 12.24 -15.39
C ASP D 346 15.90 11.40 -16.51
N GLU D 347 15.75 11.88 -17.74
CA GLU D 347 16.36 11.24 -18.89
CA GLU D 347 16.38 11.12 -18.79
C GLU D 347 17.88 11.44 -18.91
N LYS D 348 18.41 12.26 -18.00
CA LYS D 348 19.87 12.51 -17.96
C LYS D 348 20.50 12.67 -16.61
N LEU D 349 19.72 13.00 -15.58
CA LEU D 349 20.29 13.02 -14.21
C LEU D 349 19.41 12.19 -13.31
N GLY D 350 19.95 11.74 -12.17
CA GLY D 350 19.18 11.07 -11.09
C GLY D 350 19.35 9.58 -11.02
N ARG D 351 19.89 8.99 -12.06
CA ARG D 351 20.24 7.58 -11.99
C ARG D 351 21.71 7.36 -12.31
N ILE D 352 22.27 6.23 -11.84
CA ILE D 352 23.61 5.84 -12.32
C ILE D 352 23.42 4.84 -13.41
N LYS D 353 23.38 5.34 -14.64
CA LYS D 353 23.29 4.43 -15.78
C LYS D 353 23.82 4.91 -17.16
N LYS D 354 24.14 3.92 -18.00
CA LYS D 354 24.64 4.14 -19.35
C LYS D 354 23.96 5.30 -20.07
N GLY D 355 24.77 6.26 -20.50
CA GLY D 355 24.26 7.34 -21.32
C GLY D 355 24.09 8.59 -20.50
N MET D 356 23.64 8.45 -19.26
CA MET D 356 23.29 9.60 -18.46
C MET D 356 24.49 10.40 -18.01
N ILE D 357 24.27 11.62 -17.52
CA ILE D 357 25.37 12.47 -17.10
C ILE D 357 26.05 12.00 -15.81
N ALA D 358 27.37 11.99 -15.82
CA ALA D 358 28.14 11.61 -14.65
C ALA D 358 28.08 12.70 -13.60
N ASN D 359 26.93 12.88 -12.97
CA ASN D 359 26.88 13.67 -11.75
C ASN D 359 26.67 12.75 -10.57
N LEU D 360 27.70 12.63 -9.75
CA LEU D 360 27.74 11.55 -8.77
C LEU D 360 28.18 12.12 -7.48
N THR D 361 27.83 11.43 -6.40
CA THR D 361 28.31 11.78 -5.08
C THR D 361 28.89 10.54 -4.40
N VAL D 362 29.99 10.76 -3.67
CA VAL D 362 30.66 9.72 -2.89
C VAL D 362 30.53 10.18 -1.46
N PHE D 363 29.98 9.29 -0.64
CA PHE D 363 29.85 9.56 0.78
C PHE D 363 30.07 8.28 1.57
N ASP D 364 30.53 8.39 2.81
CA ASP D 364 30.87 7.19 3.62
C ASP D 364 29.72 6.80 4.52
N ARG D 365 29.97 5.87 5.43
CA ARG D 365 28.90 5.32 6.25
C ARG D 365 28.45 6.24 7.37
N ASP D 366 29.16 7.35 7.56
CA ASP D 366 28.77 8.39 8.51
C ASP D 366 28.21 9.59 7.76
N PHE D 367 27.99 9.42 6.47
CA PHE D 367 27.39 10.45 5.65
C PHE D 367 28.26 11.70 5.64
N ASN D 368 29.58 11.48 5.53
CA ASN D 368 30.52 12.51 5.19
C ASN D 368 30.69 12.35 3.71
N VAL D 369 30.50 13.45 2.99
CA VAL D 369 30.73 13.46 1.57
C VAL D 369 32.24 13.46 1.36
N LYS D 370 32.74 12.53 0.55
CA LYS D 370 34.18 12.39 0.33
C LYS D 370 34.64 12.98 -1.00
N ALA D 371 33.69 13.12 -1.93
CA ALA D 371 34.01 13.59 -3.29
C ALA D 371 32.76 13.72 -4.14
N THR D 372 32.86 14.42 -5.26
CA THR D 372 31.75 14.51 -6.21
C THR D 372 32.27 14.42 -7.64
N VAL D 373 31.33 14.11 -8.54
CA VAL D 373 31.60 14.07 -9.95
C VAL D 373 30.56 14.90 -10.66
N VAL D 374 31.03 15.90 -11.40
CA VAL D 374 30.16 16.86 -12.06
C VAL D 374 30.58 16.81 -13.52
N ASN D 375 29.65 16.47 -14.40
CA ASN D 375 29.98 16.26 -15.81
C ASN D 375 31.28 15.43 -15.95
N GLY D 376 31.32 14.24 -15.35
CA GLY D 376 32.50 13.40 -15.44
C GLY D 376 33.77 13.92 -14.76
N GLN D 377 33.77 15.14 -14.21
CA GLN D 377 34.98 15.67 -13.53
C GLN D 377 35.07 15.28 -12.04
N TYR D 378 35.94 14.33 -11.72
CA TYR D 378 36.09 13.90 -10.32
C TYR D 378 36.72 15.02 -9.48
N GLU D 379 36.38 15.10 -8.19
CA GLU D 379 36.86 16.22 -7.36
C GLU D 379 36.74 15.86 -5.88
N GLN D 380 37.89 15.65 -5.24
CA GLN D 380 37.90 15.26 -3.82
C GLN D 380 37.38 16.39 -2.94
N ASN D 381 36.81 16.02 -1.80
CA ASN D 381 36.27 17.00 -0.86
C ASN D 381 37.26 17.47 0.20
#